data_8OQ8
#
_entry.id   8OQ8
#
_cell.length_a   1.00
_cell.length_b   1.00
_cell.length_c   1.00
_cell.angle_alpha   90.00
_cell.angle_beta   90.00
_cell.angle_gamma   90.00
#
_symmetry.space_group_name_H-M   'P 1'
#
loop_
_entity.id
_entity.type
_entity.pdbx_description
1 polymer 'Gamma-aminobutyric acid receptor subunit rho-1'
2 non-polymer 2-acetamido-2-deoxy-beta-D-glucopyranose
3 non-polymer HEXANE
4 non-polymer DODECANE
5 non-polymer DECANE
6 non-polymer '(1aR,2aR,3S,6R,6aS,8aS,8bR,9R)-2a-hydroxy-8b-methyl-9-(prop-1-en-2-yl)hexahydro-3,6-methano-1,5,7-trioxacyclopenta[ij]c yclopropa[a]azulene-4,8(3H)-dione'
7 water water
#
_entity_poly.entity_id   1
_entity_poly.type   'polypeptide(L)'
_entity_poly.pdbx_seq_one_letter_code
;MLAVPNMRFGIFLLWWGWVLATESRMHWPGREVHEMSKKGRPQRQRREVHEDAHKQVSPILRRSPDITKSPLTKSEQLLR
IDDHDFSMRPGFGGPAIPVGVDVQVESLDSISEVDMDFTMTLYLRHYWKDERLSFPSTNNLSMTFDGRLVKKIWVPDMFF
VHSKRSFIHDTTTDNVMLRVQPDGKVLYSLRVTVTAMCNMDFSRFPLDTQTCSLEIESYAYTEDDLMLYWKKGNDSLKTD
ERISLSQFLIQEFHTTTKLAFYSSTGWYNRLYINFTLRRHIFFFLLQTYFPATLMVMLSWVSFWIDRRAVPARVPLGITT
VLTMSTIITGVNASMPRVSYIKAVDIYLWVSFVFVFLSVLEYAAVNYLTTVQERKEQKLREKLPCTSGLPPPRTAMLDGN
YSDGEVNDLDNYMPENGEKPDRMMVQLTLASERSSPQRKSQRSSYVSMRIDTHAIDKYSRIIFPAAYILFNLIYWSIFS
;
_entity_poly.pdbx_strand_id   A,B,C,D,E
#
# COMPACT_ATOMS: atom_id res chain seq x y z
N LYS A 74 37.10 32.97 -21.27
CA LYS A 74 36.26 31.86 -20.92
C LYS A 74 37.10 30.73 -20.36
N SER A 75 36.54 29.97 -19.42
CA SER A 75 37.28 28.87 -18.82
C SER A 75 37.36 27.66 -19.77
N GLU A 76 36.34 27.42 -20.57
CA GLU A 76 36.32 26.28 -21.47
C GLU A 76 37.17 26.47 -22.71
N GLN A 77 37.71 27.67 -22.93
CA GLN A 77 38.63 27.88 -24.04
C GLN A 77 40.07 27.59 -23.65
N LEU A 78 40.37 27.46 -22.36
CA LEU A 78 41.67 26.95 -21.95
C LEU A 78 41.83 25.50 -22.32
N LEU A 79 40.76 24.72 -22.19
CA LEU A 79 40.75 23.33 -22.62
C LEU A 79 40.30 23.27 -24.06
N ARG A 80 41.16 22.77 -24.94
CA ARG A 80 40.92 22.81 -26.38
C ARG A 80 39.82 21.81 -26.70
N ILE A 81 38.59 22.20 -26.42
CA ILE A 81 37.46 21.31 -26.64
C ILE A 81 37.26 21.03 -28.12
N ASP A 82 37.36 22.05 -28.96
CA ASP A 82 37.12 21.91 -30.40
C ASP A 82 38.31 21.34 -31.14
N ASP A 83 39.43 21.14 -30.46
CA ASP A 83 40.60 20.57 -31.09
C ASP A 83 40.69 19.07 -30.90
N HIS A 84 39.69 18.44 -30.29
CA HIS A 84 39.77 17.04 -29.95
C HIS A 84 38.44 16.34 -30.21
N ASP A 85 38.51 15.05 -30.51
CA ASP A 85 37.32 14.20 -30.70
C ASP A 85 37.07 13.46 -29.39
N PHE A 86 36.03 13.87 -28.68
CA PHE A 86 35.72 13.28 -27.38
C PHE A 86 34.64 12.20 -27.47
N SER A 87 34.46 11.62 -28.64
CA SER A 87 33.68 10.39 -28.76
C SER A 87 34.53 9.15 -28.61
N MET A 88 35.85 9.30 -28.52
CA MET A 88 36.78 8.19 -28.36
C MET A 88 37.51 8.29 -27.02
N ARG A 89 37.89 7.14 -26.50
CA ARG A 89 38.54 7.06 -25.20
C ARG A 89 39.98 7.55 -25.27
N PRO A 90 40.56 7.93 -24.13
CA PRO A 90 41.98 8.24 -24.12
C PRO A 90 42.83 7.05 -24.51
N GLY A 91 43.86 7.29 -25.31
CA GLY A 91 44.72 6.22 -25.75
C GLY A 91 44.11 5.27 -26.73
N PHE A 92 43.16 5.71 -27.53
CA PHE A 92 42.53 4.85 -28.50
C PHE A 92 43.57 4.26 -29.47
N GLY A 93 43.45 2.96 -29.72
CA GLY A 93 44.39 2.24 -30.54
C GLY A 93 45.56 1.64 -29.78
N GLY A 94 45.71 1.91 -28.50
CA GLY A 94 46.79 1.37 -27.72
C GLY A 94 46.29 0.61 -26.52
N PRO A 95 47.08 0.60 -25.44
CA PRO A 95 46.71 -0.15 -24.24
C PRO A 95 45.50 0.41 -23.55
N ALA A 96 44.87 -0.43 -22.74
CA ALA A 96 43.68 -0.03 -21.99
C ALA A 96 44.02 1.01 -20.94
N ILE A 97 43.05 1.89 -20.69
CA ILE A 97 43.20 2.98 -19.73
C ILE A 97 42.70 2.54 -18.35
N PRO A 98 43.49 2.68 -17.30
CA PRO A 98 43.02 2.30 -15.96
C PRO A 98 42.13 3.36 -15.31
N VAL A 99 41.10 2.91 -14.62
CA VAL A 99 40.13 3.76 -13.92
C VAL A 99 40.00 3.26 -12.49
N GLY A 100 40.16 4.15 -11.52
CA GLY A 100 40.02 3.82 -10.11
C GLY A 100 38.67 4.24 -9.55
N VAL A 101 38.19 3.51 -8.56
CA VAL A 101 36.84 3.71 -8.02
C VAL A 101 36.88 3.71 -6.50
N ASP A 102 36.17 4.65 -5.89
CA ASP A 102 35.90 4.69 -4.44
C ASP A 102 34.41 4.84 -4.21
N VAL A 103 33.93 4.30 -3.10
CA VAL A 103 32.51 4.31 -2.75
C VAL A 103 32.36 4.69 -1.28
N GLN A 104 31.38 5.55 -0.98
CA GLN A 104 31.00 5.86 0.38
C GLN A 104 29.51 5.61 0.54
N VAL A 105 29.14 4.77 1.51
CA VAL A 105 27.75 4.38 1.72
C VAL A 105 27.12 5.34 2.71
N GLU A 106 26.02 5.96 2.31
CA GLU A 106 25.33 6.96 3.13
C GLU A 106 24.24 6.35 4.00
N SER A 107 23.41 5.46 3.46
CA SER A 107 22.36 4.85 4.24
C SER A 107 21.82 3.62 3.55
N LEU A 108 21.13 2.78 4.32
CA LEU A 108 20.31 1.70 3.78
C LEU A 108 18.86 2.12 3.98
N ASP A 109 18.14 2.33 2.89
CA ASP A 109 16.83 2.95 2.98
C ASP A 109 15.74 1.96 3.38
N SER A 110 15.72 0.78 2.76
CA SER A 110 14.66 -0.16 3.04
C SER A 110 15.06 -1.53 2.55
N ILE A 111 14.23 -2.52 2.91
CA ILE A 111 14.41 -3.89 2.43
C ILE A 111 13.05 -4.55 2.35
N SER A 112 12.81 -5.29 1.27
CA SER A 112 11.56 -5.97 1.02
C SER A 112 11.79 -7.46 0.92
N GLU A 113 11.22 -8.22 1.86
CA GLU A 113 11.42 -9.67 1.88
C GLU A 113 10.59 -10.39 0.84
N VAL A 114 9.38 -9.91 0.54
CA VAL A 114 8.54 -10.58 -0.45
C VAL A 114 9.09 -10.36 -1.86
N ASP A 115 9.50 -9.13 -2.18
CA ASP A 115 10.08 -8.82 -3.48
C ASP A 115 11.57 -9.04 -3.54
N MET A 116 12.25 -9.27 -2.41
CA MET A 116 13.65 -9.66 -2.36
C MET A 116 14.57 -8.62 -3.02
N ASP A 117 14.63 -7.44 -2.40
CA ASP A 117 15.52 -6.38 -2.83
C ASP A 117 15.87 -5.47 -1.66
N PHE A 118 16.83 -4.57 -1.89
CA PHE A 118 17.23 -3.57 -0.90
C PHE A 118 17.54 -2.27 -1.64
N THR A 119 17.51 -1.16 -0.91
CA THR A 119 17.72 0.18 -1.44
C THR A 119 18.87 0.85 -0.71
N MET A 120 19.73 1.55 -1.46
CA MET A 120 20.95 2.14 -0.91
C MET A 120 21.19 3.52 -1.51
N THR A 121 21.80 4.42 -0.72
CA THR A 121 22.24 5.73 -1.19
C THR A 121 23.74 5.86 -0.96
N LEU A 122 24.47 6.33 -1.97
CA LEU A 122 25.92 6.29 -1.90
C LEU A 122 26.54 7.37 -2.76
N TYR A 123 27.83 7.60 -2.54
CA TYR A 123 28.67 8.45 -3.36
C TYR A 123 29.57 7.56 -4.21
N LEU A 124 29.73 7.91 -5.49
CA LEU A 124 30.59 7.18 -6.40
C LEU A 124 31.64 8.10 -7.01
N ARG A 125 32.91 7.72 -6.94
CA ARG A 125 34.01 8.56 -7.42
C ARG A 125 34.90 7.79 -8.38
N HIS A 126 35.35 8.45 -9.44
CA HIS A 126 36.20 7.87 -10.47
C HIS A 126 37.48 8.68 -10.60
N TYR A 127 38.57 8.01 -10.93
CA TYR A 127 39.88 8.63 -11.13
C TYR A 127 40.51 8.12 -12.41
N TRP A 128 40.98 9.03 -13.26
CA TRP A 128 41.72 8.66 -14.46
C TRP A 128 42.47 9.89 -14.98
N LYS A 129 43.30 9.68 -15.98
CA LYS A 129 44.12 10.74 -16.55
C LYS A 129 43.83 10.89 -18.04
N ASP A 130 43.78 12.15 -18.50
CA ASP A 130 43.53 12.47 -19.90
C ASP A 130 44.43 13.63 -20.29
N GLU A 131 45.34 13.38 -21.24
CA GLU A 131 46.26 14.41 -21.69
C GLU A 131 45.58 15.52 -22.48
N ARG A 132 44.44 15.23 -23.10
CA ARG A 132 43.78 16.24 -23.92
C ARG A 132 43.21 17.38 -23.11
N LEU A 133 43.04 17.22 -21.79
CA LEU A 133 42.50 18.25 -20.93
C LEU A 133 43.58 19.03 -20.19
N SER A 134 44.84 18.80 -20.51
CA SER A 134 45.90 19.58 -19.88
C SER A 134 45.87 21.02 -20.33
N PHE A 135 46.13 21.93 -19.39
CA PHE A 135 46.16 23.35 -19.69
C PHE A 135 47.33 24.01 -18.99
N PRO A 136 47.95 25.02 -19.60
CA PRO A 136 49.04 25.73 -18.93
C PRO A 136 48.52 26.55 -17.76
N SER A 137 49.37 26.70 -16.76
CA SER A 137 49.02 27.44 -15.56
C SER A 137 50.28 28.01 -14.94
N THR A 138 50.15 29.19 -14.32
CA THR A 138 51.26 29.82 -13.60
C THR A 138 51.33 29.39 -12.15
N ASN A 139 50.44 28.51 -11.72
CA ASN A 139 50.43 27.98 -10.37
C ASN A 139 49.87 26.56 -10.44
N ASN A 140 49.57 25.98 -9.29
CA ASN A 140 49.13 24.59 -9.22
C ASN A 140 47.69 24.48 -8.72
N LEU A 141 46.84 25.41 -9.13
CA LEU A 141 45.45 25.39 -8.75
C LEU A 141 44.63 24.63 -9.79
N SER A 142 43.61 23.90 -9.32
CA SER A 142 42.73 23.12 -10.17
C SER A 142 41.41 23.85 -10.37
N MET A 143 40.64 23.42 -11.37
CA MET A 143 39.37 24.02 -11.73
C MET A 143 38.23 23.03 -11.55
N THR A 144 37.08 23.53 -11.10
CA THR A 144 35.91 22.71 -10.80
C THR A 144 34.78 23.10 -11.74
N PHE A 145 34.05 22.09 -12.24
CA PHE A 145 32.94 22.27 -13.15
C PHE A 145 31.74 21.45 -12.69
N ASP A 146 30.55 21.82 -13.14
CA ASP A 146 29.31 21.12 -12.84
C ASP A 146 28.95 20.16 -13.97
N GLY A 147 27.73 19.65 -13.92
CA GLY A 147 27.27 18.64 -14.86
C GLY A 147 27.15 19.10 -16.29
N ARG A 148 27.17 20.41 -16.53
CA ARG A 148 27.05 20.89 -17.91
C ARG A 148 28.26 20.53 -18.76
N LEU A 149 29.43 20.36 -18.15
CA LEU A 149 30.62 20.00 -18.92
C LEU A 149 30.70 18.52 -19.24
N VAL A 150 29.90 17.68 -18.59
CA VAL A 150 29.99 16.25 -18.79
C VAL A 150 29.68 15.86 -20.22
N LYS A 151 28.72 16.53 -20.82
CA LYS A 151 28.29 16.20 -22.17
C LYS A 151 29.30 16.60 -23.23
N LYS A 152 30.34 17.35 -22.90
CA LYS A 152 31.29 17.83 -23.87
C LYS A 152 32.62 17.10 -23.88
N ILE A 153 32.86 16.18 -22.95
CA ILE A 153 34.11 15.45 -22.84
C ILE A 153 33.79 13.96 -22.67
N TRP A 154 34.84 13.14 -22.53
CA TRP A 154 34.69 11.71 -22.35
C TRP A 154 34.68 11.35 -20.86
N VAL A 155 33.74 10.50 -20.47
CA VAL A 155 33.67 9.99 -19.09
C VAL A 155 33.32 8.53 -19.10
N PRO A 156 33.71 7.79 -18.08
CA PRO A 156 33.38 6.36 -18.01
C PRO A 156 31.90 6.08 -17.78
N ASP A 157 31.40 5.01 -18.39
CA ASP A 157 29.97 4.63 -18.40
C ASP A 157 29.70 3.43 -17.49
N MET A 158 29.72 3.65 -16.18
CA MET A 158 29.44 2.58 -15.23
C MET A 158 27.94 2.38 -15.02
N PHE A 159 27.56 1.15 -14.74
CA PHE A 159 26.18 0.82 -14.43
C PHE A 159 26.17 -0.28 -13.37
N PHE A 160 25.02 -0.44 -12.73
CA PHE A 160 24.84 -1.38 -11.63
C PHE A 160 24.19 -2.64 -12.17
N VAL A 161 24.83 -3.77 -11.94
CA VAL A 161 24.35 -5.06 -12.44
C VAL A 161 23.26 -5.59 -11.51
N HIS A 162 22.23 -6.20 -12.11
CA HIS A 162 21.10 -6.79 -11.37
C HIS A 162 20.33 -5.77 -10.55
N SER A 163 20.18 -4.57 -11.07
CA SER A 163 19.40 -3.54 -10.41
C SER A 163 18.02 -3.44 -11.03
N LYS A 164 17.08 -2.92 -10.26
CA LYS A 164 15.71 -2.76 -10.70
C LYS A 164 15.35 -1.32 -11.06
N ARG A 165 15.95 -0.33 -10.40
CA ARG A 165 15.68 1.07 -10.67
C ARG A 165 16.72 1.92 -9.95
N SER A 166 17.00 3.11 -10.49
CA SER A 166 17.99 4.00 -9.92
C SER A 166 17.81 5.40 -10.49
N PHE A 167 18.34 6.39 -9.77
CA PHE A 167 18.28 7.77 -10.23
C PHE A 167 19.38 8.57 -9.56
N ILE A 168 19.67 9.74 -10.13
CA ILE A 168 20.67 10.68 -9.63
C ILE A 168 19.94 11.89 -9.06
N HIS A 169 20.34 12.32 -7.87
CA HIS A 169 19.70 13.44 -7.21
C HIS A 169 19.98 14.76 -7.94
N ASP A 170 18.99 15.66 -7.92
CA ASP A 170 19.13 16.89 -8.70
C ASP A 170 18.55 18.12 -8.00
N THR A 171 18.62 18.20 -6.67
CA THR A 171 18.14 19.36 -5.91
C THR A 171 19.29 19.91 -5.06
N THR A 172 19.56 21.22 -5.15
CA THR A 172 18.80 22.17 -5.96
C THR A 172 19.27 22.17 -7.41
N THR A 173 20.35 21.49 -7.70
CA THR A 173 20.83 21.26 -9.06
C THR A 173 21.42 19.85 -9.09
N ASP A 174 21.91 19.41 -10.25
CA ASP A 174 22.48 18.07 -10.38
C ASP A 174 23.65 17.88 -9.42
N ASN A 175 23.63 16.76 -8.70
CA ASN A 175 24.68 16.45 -7.73
C ASN A 175 25.84 15.74 -8.44
N VAL A 176 26.52 16.49 -9.30
CA VAL A 176 27.62 16.02 -10.14
C VAL A 176 28.76 17.03 -10.07
N MET A 177 29.99 16.54 -9.93
CA MET A 177 31.16 17.40 -9.80
C MET A 177 32.29 16.87 -10.67
N LEU A 178 33.03 17.77 -11.30
CA LEU A 178 34.22 17.47 -12.09
C LEU A 178 35.33 18.40 -11.67
N ARG A 179 36.50 17.85 -11.34
CA ARG A 179 37.66 18.63 -10.93
C ARG A 179 38.86 18.16 -11.72
N VAL A 180 39.58 19.09 -12.34
CA VAL A 180 40.64 18.79 -13.29
C VAL A 180 41.94 19.40 -12.80
N GLN A 181 42.99 18.59 -12.71
CA GLN A 181 44.32 19.08 -12.37
C GLN A 181 44.97 19.71 -13.59
N PRO A 182 45.98 20.56 -13.38
CA PRO A 182 46.70 21.15 -14.53
C PRO A 182 47.36 20.13 -15.44
N ASP A 183 47.78 18.99 -14.92
CA ASP A 183 48.47 17.98 -15.71
C ASP A 183 47.52 16.99 -16.38
N GLY A 184 46.21 17.15 -16.18
CA GLY A 184 45.23 16.31 -16.84
C GLY A 184 44.54 15.27 -15.99
N LYS A 185 44.78 15.22 -14.69
CA LYS A 185 44.10 14.26 -13.83
C LYS A 185 42.69 14.71 -13.52
N VAL A 186 41.75 13.77 -13.51
CA VAL A 186 40.33 14.06 -13.38
C VAL A 186 39.73 13.29 -12.22
N LEU A 187 38.89 13.95 -11.45
CA LEU A 187 38.04 13.35 -10.43
C LEU A 187 36.58 13.61 -10.78
N TYR A 188 35.77 12.55 -10.79
CA TYR A 188 34.38 12.57 -11.24
C TYR A 188 33.51 11.98 -10.13
N SER A 189 32.59 12.77 -9.60
CA SER A 189 31.83 12.40 -8.42
C SER A 189 30.34 12.63 -8.63
N LEU A 190 29.51 11.71 -8.15
CA LEU A 190 28.07 11.85 -8.26
C LEU A 190 27.37 11.10 -7.12
N ARG A 191 26.12 11.47 -6.85
CA ARG A 191 25.34 10.91 -5.75
C ARG A 191 24.10 10.22 -6.31
N VAL A 192 23.89 8.96 -5.94
CA VAL A 192 22.91 8.08 -6.60
C VAL A 192 22.18 7.21 -5.59
N THR A 193 20.94 6.82 -5.91
CA THR A 193 20.16 5.86 -5.14
C THR A 193 19.77 4.68 -6.02
N VAL A 194 19.97 3.46 -5.55
CA VAL A 194 19.80 2.27 -6.37
C VAL A 194 19.07 1.18 -5.58
N THR A 195 18.18 0.45 -6.27
CA THR A 195 17.52 -0.74 -5.75
C THR A 195 18.02 -1.97 -6.50
N ALA A 196 18.54 -2.95 -5.77
CA ALA A 196 19.15 -4.13 -6.34
C ALA A 196 18.53 -5.39 -5.77
N MET A 197 18.56 -6.47 -6.56
CA MET A 197 17.94 -7.71 -6.15
C MET A 197 18.85 -8.51 -5.22
N CYS A 198 18.22 -9.41 -4.45
CA CYS A 198 18.96 -10.24 -3.50
C CYS A 198 18.14 -11.50 -3.24
N ASN A 199 18.62 -12.63 -3.71
CA ASN A 199 17.94 -13.90 -3.48
C ASN A 199 18.03 -14.28 -2.00
N MET A 200 16.90 -14.66 -1.43
CA MET A 200 16.80 -14.99 -0.02
C MET A 200 16.23 -16.38 0.17
N ASP A 201 16.60 -17.01 1.28
CA ASP A 201 16.14 -18.35 1.64
C ASP A 201 15.58 -18.29 3.06
N PHE A 202 14.32 -18.68 3.22
CA PHE A 202 13.64 -18.58 4.51
C PHE A 202 13.33 -19.93 5.13
N SER A 203 14.06 -20.99 4.77
CA SER A 203 13.79 -22.31 5.34
C SER A 203 14.03 -22.35 6.83
N ARG A 204 15.05 -21.66 7.32
CA ARG A 204 15.43 -21.70 8.71
C ARG A 204 14.89 -20.52 9.51
N PHE A 205 13.90 -19.81 9.01
CA PHE A 205 13.31 -18.68 9.71
C PHE A 205 12.78 -19.11 11.06
N PRO A 206 13.00 -18.33 12.13
CA PRO A 206 13.71 -17.05 12.21
C PRO A 206 15.18 -17.14 12.57
N LEU A 207 15.82 -18.29 12.36
CA LEU A 207 17.25 -18.44 12.61
C LEU A 207 18.07 -18.34 11.33
N ASP A 208 17.58 -17.64 10.32
CA ASP A 208 18.21 -17.55 9.02
C ASP A 208 19.22 -16.40 8.95
N THR A 209 20.14 -16.52 8.00
CA THR A 209 21.16 -15.52 7.72
C THR A 209 21.23 -15.29 6.22
N GLN A 210 21.31 -14.03 5.80
CA GLN A 210 21.32 -13.67 4.39
C GLN A 210 22.59 -12.91 4.05
N THR A 211 23.08 -13.08 2.82
CA THR A 211 24.21 -12.34 2.31
C THR A 211 23.81 -11.61 1.03
N CYS A 212 24.22 -10.35 0.90
CA CYS A 212 23.84 -9.50 -0.20
C CYS A 212 25.08 -8.89 -0.85
N SER A 213 24.93 -8.34 -2.06
CA SER A 213 26.02 -7.71 -2.77
C SER A 213 25.50 -6.64 -3.73
N LEU A 214 26.35 -5.66 -4.03
CA LEU A 214 26.10 -4.64 -5.02
C LEU A 214 27.25 -4.68 -6.02
N GLU A 215 26.94 -4.67 -7.32
CA GLU A 215 27.90 -4.97 -8.38
C GLU A 215 27.99 -3.83 -9.37
N ILE A 216 29.22 -3.52 -9.81
CA ILE A 216 29.52 -2.36 -10.66
C ILE A 216 30.32 -2.85 -11.86
N GLU A 217 29.99 -2.35 -13.04
CA GLU A 217 30.62 -2.81 -14.27
C GLU A 217 30.45 -1.76 -15.35
N SER A 218 31.31 -1.83 -16.36
CA SER A 218 31.21 -0.96 -17.52
C SER A 218 30.26 -1.53 -18.55
N TYR A 219 29.42 -0.67 -19.14
CA TYR A 219 28.40 -1.16 -20.08
C TYR A 219 28.98 -1.51 -21.44
N ALA A 220 29.92 -0.71 -21.96
CA ALA A 220 30.28 -0.80 -23.36
C ALA A 220 31.74 -1.14 -23.65
N TYR A 221 32.64 -1.10 -22.67
CA TYR A 221 34.07 -1.32 -22.89
C TYR A 221 34.49 -2.60 -22.18
N THR A 222 35.15 -3.50 -22.93
CA THR A 222 35.67 -4.74 -22.38
C THR A 222 37.03 -4.50 -21.73
N GLU A 223 37.61 -5.56 -21.17
CA GLU A 223 38.89 -5.46 -20.49
C GLU A 223 40.03 -5.10 -21.42
N ASP A 224 39.85 -5.21 -22.73
CA ASP A 224 40.89 -4.78 -23.66
C ASP A 224 40.93 -3.27 -23.83
N ASP A 225 39.89 -2.54 -23.44
CA ASP A 225 39.83 -1.08 -23.56
C ASP A 225 39.88 -0.35 -22.24
N LEU A 226 39.30 -0.89 -21.19
CA LEU A 226 39.16 -0.20 -19.92
C LEU A 226 39.47 -1.17 -18.79
N MET A 227 40.39 -0.78 -17.89
CA MET A 227 40.83 -1.59 -16.77
C MET A 227 40.26 -0.99 -15.50
N LEU A 228 39.33 -1.69 -14.87
CA LEU A 228 38.59 -1.20 -13.71
C LEU A 228 39.12 -1.85 -12.44
N TYR A 229 39.41 -1.06 -11.42
CA TYR A 229 40.00 -1.59 -10.19
C TYR A 229 39.65 -0.69 -9.01
N TRP A 230 39.71 -1.26 -7.81
CA TRP A 230 39.56 -0.49 -6.58
C TRP A 230 40.81 0.34 -6.36
N LYS A 231 40.63 1.62 -6.09
CA LYS A 231 41.78 2.53 -6.08
C LYS A 231 42.77 2.19 -4.97
N LYS A 232 42.29 1.86 -3.79
CA LYS A 232 43.16 1.60 -2.64
C LYS A 232 42.84 0.26 -2.01
N GLY A 233 42.52 -0.75 -2.81
CA GLY A 233 42.28 -2.07 -2.26
C GLY A 233 41.08 -2.12 -1.33
N ASN A 234 41.30 -2.66 -0.13
CA ASN A 234 40.23 -2.81 0.83
C ASN A 234 39.87 -1.51 1.54
N ASP A 235 40.67 -0.47 1.39
CA ASP A 235 40.43 0.82 2.02
C ASP A 235 39.52 1.72 1.20
N SER A 236 39.04 1.26 0.04
CA SER A 236 38.24 2.10 -0.84
C SER A 236 36.77 2.16 -0.47
N LEU A 237 36.34 1.43 0.54
CA LEU A 237 34.95 1.42 0.98
C LEU A 237 34.85 2.07 2.36
N LYS A 238 34.00 3.08 2.47
CA LYS A 238 33.71 3.72 3.75
C LYS A 238 32.21 3.66 3.99
N THR A 239 31.82 3.39 5.22
CA THR A 239 30.42 3.26 5.58
C THR A 239 30.10 4.21 6.71
N ASP A 240 28.87 4.69 6.72
CA ASP A 240 28.44 5.63 7.75
C ASP A 240 28.44 4.98 9.11
N GLU A 241 28.78 5.77 10.13
CA GLU A 241 28.79 5.24 11.48
C GLU A 241 27.40 4.97 12.02
N ARG A 242 26.37 5.55 11.40
CA ARG A 242 25.01 5.44 11.89
C ARG A 242 24.11 4.68 10.93
N ILE A 243 24.66 3.75 10.18
CA ILE A 243 23.85 2.89 9.32
C ILE A 243 23.14 1.86 10.19
N SER A 244 21.82 1.72 9.99
CA SER A 244 21.06 0.75 10.76
C SER A 244 19.78 0.42 10.00
N LEU A 245 19.17 -0.69 10.38
CA LEU A 245 17.86 -1.11 9.87
C LEU A 245 16.94 -1.35 11.04
N SER A 246 15.64 -1.28 10.76
CA SER A 246 14.66 -1.43 11.82
C SER A 246 14.61 -2.87 12.32
N GLN A 247 14.57 -3.84 11.41
CA GLN A 247 14.36 -5.24 11.78
C GLN A 247 15.55 -6.15 11.49
N PHE A 248 16.71 -5.61 11.14
CA PHE A 248 17.89 -6.40 10.82
C PHE A 248 19.11 -5.80 11.49
N LEU A 249 20.14 -6.61 11.65
CA LEU A 249 21.48 -6.19 12.05
C LEU A 249 22.40 -6.37 10.85
N ILE A 250 23.28 -5.40 10.63
CA ILE A 250 24.15 -5.31 9.45
C ILE A 250 25.60 -5.43 9.87
N GLN A 251 26.37 -6.24 9.15
CA GLN A 251 27.76 -6.47 9.54
C GLN A 251 28.60 -6.96 8.37
N GLU A 252 29.92 -6.86 8.55
CA GLU A 252 30.92 -7.45 7.65
C GLU A 252 30.91 -6.89 6.23
N PHE A 253 31.17 -5.59 6.09
CA PHE A 253 31.39 -5.00 4.77
C PHE A 253 32.79 -5.29 4.28
N HIS A 254 32.90 -5.74 3.03
CA HIS A 254 34.21 -5.95 2.40
C HIS A 254 34.03 -5.99 0.89
N THR A 255 35.14 -5.89 0.17
CA THR A 255 35.14 -5.75 -1.28
C THR A 255 35.87 -6.90 -1.96
N THR A 256 35.40 -7.27 -3.15
CA THR A 256 36.04 -8.29 -3.99
C THR A 256 35.95 -7.88 -5.46
N THR A 257 36.65 -8.63 -6.31
CA THR A 257 36.59 -8.45 -7.76
C THR A 257 36.52 -9.80 -8.44
N LYS A 258 35.99 -9.83 -9.66
CA LYS A 258 35.92 -11.06 -10.44
C LYS A 258 35.64 -10.72 -11.90
N LEU A 259 36.17 -11.54 -12.81
CA LEU A 259 35.95 -11.37 -14.24
C LEU A 259 34.71 -12.14 -14.70
N ALA A 260 33.97 -11.53 -15.62
CA ALA A 260 32.76 -12.12 -16.18
C ALA A 260 32.86 -12.19 -17.70
N PHE A 261 32.23 -13.22 -18.27
CA PHE A 261 32.28 -13.47 -19.71
C PHE A 261 30.89 -13.37 -20.32
N TYR A 262 30.80 -12.66 -21.44
CA TYR A 262 29.60 -12.61 -22.28
C TYR A 262 29.95 -13.17 -23.65
N SER A 263 29.12 -14.07 -24.15
CA SER A 263 29.39 -14.68 -25.46
C SER A 263 29.32 -13.67 -26.59
N SER A 264 28.56 -12.60 -26.42
CA SER A 264 28.38 -11.63 -27.51
C SER A 264 29.61 -10.75 -27.69
N THR A 265 30.26 -10.31 -26.61
CA THR A 265 31.30 -9.30 -26.76
C THR A 265 32.63 -9.62 -26.10
N GLY A 266 32.64 -10.34 -24.98
CA GLY A 266 33.90 -10.69 -24.35
C GLY A 266 33.98 -10.58 -22.85
N TRP A 267 35.16 -10.25 -22.32
CA TRP A 267 35.43 -10.28 -20.89
C TRP A 267 35.36 -8.90 -20.27
N TYR A 268 34.80 -8.83 -19.06
CA TYR A 268 34.65 -7.60 -18.31
C TYR A 268 35.11 -7.81 -16.87
N ASN A 269 35.59 -6.75 -16.24
CA ASN A 269 35.89 -6.73 -14.82
C ASN A 269 34.63 -6.31 -14.07
N ARG A 270 34.44 -6.88 -12.88
CA ARG A 270 33.30 -6.56 -12.04
C ARG A 270 33.78 -6.36 -10.60
N LEU A 271 33.19 -5.37 -9.91
CA LEU A 271 33.51 -5.05 -8.53
C LEU A 271 32.30 -5.36 -7.66
N TYR A 272 32.54 -5.80 -6.43
CA TYR A 272 31.51 -6.25 -5.51
C TYR A 272 31.62 -5.52 -4.17
N ILE A 273 30.47 -5.34 -3.51
CA ILE A 273 30.38 -4.88 -2.14
C ILE A 273 29.47 -5.85 -1.39
N ASN A 274 29.97 -6.46 -0.32
CA ASN A 274 29.26 -7.54 0.37
C ASN A 274 28.93 -7.19 1.81
N PHE A 275 27.82 -7.74 2.32
CA PHE A 275 27.45 -7.59 3.72
C PHE A 275 26.48 -8.71 4.11
N THR A 276 26.18 -8.80 5.42
CA THR A 276 25.37 -9.88 5.99
C THR A 276 24.27 -9.30 6.86
N LEU A 277 23.17 -10.05 7.01
CA LEU A 277 22.02 -9.64 7.80
C LEU A 277 21.60 -10.74 8.78
N ARG A 278 21.17 -10.34 9.98
CA ARG A 278 20.68 -11.25 11.01
C ARG A 278 19.54 -10.58 11.76
N ARG A 279 18.75 -11.38 12.48
CA ARG A 279 17.58 -10.92 13.21
C ARG A 279 17.84 -10.90 14.71
N HIS A 280 16.87 -10.38 15.45
CA HIS A 280 16.87 -10.41 16.91
C HIS A 280 16.14 -11.66 17.37
N ILE A 281 16.87 -12.62 17.91
CA ILE A 281 16.34 -13.96 18.19
C ILE A 281 15.35 -13.94 19.36
N PHE A 282 15.68 -13.23 20.44
CA PHE A 282 14.87 -13.30 21.64
C PHE A 282 13.48 -12.75 21.43
N PHE A 283 13.33 -11.75 20.56
CA PHE A 283 12.00 -11.25 20.25
C PHE A 283 11.12 -12.35 19.68
N PHE A 284 11.62 -13.08 18.69
CA PHE A 284 10.83 -14.15 18.07
C PHE A 284 10.59 -15.29 19.05
N LEU A 285 11.59 -15.63 19.86
CA LEU A 285 11.38 -16.65 20.88
C LEU A 285 10.19 -16.29 21.76
N LEU A 286 10.21 -15.09 22.34
CA LEU A 286 9.14 -14.67 23.24
C LEU A 286 7.80 -14.56 22.55
N GLN A 287 7.77 -14.10 21.31
CA GLN A 287 6.50 -13.91 20.63
C GLN A 287 5.86 -15.21 20.18
N THR A 288 6.65 -16.21 19.81
CA THR A 288 6.09 -17.41 19.20
C THR A 288 6.28 -18.66 20.01
N TYR A 289 7.51 -18.98 20.42
CA TYR A 289 7.73 -20.28 21.01
C TYR A 289 7.20 -20.36 22.44
N PHE A 290 7.17 -19.23 23.15
CA PHE A 290 6.73 -19.21 24.55
C PHE A 290 5.25 -19.58 24.71
N PRO A 291 4.30 -18.95 24.03
CA PRO A 291 2.89 -19.31 24.24
C PRO A 291 2.56 -20.74 23.86
N ALA A 292 3.16 -21.28 22.80
CA ALA A 292 2.87 -22.65 22.39
C ALA A 292 3.32 -23.65 23.45
N THR A 293 4.52 -23.46 24.00
CA THR A 293 5.00 -24.33 25.08
C THR A 293 4.12 -24.22 26.32
N LEU A 294 3.69 -23.00 26.66
CA LEU A 294 2.82 -22.83 27.83
C LEU A 294 1.49 -23.54 27.64
N MET A 295 0.89 -23.47 26.45
CA MET A 295 -0.38 -24.14 26.21
C MET A 295 -0.23 -25.65 26.19
N VAL A 296 0.88 -26.15 25.67
CA VAL A 296 1.11 -27.59 25.72
C VAL A 296 1.19 -28.05 27.17
N MET A 297 1.93 -27.32 28.01
CA MET A 297 2.01 -27.68 29.43
C MET A 297 0.68 -27.55 30.13
N LEU A 298 -0.13 -26.58 29.73
CA LEU A 298 -1.45 -26.41 30.34
C LEU A 298 -2.38 -27.57 29.99
N SER A 299 -2.24 -28.14 28.80
CA SER A 299 -3.07 -29.28 28.44
C SER A 299 -2.75 -30.54 29.26
N TRP A 300 -1.63 -30.59 29.98
CA TRP A 300 -1.29 -31.75 30.80
C TRP A 300 -1.98 -31.74 32.14
N VAL A 301 -2.62 -30.63 32.53
CA VAL A 301 -3.20 -30.52 33.86
C VAL A 301 -4.35 -31.51 34.03
N SER A 302 -5.10 -31.76 32.96
CA SER A 302 -6.25 -32.63 33.06
C SER A 302 -5.90 -34.06 33.47
N PHE A 303 -4.66 -34.49 33.30
CA PHE A 303 -4.29 -35.84 33.70
C PHE A 303 -4.33 -36.03 35.20
N TRP A 304 -4.36 -34.95 35.99
CA TRP A 304 -4.35 -35.00 37.45
C TRP A 304 -5.71 -34.71 38.08
N ILE A 305 -6.75 -34.60 37.28
CA ILE A 305 -8.10 -34.28 37.75
C ILE A 305 -8.91 -35.57 37.80
N ASP A 306 -9.81 -35.65 38.77
CA ASP A 306 -10.66 -36.82 38.97
C ASP A 306 -11.47 -37.12 37.72
N ARG A 307 -11.45 -38.39 37.30
CA ARG A 307 -12.08 -38.76 36.04
C ARG A 307 -13.59 -38.65 36.07
N ARG A 308 -14.19 -38.56 37.25
CA ARG A 308 -15.64 -38.48 37.40
C ARG A 308 -16.20 -37.09 37.16
N ALA A 309 -15.36 -36.09 36.96
CA ALA A 309 -15.80 -34.73 36.68
C ALA A 309 -15.74 -34.49 35.17
N VAL A 310 -16.71 -35.08 34.46
CA VAL A 310 -16.79 -34.90 33.02
C VAL A 310 -16.96 -33.42 32.64
N PRO A 311 -17.88 -32.66 33.25
CA PRO A 311 -18.02 -31.24 32.88
C PRO A 311 -16.83 -30.38 33.25
N ALA A 312 -15.83 -30.90 33.93
CA ALA A 312 -14.57 -30.18 34.13
C ALA A 312 -13.49 -30.61 33.15
N ARG A 313 -13.43 -31.90 32.80
CA ARG A 313 -12.39 -32.40 31.94
C ARG A 313 -12.62 -32.02 30.48
N VAL A 314 -13.85 -32.13 29.98
CA VAL A 314 -14.08 -31.89 28.54
C VAL A 314 -13.83 -30.43 28.15
N PRO A 315 -14.43 -29.45 28.84
CA PRO A 315 -14.23 -28.06 28.44
C PRO A 315 -12.79 -27.61 28.47
N LEU A 316 -12.00 -28.12 29.41
CA LEU A 316 -10.58 -27.75 29.48
C LEU A 316 -9.88 -28.10 28.17
N GLY A 317 -10.07 -29.32 27.69
CA GLY A 317 -9.42 -29.72 26.46
C GLY A 317 -9.90 -28.95 25.24
N ILE A 318 -11.21 -28.78 25.11
CA ILE A 318 -11.72 -28.11 23.90
C ILE A 318 -11.30 -26.64 23.88
N THR A 319 -11.29 -25.98 25.05
CA THR A 319 -10.85 -24.60 25.11
C THR A 319 -9.35 -24.46 24.87
N THR A 320 -8.55 -25.44 25.31
CA THR A 320 -7.12 -25.42 24.99
C THR A 320 -6.90 -25.50 23.49
N VAL A 321 -7.68 -26.36 22.80
CA VAL A 321 -7.57 -26.45 21.35
C VAL A 321 -7.92 -25.11 20.69
N LEU A 322 -9.00 -24.48 21.14
CA LEU A 322 -9.40 -23.20 20.58
C LEU A 322 -8.32 -22.12 20.78
N THR A 323 -7.73 -22.07 21.98
CA THR A 323 -6.70 -21.08 22.25
C THR A 323 -5.47 -21.27 21.37
N MET A 324 -5.03 -22.52 21.22
CA MET A 324 -3.87 -22.81 20.37
C MET A 324 -4.15 -22.43 18.92
N SER A 325 -5.36 -22.71 18.44
CA SER A 325 -5.72 -22.35 17.07
C SER A 325 -5.65 -20.84 16.85
N THR A 326 -6.20 -20.06 17.78
CA THR A 326 -6.16 -18.60 17.63
C THR A 326 -4.74 -18.08 17.65
N ILE A 327 -3.89 -18.66 18.49
CA ILE A 327 -2.48 -18.24 18.54
C ILE A 327 -1.81 -18.48 17.19
N ILE A 328 -2.03 -19.66 16.60
CA ILE A 328 -1.42 -19.96 15.31
C ILE A 328 -1.90 -18.98 14.23
N THR A 329 -3.20 -18.69 14.20
CA THR A 329 -3.70 -17.75 13.20
C THR A 329 -3.09 -16.38 13.37
N GLY A 330 -3.00 -15.89 14.60
CA GLY A 330 -2.40 -14.59 14.83
C GLY A 330 -0.94 -14.53 14.42
N VAL A 331 -0.18 -15.59 14.71
CA VAL A 331 1.23 -15.62 14.31
C VAL A 331 1.36 -15.64 12.80
N ASN A 332 0.54 -16.44 12.11
CA ASN A 332 0.63 -16.48 10.66
C ASN A 332 0.32 -15.12 10.05
N ALA A 333 -0.60 -14.36 10.65
CA ALA A 333 -0.95 -13.05 10.09
C ALA A 333 0.19 -12.03 10.21
N SER A 334 1.19 -12.27 11.05
CA SER A 334 2.21 -11.26 11.34
C SER A 334 3.54 -11.53 10.67
N MET A 335 3.70 -12.61 9.95
CA MET A 335 4.95 -12.97 9.31
C MET A 335 4.92 -12.56 7.84
N PRO A 336 6.08 -12.43 7.19
CA PRO A 336 6.10 -12.12 5.76
C PRO A 336 5.42 -13.20 4.94
N ARG A 337 4.69 -12.78 3.90
CA ARG A 337 3.86 -13.69 3.11
C ARG A 337 4.74 -14.47 2.14
N VAL A 338 5.36 -15.52 2.65
CA VAL A 338 6.17 -16.44 1.88
C VAL A 338 5.52 -17.81 1.95
N SER A 339 5.21 -18.39 0.79
CA SER A 339 4.37 -19.60 0.73
C SER A 339 5.22 -20.86 0.60
N TYR A 340 6.00 -21.17 1.64
CA TYR A 340 6.57 -22.49 1.80
C TYR A 340 6.94 -22.70 3.26
N ILE A 341 7.26 -23.95 3.61
CA ILE A 341 7.39 -24.36 5.01
C ILE A 341 8.66 -23.79 5.62
N LYS A 342 8.53 -23.19 6.79
CA LYS A 342 9.63 -22.61 7.54
C LYS A 342 9.82 -23.37 8.86
N ALA A 343 10.92 -23.08 9.55
CA ALA A 343 11.24 -23.79 10.78
C ALA A 343 10.21 -23.54 11.87
N VAL A 344 9.68 -22.33 11.97
CA VAL A 344 8.69 -22.02 13.00
C VAL A 344 7.36 -22.75 12.76
N ASP A 345 7.02 -23.04 11.51
CA ASP A 345 5.77 -23.73 11.21
C ASP A 345 5.79 -25.15 11.74
N ILE A 346 6.93 -25.84 11.66
CA ILE A 346 7.04 -27.19 12.14
C ILE A 346 6.80 -27.25 13.64
N TYR A 347 7.38 -26.32 14.40
CA TYR A 347 7.24 -26.33 15.83
C TYR A 347 5.80 -26.09 16.23
N LEU A 348 5.13 -25.18 15.53
CA LEU A 348 3.78 -24.81 15.92
C LEU A 348 2.78 -25.94 15.63
N TRP A 349 2.94 -26.62 14.51
CA TRP A 349 1.96 -27.65 14.17
C TRP A 349 2.20 -28.95 14.94
N VAL A 350 3.44 -29.23 15.33
CA VAL A 350 3.66 -30.37 16.22
C VAL A 350 3.03 -30.11 17.60
N SER A 351 3.12 -28.87 18.10
CA SER A 351 2.47 -28.58 19.38
C SER A 351 0.95 -28.72 19.29
N PHE A 352 0.38 -28.36 18.14
CA PHE A 352 -1.05 -28.51 17.96
C PHE A 352 -1.45 -29.98 18.03
N VAL A 353 -0.61 -30.87 17.49
CA VAL A 353 -0.95 -32.29 17.55
C VAL A 353 -0.92 -32.80 19.00
N PHE A 354 0.01 -32.29 19.81
CA PHE A 354 0.10 -32.74 21.20
C PHE A 354 -1.18 -32.40 21.97
N VAL A 355 -1.70 -31.20 21.76
CA VAL A 355 -2.96 -30.81 22.41
C VAL A 355 -4.12 -31.64 21.87
N PHE A 356 -4.11 -31.98 20.58
CA PHE A 356 -5.19 -32.79 20.00
C PHE A 356 -5.23 -34.20 20.60
N LEU A 357 -4.07 -34.81 20.83
CA LEU A 357 -3.97 -36.18 21.35
C LEU A 357 -4.39 -36.27 22.81
N SER A 358 -4.21 -35.20 23.56
CA SER A 358 -4.64 -35.30 24.97
C SER A 358 -6.17 -35.32 25.13
N VAL A 359 -6.93 -34.79 24.18
CA VAL A 359 -8.40 -34.85 24.18
C VAL A 359 -8.90 -36.28 23.90
N LEU A 360 -8.27 -36.99 22.96
CA LEU A 360 -8.64 -38.36 22.73
C LEU A 360 -8.29 -39.23 23.92
N GLU A 361 -7.31 -38.81 24.73
CA GLU A 361 -6.94 -39.61 25.89
C GLU A 361 -8.11 -39.72 26.87
N TYR A 362 -8.81 -38.60 27.11
CA TYR A 362 -9.92 -38.66 28.04
C TYR A 362 -11.11 -39.34 27.40
N ALA A 363 -11.23 -39.27 26.08
CA ALA A 363 -12.34 -39.96 25.44
C ALA A 363 -12.25 -41.47 25.68
N ALA A 364 -11.04 -42.02 25.67
CA ALA A 364 -10.84 -43.45 25.95
C ALA A 364 -11.09 -43.77 27.43
N VAL A 365 -10.64 -42.92 28.35
CA VAL A 365 -10.82 -43.19 29.77
C VAL A 365 -12.31 -43.21 30.13
N ASN A 366 -13.09 -42.25 29.63
CA ASN A 366 -14.51 -42.17 29.93
C ASN A 366 -15.27 -43.36 29.36
N TYR A 367 -14.94 -43.80 28.15
CA TYR A 367 -15.65 -44.93 27.57
C TYR A 367 -15.36 -46.23 28.33
N LEU A 368 -14.11 -46.49 28.67
CA LEU A 368 -13.78 -47.75 29.36
C LEU A 368 -14.37 -47.79 30.78
N THR A 369 -14.47 -46.64 31.43
CA THR A 369 -15.12 -46.61 32.73
C THR A 369 -16.62 -46.91 32.61
N THR A 370 -17.29 -46.32 31.61
CA THR A 370 -18.72 -46.55 31.47
C THR A 370 -19.01 -48.01 31.15
N VAL A 371 -18.15 -48.64 30.34
CA VAL A 371 -18.34 -50.06 30.02
C VAL A 371 -18.24 -50.91 31.27
N GLN A 372 -17.26 -50.61 32.13
CA GLN A 372 -17.07 -51.45 33.31
C GLN A 372 -18.26 -51.33 34.26
N GLU A 373 -18.71 -50.11 34.51
CA GLU A 373 -19.83 -49.93 35.44
C GLU A 373 -21.08 -50.62 34.91
N ARG A 374 -21.32 -50.58 33.61
CA ARG A 374 -22.47 -51.28 33.05
C ARG A 374 -22.36 -52.79 33.22
N LYS A 375 -21.17 -53.34 33.04
CA LYS A 375 -20.99 -54.79 33.20
C LYS A 375 -21.22 -55.22 34.65
N GLU A 376 -20.67 -54.48 35.61
CA GLU A 376 -20.89 -54.84 37.01
C GLU A 376 -22.35 -54.71 37.40
N GLN A 377 -23.02 -53.64 36.97
CA GLN A 377 -24.44 -53.49 37.32
C GLN A 377 -25.28 -54.59 36.69
N LYS A 378 -24.94 -55.02 35.49
CA LYS A 378 -25.62 -56.16 34.89
C LYS A 378 -25.40 -57.43 35.71
N LEU A 379 -24.18 -57.61 36.23
CA LEU A 379 -23.91 -58.82 37.01
C LEU A 379 -24.77 -58.88 38.26
N ARG A 380 -24.92 -57.77 38.98
CA ARG A 380 -25.72 -57.75 40.22
C ARG A 380 -27.21 -57.73 39.92
N ASP A 451 -10.02 -44.73 42.56
CA ASP A 451 -8.64 -44.81 42.15
C ASP A 451 -8.43 -44.18 40.79
N THR A 452 -7.16 -44.14 40.36
CA THR A 452 -6.73 -43.56 39.10
C THR A 452 -6.63 -44.66 38.05
N HIS A 453 -7.22 -44.42 36.88
CA HIS A 453 -7.14 -45.34 35.76
C HIS A 453 -5.69 -45.43 35.27
N ALA A 454 -5.32 -46.62 34.77
CA ALA A 454 -3.93 -46.83 34.38
C ALA A 454 -3.51 -45.91 33.23
N ILE A 455 -4.43 -45.57 32.34
CA ILE A 455 -4.08 -44.71 31.22
C ILE A 455 -3.61 -43.35 31.72
N ASP A 456 -4.28 -42.78 32.73
CA ASP A 456 -3.82 -41.53 33.31
C ASP A 456 -2.43 -41.67 33.92
N LYS A 457 -2.19 -42.76 34.65
CA LYS A 457 -0.91 -42.99 35.28
C LYS A 457 0.22 -43.01 34.27
N TYR A 458 0.03 -43.69 33.15
CA TYR A 458 1.08 -43.76 32.15
C TYR A 458 1.19 -42.46 31.35
N SER A 459 0.07 -41.77 31.12
CA SER A 459 0.11 -40.52 30.39
C SER A 459 0.92 -39.48 31.13
N ARG A 460 0.77 -39.43 32.46
CA ARG A 460 1.50 -38.46 33.27
C ARG A 460 3.00 -38.53 33.05
N ILE A 461 3.53 -39.69 32.69
CA ILE A 461 4.96 -39.84 32.43
C ILE A 461 5.28 -39.69 30.96
N ILE A 462 4.46 -40.27 30.08
CA ILE A 462 4.81 -40.39 28.67
C ILE A 462 4.74 -39.04 27.97
N PHE A 463 3.70 -38.23 28.23
CA PHE A 463 3.55 -37.00 27.45
C PHE A 463 4.72 -36.04 27.65
N PRO A 464 5.13 -35.68 28.87
CA PRO A 464 6.29 -34.80 29.02
C PRO A 464 7.58 -35.37 28.44
N ALA A 465 7.82 -36.67 28.57
CA ALA A 465 9.05 -37.25 28.04
C ALA A 465 9.11 -37.12 26.53
N ALA A 466 8.00 -37.39 25.84
CA ALA A 466 7.96 -37.25 24.38
C ALA A 466 8.16 -35.81 23.95
N TYR A 467 7.55 -34.85 24.65
CA TYR A 467 7.74 -33.45 24.28
C TYR A 467 9.20 -33.04 24.46
N ILE A 468 9.83 -33.47 25.55
CA ILE A 468 11.22 -33.11 25.78
C ILE A 468 12.13 -33.74 24.72
N LEU A 469 11.87 -34.98 24.36
CA LEU A 469 12.66 -35.62 23.32
C LEU A 469 12.51 -34.89 21.99
N PHE A 470 11.29 -34.50 21.62
CA PHE A 470 11.08 -33.74 20.40
C PHE A 470 11.84 -32.42 20.43
N ASN A 471 11.81 -31.73 21.56
CA ASN A 471 12.54 -30.47 21.67
C ASN A 471 14.02 -30.68 21.49
N LEU A 472 14.59 -31.73 22.10
CA LEU A 472 16.02 -31.98 21.96
C LEU A 472 16.40 -32.22 20.50
N ILE A 473 15.62 -33.05 19.81
CA ILE A 473 15.94 -33.32 18.41
C ILE A 473 15.80 -32.07 17.54
N TYR A 474 14.73 -31.29 17.74
CA TYR A 474 14.49 -30.08 16.96
C TYR A 474 15.62 -29.08 17.14
N TRP A 475 16.02 -28.84 18.38
CA TRP A 475 17.04 -27.83 18.62
C TRP A 475 18.44 -28.34 18.31
N SER A 476 18.64 -29.64 18.17
CA SER A 476 19.90 -30.11 17.60
C SER A 476 19.94 -29.94 16.09
N ILE A 477 18.80 -30.08 15.40
CA ILE A 477 18.79 -29.90 13.95
C ILE A 477 18.93 -28.42 13.58
N PHE A 478 18.18 -27.53 14.23
CA PHE A 478 18.14 -26.12 13.85
C PHE A 478 19.05 -25.24 14.69
N SER A 479 19.95 -25.84 15.46
CA SER A 479 20.95 -25.12 16.27
C SER A 479 20.37 -24.20 17.33
N LYS B 74 37.02 13.70 -36.51
CA LYS B 74 35.75 13.28 -35.91
C LYS B 74 35.28 11.96 -36.50
N SER B 75 34.88 11.04 -35.63
CA SER B 75 34.43 9.73 -36.08
C SER B 75 33.11 9.81 -36.83
N GLU B 76 32.26 10.80 -36.52
CA GLU B 76 31.01 10.98 -37.23
C GLU B 76 31.21 11.54 -38.64
N GLN B 77 32.42 11.94 -38.99
CA GLN B 77 32.73 12.34 -40.36
C GLN B 77 33.17 11.16 -41.22
N LEU B 78 33.56 10.04 -40.62
CA LEU B 78 33.79 8.83 -41.41
C LEU B 78 32.48 8.30 -41.98
N LEU B 79 31.43 8.32 -41.17
CA LEU B 79 30.10 7.94 -41.62
C LEU B 79 29.44 9.18 -42.23
N ARG B 80 29.08 9.09 -43.50
CA ARG B 80 28.54 10.23 -44.21
C ARG B 80 27.11 10.45 -43.74
N ILE B 81 27.00 11.05 -42.56
CA ILE B 81 25.69 11.27 -41.96
C ILE B 81 24.86 12.23 -42.80
N ASP B 82 25.49 13.31 -43.27
CA ASP B 82 24.77 14.35 -43.98
C ASP B 82 24.58 14.05 -45.46
N ASP B 83 25.18 13.00 -45.98
CA ASP B 83 25.04 12.62 -47.38
C ASP B 83 23.93 11.60 -47.60
N HIS B 84 23.19 11.21 -46.56
CA HIS B 84 22.15 10.19 -46.70
C HIS B 84 20.93 10.60 -45.88
N ASP B 85 19.75 10.17 -46.35
CA ASP B 85 18.49 10.41 -45.66
C ASP B 85 18.14 9.20 -44.81
N PHE B 86 18.21 9.36 -43.49
CA PHE B 86 17.93 8.28 -42.58
C PHE B 86 16.49 8.29 -42.06
N SER B 87 15.58 8.88 -42.81
CA SER B 87 14.16 8.75 -42.50
C SER B 87 13.51 7.56 -43.19
N MET B 88 14.26 6.86 -44.06
CA MET B 88 13.77 5.69 -44.75
C MET B 88 14.62 4.48 -44.39
N ARG B 89 14.02 3.30 -44.48
CA ARG B 89 14.67 2.05 -44.12
C ARG B 89 15.72 1.65 -45.15
N PRO B 90 16.68 0.82 -44.77
CA PRO B 90 17.62 0.28 -45.76
C PRO B 90 16.90 -0.52 -46.82
N GLY B 91 17.34 -0.38 -48.06
CA GLY B 91 16.69 -1.09 -49.14
C GLY B 91 15.30 -0.62 -49.46
N PHE B 92 14.95 0.61 -49.12
CA PHE B 92 13.60 1.12 -49.35
C PHE B 92 13.25 1.07 -50.82
N GLY B 93 12.02 0.63 -51.11
CA GLY B 93 11.58 0.43 -52.46
C GLY B 93 11.81 -0.94 -53.04
N GLY B 94 12.47 -1.83 -52.30
CA GLY B 94 12.75 -3.16 -52.79
C GLY B 94 12.25 -4.21 -51.82
N PRO B 95 12.96 -5.33 -51.75
CA PRO B 95 12.59 -6.40 -50.82
C PRO B 95 12.77 -5.96 -49.37
N ALA B 96 12.06 -6.66 -48.49
CA ALA B 96 12.09 -6.36 -47.06
C ALA B 96 13.47 -6.61 -46.47
N ILE B 97 13.79 -5.89 -45.41
CA ILE B 97 15.08 -6.03 -44.72
C ILE B 97 14.91 -6.98 -43.53
N PRO B 98 15.71 -8.03 -43.43
CA PRO B 98 15.62 -8.93 -42.28
C PRO B 98 16.33 -8.38 -41.03
N VAL B 99 15.72 -8.58 -39.87
CA VAL B 99 16.26 -8.14 -38.58
C VAL B 99 16.20 -9.30 -37.61
N GLY B 100 17.35 -9.66 -37.03
CA GLY B 100 17.44 -10.73 -36.06
C GLY B 100 17.43 -10.22 -34.62
N VAL B 101 16.91 -11.04 -33.72
CA VAL B 101 16.68 -10.64 -32.33
C VAL B 101 17.20 -11.71 -31.39
N ASP B 102 17.90 -11.29 -30.32
CA ASP B 102 18.32 -12.13 -29.21
C ASP B 102 17.89 -11.51 -27.90
N VAL B 103 17.56 -12.34 -26.93
CA VAL B 103 17.09 -11.88 -25.62
C VAL B 103 17.80 -12.65 -24.51
N GLN B 104 18.22 -11.93 -23.46
CA GLN B 104 18.73 -12.54 -22.24
C GLN B 104 17.93 -12.02 -21.07
N VAL B 105 17.33 -12.92 -20.30
CA VAL B 105 16.48 -12.56 -19.18
C VAL B 105 17.33 -12.44 -17.93
N GLU B 106 17.22 -11.31 -17.23
CA GLU B 106 18.01 -11.02 -16.05
C GLU B 106 17.30 -11.42 -14.75
N SER B 107 16.04 -11.04 -14.58
CA SER B 107 15.32 -11.38 -13.35
C SER B 107 13.83 -11.22 -13.55
N LEU B 108 13.07 -11.87 -12.69
CA LEU B 108 11.62 -11.64 -12.57
C LEU B 108 11.39 -10.87 -11.29
N ASP B 109 10.84 -9.67 -11.41
CA ASP B 109 10.80 -8.76 -10.27
C ASP B 109 9.64 -9.06 -9.33
N SER B 110 8.44 -9.26 -9.85
CA SER B 110 7.29 -9.51 -9.01
C SER B 110 6.17 -10.08 -9.85
N ILE B 111 5.10 -10.49 -9.17
CA ILE B 111 3.88 -10.93 -9.81
C ILE B 111 2.70 -10.47 -8.96
N SER B 112 1.60 -10.11 -9.62
CA SER B 112 0.40 -9.59 -8.98
C SER B 112 -0.78 -10.47 -9.38
N GLU B 113 -1.37 -11.15 -8.40
CA GLU B 113 -2.50 -12.02 -8.68
C GLU B 113 -3.81 -11.27 -8.83
N VAL B 114 -4.00 -10.19 -8.08
CA VAL B 114 -5.23 -9.41 -8.21
C VAL B 114 -5.25 -8.64 -9.52
N ASP B 115 -4.13 -8.02 -9.88
CA ASP B 115 -4.05 -7.24 -11.11
C ASP B 115 -3.67 -8.05 -12.32
N MET B 116 -3.19 -9.29 -12.14
CA MET B 116 -2.89 -10.22 -13.21
C MET B 116 -1.83 -9.66 -14.17
N ASP B 117 -0.62 -9.50 -13.64
CA ASP B 117 0.52 -9.04 -14.43
C ASP B 117 1.82 -9.52 -13.78
N PHE B 118 2.93 -9.40 -14.52
CA PHE B 118 4.26 -9.72 -14.02
C PHE B 118 5.26 -8.71 -14.57
N THR B 119 6.42 -8.60 -13.91
CA THR B 119 7.46 -7.63 -14.25
C THR B 119 8.77 -8.34 -14.51
N MET B 120 9.49 -7.91 -15.54
CA MET B 120 10.70 -8.57 -16.00
C MET B 120 11.76 -7.55 -16.43
N THR B 121 13.03 -7.88 -16.22
CA THR B 121 14.17 -7.10 -16.71
C THR B 121 14.98 -7.96 -17.66
N LEU B 122 15.38 -7.41 -18.81
CA LEU B 122 15.99 -8.21 -19.85
C LEU B 122 16.92 -7.35 -20.70
N TYR B 123 17.77 -8.01 -21.49
CA TYR B 123 18.62 -7.42 -22.51
C TYR B 123 18.01 -7.71 -23.88
N LEU B 124 17.89 -6.70 -24.74
CA LEU B 124 17.34 -6.84 -26.07
C LEU B 124 18.41 -6.46 -27.10
N ARG B 125 18.66 -7.31 -28.08
CA ARG B 125 19.69 -7.07 -29.09
C ARG B 125 19.11 -7.24 -30.49
N HIS B 126 19.54 -6.40 -31.43
CA HIS B 126 19.09 -6.41 -32.82
C HIS B 126 20.30 -6.55 -33.72
N TYR B 127 20.11 -7.18 -34.88
CA TYR B 127 21.15 -7.39 -35.89
C TYR B 127 20.59 -7.10 -37.27
N TRP B 128 21.24 -6.23 -38.02
CA TRP B 128 20.86 -5.94 -39.40
C TRP B 128 22.04 -5.32 -40.12
N LYS B 129 21.91 -5.21 -41.45
CA LYS B 129 22.98 -4.67 -42.28
C LYS B 129 22.49 -3.46 -43.05
N ASP B 130 23.32 -2.41 -43.10
CA ASP B 130 22.98 -1.15 -43.77
C ASP B 130 24.22 -0.68 -44.50
N GLU B 131 24.18 -0.67 -45.83
CA GLU B 131 25.35 -0.34 -46.63
C GLU B 131 25.78 1.11 -46.48
N ARG B 132 24.88 2.00 -46.09
CA ARG B 132 25.20 3.42 -45.99
C ARG B 132 26.13 3.73 -44.84
N LEU B 133 26.33 2.80 -43.92
CA LEU B 133 27.21 2.97 -42.78
C LEU B 133 28.60 2.41 -43.01
N SER B 134 28.90 1.94 -44.21
CA SER B 134 30.22 1.41 -44.51
C SER B 134 31.27 2.50 -44.50
N PHE B 135 32.44 2.19 -43.95
CA PHE B 135 33.53 3.15 -43.87
C PHE B 135 34.85 2.49 -44.19
N PRO B 136 35.79 3.22 -44.78
CA PRO B 136 37.10 2.62 -45.09
C PRO B 136 37.92 2.42 -43.85
N SER B 137 38.78 1.41 -43.90
CA SER B 137 39.66 1.12 -42.77
C SER B 137 40.88 0.39 -43.29
N THR B 138 42.01 0.62 -42.63
CA THR B 138 43.25 -0.10 -42.93
C THR B 138 43.33 -1.43 -42.17
N ASN B 139 42.37 -1.71 -41.29
CA ASN B 139 42.31 -2.97 -40.53
C ASN B 139 40.84 -3.30 -40.31
N ASN B 140 40.56 -4.18 -39.36
CA ASN B 140 39.20 -4.67 -39.12
C ASN B 140 38.70 -4.28 -37.74
N LEU B 141 39.04 -3.10 -37.27
CA LEU B 141 38.51 -2.60 -36.01
C LEU B 141 37.16 -1.94 -36.24
N SER B 142 36.23 -2.21 -35.34
CA SER B 142 34.89 -1.64 -35.39
C SER B 142 34.79 -0.45 -34.45
N MET B 143 33.76 0.36 -34.66
CA MET B 143 33.55 1.56 -33.87
C MET B 143 32.32 1.43 -32.99
N THR B 144 32.41 1.93 -31.76
CA THR B 144 31.35 1.80 -30.77
C THR B 144 30.86 3.20 -30.40
N PHE B 145 29.54 3.35 -30.30
CA PHE B 145 28.89 4.62 -30.03
C PHE B 145 27.87 4.45 -28.90
N ASP B 146 27.50 5.57 -28.28
CA ASP B 146 26.49 5.58 -27.24
C ASP B 146 25.14 5.99 -27.81
N GLY B 147 24.19 6.29 -26.92
CA GLY B 147 22.83 6.61 -27.30
C GLY B 147 22.67 7.91 -28.06
N ARG B 148 23.70 8.75 -28.14
CA ARG B 148 23.59 10.02 -28.87
C ARG B 148 23.51 9.82 -30.38
N LEU B 149 24.08 8.73 -30.90
CA LEU B 149 24.04 8.49 -32.33
C LEU B 149 22.72 7.91 -32.79
N VAL B 150 21.91 7.37 -31.88
CA VAL B 150 20.67 6.69 -32.25
C VAL B 150 19.72 7.64 -32.96
N LYS B 151 19.67 8.90 -32.53
CA LYS B 151 18.76 9.88 -33.11
C LYS B 151 19.16 10.31 -34.50
N LYS B 152 20.35 9.93 -34.98
CA LYS B 152 20.83 10.40 -36.27
C LYS B 152 20.77 9.37 -37.38
N ILE B 153 20.42 8.12 -37.08
CA ILE B 153 20.39 7.03 -38.05
C ILE B 153 19.06 6.30 -37.93
N TRP B 154 18.85 5.33 -38.82
CA TRP B 154 17.64 4.52 -38.80
C TRP B 154 17.84 3.29 -37.92
N VAL B 155 16.86 3.02 -37.05
CA VAL B 155 16.89 1.84 -36.18
C VAL B 155 15.52 1.22 -36.15
N PRO B 156 15.43 -0.09 -35.89
CA PRO B 156 14.12 -0.74 -35.80
C PRO B 156 13.32 -0.34 -34.57
N ASP B 157 12.01 -0.19 -34.74
CA ASP B 157 11.09 0.29 -33.71
C ASP B 157 10.26 -0.84 -33.10
N MET B 158 10.87 -1.64 -32.26
CA MET B 158 10.16 -2.70 -31.55
C MET B 158 9.34 -2.16 -30.39
N PHE B 159 8.25 -2.84 -30.06
CA PHE B 159 7.46 -2.52 -28.87
C PHE B 159 6.89 -3.82 -28.32
N PHE B 160 6.48 -3.76 -27.06
CA PHE B 160 5.99 -4.93 -26.33
C PHE B 160 4.46 -4.93 -26.36
N VAL B 161 3.89 -6.00 -26.86
CA VAL B 161 2.45 -6.11 -27.04
C VAL B 161 1.82 -6.51 -25.71
N HIS B 162 0.65 -5.94 -25.42
CA HIS B 162 -0.12 -6.23 -24.20
C HIS B 162 0.67 -5.90 -22.93
N SER B 163 1.44 -4.83 -22.96
CA SER B 163 2.17 -4.37 -21.79
C SER B 163 1.44 -3.18 -21.16
N LYS B 164 1.73 -2.96 -19.88
CA LYS B 164 1.12 -1.87 -19.13
C LYS B 164 2.05 -0.69 -18.92
N ARG B 165 3.35 -0.92 -18.73
CA ARG B 165 4.30 0.17 -18.51
C ARG B 165 5.71 -0.39 -18.67
N SER B 166 6.66 0.46 -19.09
CA SER B 166 8.04 0.06 -19.30
C SER B 166 8.94 1.27 -19.36
N PHE B 167 10.24 1.04 -19.18
CA PHE B 167 11.22 2.12 -19.26
C PHE B 167 12.61 1.56 -19.54
N ILE B 168 13.52 2.44 -19.94
CA ILE B 168 14.91 2.10 -20.23
C ILE B 168 15.77 2.71 -19.13
N HIS B 169 16.71 1.92 -18.60
CA HIS B 169 17.57 2.38 -17.51
C HIS B 169 18.57 3.41 -17.97
N ASP B 170 18.88 4.39 -17.11
CA ASP B 170 19.72 5.50 -17.52
C ASP B 170 20.70 5.99 -16.46
N THR B 171 21.21 5.10 -15.61
CA THR B 171 22.21 5.45 -14.60
C THR B 171 23.45 4.57 -14.77
N THR B 172 24.63 5.18 -14.86
CA THR B 172 24.83 6.61 -14.73
C THR B 172 24.61 7.36 -16.03
N THR B 173 24.42 6.63 -17.12
CA THR B 173 24.04 7.19 -18.42
C THR B 173 23.08 6.20 -19.07
N ASP B 174 22.55 6.56 -20.24
CA ASP B 174 21.62 5.68 -20.95
C ASP B 174 22.29 4.35 -21.27
N ASN B 175 21.60 3.25 -20.98
CA ASN B 175 22.14 1.90 -21.22
C ASN B 175 21.83 1.47 -22.65
N VAL B 176 22.46 2.13 -23.60
CA VAL B 176 22.28 1.89 -25.03
C VAL B 176 23.66 1.83 -25.69
N MET B 177 23.85 0.90 -26.62
CA MET B 177 25.11 0.71 -27.30
C MET B 177 24.90 0.46 -28.78
N LEU B 178 25.79 0.99 -29.62
CA LEU B 178 25.80 0.76 -31.05
C LEU B 178 27.20 0.37 -31.49
N ARG B 179 27.33 -0.70 -32.26
CA ARG B 179 28.61 -1.15 -32.77
C ARG B 179 28.51 -1.39 -34.27
N VAL B 180 29.39 -0.78 -35.05
CA VAL B 180 29.30 -0.81 -36.51
C VAL B 180 30.57 -1.41 -37.07
N GLN B 181 30.42 -2.43 -37.90
CA GLN B 181 31.53 -3.10 -38.57
C GLN B 181 31.91 -2.34 -39.82
N PRO B 182 33.14 -2.50 -40.31
CA PRO B 182 33.55 -1.78 -41.52
C PRO B 182 32.71 -2.08 -42.74
N ASP B 183 32.13 -3.27 -42.84
CA ASP B 183 31.32 -3.64 -44.00
C ASP B 183 29.85 -3.26 -43.87
N GLY B 184 29.46 -2.63 -42.76
CA GLY B 184 28.12 -2.10 -42.61
C GLY B 184 27.18 -2.88 -41.72
N LYS B 185 27.64 -3.92 -41.05
CA LYS B 185 26.81 -4.66 -40.11
C LYS B 185 26.70 -3.91 -38.79
N VAL B 186 25.52 -3.97 -38.17
CA VAL B 186 25.18 -3.18 -36.99
C VAL B 186 24.67 -4.08 -35.87
N LEU B 187 25.05 -3.79 -34.65
CA LEU B 187 24.49 -4.39 -33.43
C LEU B 187 23.92 -3.26 -32.58
N TYR B 188 22.72 -3.47 -32.03
CA TYR B 188 21.98 -2.47 -31.25
C TYR B 188 21.47 -3.15 -29.98
N SER B 189 21.87 -2.67 -28.82
CA SER B 189 21.62 -3.34 -27.56
C SER B 189 21.09 -2.36 -26.51
N LEU B 190 20.11 -2.79 -25.73
CA LEU B 190 19.58 -1.95 -24.67
C LEU B 190 19.01 -2.78 -23.54
N ARG B 191 18.89 -2.18 -22.37
CA ARG B 191 18.45 -2.84 -21.16
C ARG B 191 17.16 -2.18 -20.65
N VAL B 192 16.12 -2.97 -20.44
CA VAL B 192 14.75 -2.48 -20.30
C VAL B 192 13.99 -3.25 -19.23
N THR B 193 13.02 -2.59 -18.59
CA THR B 193 12.12 -3.20 -17.62
C THR B 193 10.68 -3.07 -18.11
N VAL B 194 9.90 -4.14 -18.07
CA VAL B 194 8.58 -4.18 -18.66
C VAL B 194 7.60 -4.90 -17.74
N THR B 195 6.37 -4.37 -17.64
CA THR B 195 5.25 -5.01 -16.96
C THR B 195 4.20 -5.36 -17.99
N ALA B 196 3.81 -6.63 -18.05
CA ALA B 196 2.90 -7.14 -19.06
C ALA B 196 1.77 -7.91 -18.41
N MET B 197 0.64 -7.99 -19.10
CA MET B 197 -0.56 -8.62 -18.58
C MET B 197 -0.53 -10.14 -18.75
N CYS B 198 -1.31 -10.82 -17.92
CA CYS B 198 -1.41 -12.27 -17.98
C CYS B 198 -2.73 -12.72 -17.36
N ASN B 199 -3.64 -13.23 -18.18
CA ASN B 199 -4.90 -13.74 -17.65
C ASN B 199 -4.70 -15.02 -16.88
N MET B 200 -5.27 -15.11 -15.68
CA MET B 200 -5.11 -16.25 -14.81
C MET B 200 -6.46 -16.80 -14.41
N ASP B 201 -6.48 -18.10 -14.09
CA ASP B 201 -7.67 -18.80 -13.65
C ASP B 201 -7.38 -19.52 -12.36
N PHE B 202 -8.15 -19.23 -11.32
CA PHE B 202 -7.94 -19.79 -9.99
C PHE B 202 -9.05 -20.74 -9.57
N SER B 203 -9.73 -21.37 -10.51
CA SER B 203 -10.80 -22.29 -10.14
C SER B 203 -10.28 -23.49 -9.38
N ARG B 204 -9.06 -23.90 -9.64
CA ARG B 204 -8.48 -25.08 -9.04
C ARG B 204 -7.47 -24.75 -7.95
N PHE B 205 -7.50 -23.55 -7.40
CA PHE B 205 -6.55 -23.16 -6.37
C PHE B 205 -6.68 -24.08 -5.15
N PRO B 206 -5.57 -24.50 -4.55
CA PRO B 206 -4.17 -24.19 -4.86
C PRO B 206 -3.46 -25.19 -5.76
N LEU B 207 -4.19 -26.01 -6.49
CA LEU B 207 -3.59 -26.97 -7.41
C LEU B 207 -3.60 -26.46 -8.85
N ASP B 208 -3.56 -25.15 -9.05
CA ASP B 208 -3.63 -24.54 -10.37
C ASP B 208 -2.24 -24.44 -11.00
N THR B 209 -2.24 -24.30 -12.32
CA THR B 209 -1.05 -24.10 -13.14
C THR B 209 -1.32 -22.96 -14.11
N GLN B 210 -0.36 -22.05 -14.24
CA GLN B 210 -0.52 -20.87 -15.07
C GLN B 210 0.56 -20.84 -16.15
N THR B 211 0.22 -20.30 -17.32
CA THR B 211 1.14 -20.16 -18.43
C THR B 211 1.17 -18.70 -18.87
N CYS B 212 2.37 -18.15 -19.07
CA CYS B 212 2.54 -16.75 -19.38
C CYS B 212 3.41 -16.57 -20.62
N SER B 213 3.32 -15.40 -21.25
CA SER B 213 4.14 -15.11 -22.41
C SER B 213 4.39 -13.62 -22.54
N LEU B 214 5.52 -13.29 -23.18
CA LEU B 214 5.90 -11.91 -23.49
C LEU B 214 6.07 -11.80 -25.00
N GLU B 215 5.53 -10.74 -25.60
CA GLU B 215 5.41 -10.60 -27.04
C GLU B 215 6.12 -9.37 -27.55
N ILE B 216 6.78 -9.49 -28.71
CA ILE B 216 7.55 -8.42 -29.34
C ILE B 216 7.09 -8.28 -30.78
N GLU B 217 6.95 -7.04 -31.24
CA GLU B 217 6.44 -6.76 -32.57
C GLU B 217 6.92 -5.39 -33.01
N SER B 218 6.92 -5.17 -34.32
CA SER B 218 7.24 -3.86 -34.91
C SER B 218 6.00 -2.98 -34.96
N TYR B 219 6.16 -1.70 -34.59
CA TYR B 219 5.01 -0.82 -34.45
C TYR B 219 4.49 -0.30 -35.79
N ALA B 220 5.38 -0.06 -36.75
CA ALA B 220 4.99 0.66 -37.96
C ALA B 220 5.24 -0.05 -39.27
N TYR B 221 5.96 -1.17 -39.30
CA TYR B 221 6.34 -1.84 -40.53
C TYR B 221 5.68 -3.22 -40.62
N THR B 222 5.00 -3.48 -41.73
CA THR B 222 4.43 -4.79 -41.99
C THR B 222 5.49 -5.74 -42.54
N GLU B 223 5.11 -6.99 -42.74
CA GLU B 223 6.04 -8.00 -43.24
C GLU B 223 6.51 -7.72 -44.66
N ASP B 224 5.86 -6.81 -45.37
CA ASP B 224 6.32 -6.41 -46.69
C ASP B 224 7.57 -5.55 -46.63
N ASP B 225 7.86 -4.92 -45.50
CA ASP B 225 8.99 -4.02 -45.34
C ASP B 225 10.06 -4.49 -44.39
N LEU B 226 9.69 -5.23 -43.36
CA LEU B 226 10.63 -5.68 -42.34
C LEU B 226 10.28 -7.11 -41.99
N MET B 227 11.30 -7.97 -41.94
CA MET B 227 11.15 -9.40 -41.65
C MET B 227 11.83 -9.68 -40.31
N LEU B 228 11.06 -10.08 -39.31
CA LEU B 228 11.53 -10.26 -37.93
C LEU B 228 11.65 -11.73 -37.59
N TYR B 229 12.77 -12.15 -37.01
CA TYR B 229 12.99 -13.55 -36.70
C TYR B 229 13.99 -13.69 -35.56
N TRP B 230 13.96 -14.85 -34.91
CA TRP B 230 14.96 -15.20 -33.91
C TRP B 230 16.26 -15.57 -34.60
N LYS B 231 17.37 -14.99 -34.14
CA LYS B 231 18.62 -15.11 -34.88
C LYS B 231 19.13 -16.54 -34.95
N LYS B 232 19.05 -17.29 -33.85
CA LYS B 232 19.61 -18.62 -33.77
C LYS B 232 18.57 -19.65 -33.36
N GLY B 233 17.32 -19.45 -33.74
CA GLY B 233 16.29 -20.41 -33.35
C GLY B 233 16.08 -20.45 -31.84
N ASN B 234 16.03 -21.65 -31.29
CA ASN B 234 15.79 -21.82 -29.87
C ASN B 234 17.02 -21.54 -29.02
N ASP B 235 18.17 -21.33 -29.64
CA ASP B 235 19.37 -20.94 -28.92
C ASP B 235 19.44 -19.44 -28.64
N SER B 236 18.44 -18.67 -29.05
CA SER B 236 18.43 -17.22 -28.89
C SER B 236 17.90 -16.76 -27.55
N LEU B 237 17.45 -17.66 -26.70
CA LEU B 237 16.95 -17.29 -25.39
C LEU B 237 17.90 -17.80 -24.32
N LYS B 238 18.38 -16.90 -23.47
CA LYS B 238 19.20 -17.26 -22.33
C LYS B 238 18.56 -16.73 -21.06
N THR B 239 18.60 -17.51 -20.00
CA THR B 239 18.03 -17.12 -18.72
C THR B 239 19.10 -17.25 -17.65
N ASP B 240 19.00 -16.39 -16.65
CA ASP B 240 19.95 -16.37 -15.55
C ASP B 240 19.81 -17.64 -14.71
N GLU B 241 20.93 -18.08 -14.14
CA GLU B 241 20.92 -19.30 -13.33
C GLU B 241 20.17 -19.11 -12.02
N ARG B 242 20.09 -17.89 -11.51
CA ARG B 242 19.54 -17.65 -10.18
C ARG B 242 18.17 -16.99 -10.23
N ILE B 243 17.41 -17.23 -11.28
CA ILE B 243 16.06 -16.67 -11.38
C ILE B 243 15.11 -17.48 -10.51
N SER B 244 14.35 -16.79 -9.66
CA SER B 244 13.43 -17.46 -8.77
C SER B 244 12.37 -16.46 -8.33
N LEU B 245 11.26 -17.01 -7.84
CA LEU B 245 10.15 -16.25 -7.30
C LEU B 245 9.87 -16.74 -5.88
N SER B 246 9.26 -15.87 -5.09
CA SER B 246 9.01 -16.17 -3.68
C SER B 246 7.95 -17.26 -3.53
N GLN B 247 6.82 -17.14 -4.23
CA GLN B 247 5.70 -18.05 -4.02
C GLN B 247 5.41 -18.96 -5.22
N PHE B 248 6.28 -19.03 -6.22
CA PHE B 248 6.08 -19.85 -7.39
C PHE B 248 7.36 -20.57 -7.77
N LEU B 249 7.21 -21.65 -8.50
CA LEU B 249 8.30 -22.35 -9.18
C LEU B 249 8.16 -22.11 -10.67
N ILE B 250 9.25 -21.78 -11.35
CA ILE B 250 9.26 -21.38 -12.75
C ILE B 250 9.93 -22.46 -13.58
N GLN B 251 9.35 -22.81 -14.70
CA GLN B 251 9.92 -23.86 -15.52
C GLN B 251 9.52 -23.69 -16.97
N GLU B 252 10.25 -24.36 -17.85
CA GLU B 252 9.91 -24.53 -19.27
C GLU B 252 9.88 -23.22 -20.06
N PHE B 253 11.04 -22.57 -20.16
CA PHE B 253 11.21 -21.43 -21.06
C PHE B 253 11.42 -21.92 -22.49
N HIS B 254 10.72 -21.32 -23.45
CA HIS B 254 10.91 -21.64 -24.86
C HIS B 254 10.36 -20.49 -25.71
N THR B 255 10.65 -20.55 -27.01
CA THR B 255 10.31 -19.48 -27.94
C THR B 255 9.44 -20.00 -29.09
N THR B 256 8.55 -19.15 -29.60
CA THR B 256 7.72 -19.45 -30.76
C THR B 256 7.53 -18.18 -31.58
N THR B 257 6.88 -18.31 -32.74
CA THR B 257 6.54 -17.21 -33.65
C THR B 257 5.13 -17.42 -34.18
N LYS B 258 4.50 -16.34 -34.65
CA LYS B 258 3.14 -16.37 -35.20
C LYS B 258 2.87 -15.07 -35.97
N LEU B 259 2.03 -15.15 -37.01
CA LEU B 259 1.65 -14.00 -37.83
C LEU B 259 0.34 -13.40 -37.33
N ALA B 260 0.27 -12.07 -37.26
CA ALA B 260 -0.90 -11.35 -36.77
C ALA B 260 -1.39 -10.35 -37.82
N PHE B 261 -2.69 -10.08 -37.80
CA PHE B 261 -3.34 -9.25 -38.80
C PHE B 261 -3.99 -8.03 -38.16
N TYR B 262 -3.86 -6.88 -38.81
CA TYR B 262 -4.56 -5.65 -38.46
C TYR B 262 -5.26 -5.12 -39.70
N SER B 263 -6.56 -4.84 -39.59
CA SER B 263 -7.33 -4.36 -40.73
C SER B 263 -6.84 -3.01 -41.24
N SER B 264 -6.16 -2.24 -40.38
CA SER B 264 -5.69 -0.93 -40.79
C SER B 264 -4.48 -1.04 -41.71
N THR B 265 -3.58 -1.99 -41.46
CA THR B 265 -2.31 -1.99 -42.19
C THR B 265 -1.89 -3.32 -42.81
N GLY B 266 -2.19 -4.46 -42.20
CA GLY B 266 -1.77 -5.70 -42.80
C GLY B 266 -1.18 -6.75 -41.88
N TRP B 267 -0.21 -7.54 -42.37
CA TRP B 267 0.31 -8.69 -41.62
C TRP B 267 1.63 -8.35 -40.95
N TYR B 268 1.84 -8.92 -39.77
CA TYR B 268 3.02 -8.65 -38.94
C TYR B 268 3.55 -9.96 -38.39
N ASN B 269 4.86 -10.01 -38.13
CA ASN B 269 5.49 -11.11 -37.40
C ASN B 269 5.53 -10.79 -35.91
N ARG B 270 5.30 -11.78 -35.08
CA ARG B 270 5.33 -11.61 -33.64
C ARG B 270 6.14 -12.73 -33.01
N LEU B 271 6.94 -12.40 -31.99
CA LEU B 271 7.80 -13.34 -31.29
C LEU B 271 7.31 -13.51 -29.86
N TYR B 272 7.50 -14.71 -29.32
CA TYR B 272 6.96 -15.10 -28.02
C TYR B 272 8.04 -15.67 -27.11
N ILE B 273 7.90 -15.44 -25.81
CA ILE B 273 8.69 -16.10 -24.76
C ILE B 273 7.71 -16.68 -23.75
N ASN B 274 7.72 -18.00 -23.58
CA ASN B 274 6.72 -18.71 -22.80
C ASN B 274 7.34 -19.38 -21.57
N PHE B 275 6.57 -19.49 -20.49
CA PHE B 275 7.00 -20.19 -19.28
C PHE B 275 5.78 -20.58 -18.46
N THR B 276 6.00 -21.39 -17.42
CA THR B 276 4.95 -21.97 -16.59
C THR B 276 5.21 -21.70 -15.12
N LEU B 277 4.14 -21.63 -14.32
CA LEU B 277 4.23 -21.36 -12.88
C LEU B 277 3.46 -22.42 -12.09
N ARG B 278 4.02 -22.84 -10.95
CA ARG B 278 3.39 -23.81 -10.06
C ARG B 278 3.65 -23.40 -8.61
N ARG B 279 2.83 -23.91 -7.71
CA ARG B 279 2.91 -23.59 -6.29
C ARG B 279 3.50 -24.74 -5.49
N HIS B 280 3.71 -24.48 -4.21
CA HIS B 280 4.16 -25.49 -3.25
C HIS B 280 2.94 -26.11 -2.59
N ILE B 281 2.64 -27.36 -2.93
CA ILE B 281 1.39 -28.00 -2.53
C ILE B 281 1.38 -28.30 -1.02
N PHE B 282 2.50 -28.81 -0.50
CA PHE B 282 2.53 -29.28 0.89
C PHE B 282 2.29 -28.14 1.88
N PHE B 283 2.76 -26.93 1.56
CA PHE B 283 2.51 -25.80 2.44
C PHE B 283 1.01 -25.56 2.61
N PHE B 284 0.27 -25.56 1.51
CA PHE B 284 -1.16 -25.32 1.58
C PHE B 284 -1.88 -26.48 2.22
N LEU B 285 -1.46 -27.71 1.95
CA LEU B 285 -2.06 -28.85 2.65
C LEU B 285 -1.96 -28.66 4.15
N LEU B 286 -0.73 -28.41 4.65
CA LEU B 286 -0.51 -28.29 6.08
C LEU B 286 -1.25 -27.09 6.67
N GLN B 287 -1.31 -25.97 5.95
CA GLN B 287 -1.95 -24.79 6.51
C GLN B 287 -3.46 -24.85 6.50
N THR B 288 -4.07 -25.54 5.53
CA THR B 288 -5.53 -25.47 5.37
C THR B 288 -6.23 -26.80 5.61
N TYR B 289 -5.83 -27.87 4.93
CA TYR B 289 -6.65 -29.08 4.95
C TYR B 289 -6.49 -29.83 6.26
N PHE B 290 -5.32 -29.74 6.89
CA PHE B 290 -5.05 -30.48 8.13
C PHE B 290 -5.96 -30.05 9.27
N PRO B 291 -6.06 -28.77 9.64
CA PRO B 291 -6.93 -28.40 10.77
C PRO B 291 -8.39 -28.75 10.56
N ALA B 292 -8.91 -28.61 9.34
CA ALA B 292 -10.31 -28.93 9.08
C ALA B 292 -10.60 -30.41 9.29
N THR B 293 -9.74 -31.28 8.77
CA THR B 293 -9.89 -32.71 8.98
C THR B 293 -9.80 -33.07 10.46
N LEU B 294 -8.87 -32.44 11.17
CA LEU B 294 -8.72 -32.70 12.60
C LEU B 294 -9.97 -32.28 13.37
N MET B 295 -10.55 -31.13 13.04
CA MET B 295 -11.76 -30.69 13.74
C MET B 295 -12.94 -31.59 13.44
N VAL B 296 -13.08 -32.02 12.18
CA VAL B 296 -14.17 -32.94 11.86
C VAL B 296 -14.02 -34.24 12.62
N MET B 297 -12.81 -34.79 12.71
CA MET B 297 -12.62 -36.01 13.48
C MET B 297 -12.86 -35.79 14.96
N LEU B 298 -12.50 -34.62 15.49
CA LEU B 298 -12.71 -34.35 16.90
C LEU B 298 -14.19 -34.25 17.24
N SER B 299 -15.02 -33.77 16.31
CA SER B 299 -16.45 -33.71 16.59
C SER B 299 -17.09 -35.10 16.71
N TRP B 300 -16.45 -36.15 16.20
CA TRP B 300 -16.97 -37.50 16.29
C TRP B 300 -16.78 -38.11 17.67
N VAL B 301 -15.98 -37.49 18.53
CA VAL B 301 -15.72 -38.03 19.85
C VAL B 301 -17.01 -38.06 20.68
N SER B 302 -17.89 -37.08 20.49
CA SER B 302 -19.10 -36.99 21.30
C SER B 302 -20.01 -38.20 21.18
N PHE B 303 -19.93 -38.96 20.08
CA PHE B 303 -20.77 -40.13 19.93
C PHE B 303 -20.41 -41.23 20.91
N TRP B 304 -19.25 -41.17 21.55
CA TRP B 304 -18.79 -42.16 22.50
C TRP B 304 -18.90 -41.71 23.96
N ILE B 305 -19.57 -40.60 24.23
CA ILE B 305 -19.79 -40.09 25.57
C ILE B 305 -21.19 -40.45 26.00
N ASP B 306 -21.37 -40.74 27.27
CA ASP B 306 -22.67 -41.10 27.81
C ASP B 306 -23.70 -39.99 27.60
N ARG B 307 -24.90 -40.38 27.16
CA ARG B 307 -25.92 -39.40 26.81
C ARG B 307 -26.49 -38.67 28.02
N ARG B 308 -26.26 -39.14 29.23
CA ARG B 308 -26.80 -38.55 30.45
C ARG B 308 -26.04 -37.34 30.90
N ALA B 309 -24.88 -37.05 30.32
CA ALA B 309 -24.08 -35.89 30.68
C ALA B 309 -24.33 -34.77 29.67
N VAL B 310 -25.47 -34.09 29.86
CA VAL B 310 -25.81 -32.96 28.98
C VAL B 310 -24.79 -31.83 29.06
N PRO B 311 -24.36 -31.37 30.24
CA PRO B 311 -23.39 -30.29 30.31
C PRO B 311 -22.02 -30.66 29.79
N ALA B 312 -21.78 -31.91 29.42
CA ALA B 312 -20.55 -32.27 28.72
C ALA B 312 -20.74 -32.39 27.23
N ARG B 313 -21.90 -32.86 26.76
CA ARG B 313 -22.16 -33.05 25.35
C ARG B 313 -22.40 -31.71 24.65
N VAL B 314 -23.16 -30.80 25.24
CA VAL B 314 -23.54 -29.58 24.51
C VAL B 314 -22.33 -28.67 24.26
N PRO B 315 -21.54 -28.31 25.28
CA PRO B 315 -20.40 -27.40 25.03
C PRO B 315 -19.40 -27.95 24.02
N LEU B 316 -19.20 -29.26 23.98
CA LEU B 316 -18.27 -29.83 23.00
C LEU B 316 -18.66 -29.45 21.58
N GLY B 317 -19.93 -29.67 21.21
CA GLY B 317 -20.36 -29.35 19.86
C GLY B 317 -20.34 -27.87 19.57
N ILE B 318 -20.82 -27.06 20.51
CA ILE B 318 -20.88 -25.62 20.21
C ILE B 318 -19.45 -25.04 20.10
N THR B 319 -18.51 -25.51 20.92
CA THR B 319 -17.15 -24.99 20.85
C THR B 319 -16.42 -25.49 19.61
N THR B 320 -16.71 -26.71 19.16
CA THR B 320 -16.14 -27.17 17.89
C THR B 320 -16.63 -26.31 16.73
N VAL B 321 -17.91 -25.94 16.74
CA VAL B 321 -18.44 -25.06 15.70
C VAL B 321 -17.73 -23.71 15.71
N LEU B 322 -17.54 -23.15 16.90
CA LEU B 322 -16.85 -21.88 17.02
C LEU B 322 -15.41 -21.97 16.49
N THR B 323 -14.70 -23.05 16.81
CA THR B 323 -13.33 -23.21 16.34
C THR B 323 -13.26 -23.31 14.82
N MET B 324 -14.16 -24.09 14.22
CA MET B 324 -14.17 -24.22 12.76
C MET B 324 -14.43 -22.88 12.10
N SER B 325 -15.34 -22.09 12.65
CA SER B 325 -15.61 -20.78 12.09
C SER B 325 -14.38 -19.86 12.15
N THR B 326 -13.67 -19.84 13.28
CA THR B 326 -12.48 -19.00 13.38
C THR B 326 -11.41 -19.44 12.39
N ILE B 327 -11.26 -20.76 12.21
CA ILE B 327 -10.29 -21.26 11.24
C ILE B 327 -10.63 -20.80 9.83
N ILE B 328 -11.91 -20.90 9.44
CA ILE B 328 -12.31 -20.51 8.09
C ILE B 328 -12.08 -19.02 7.87
N THR B 329 -12.41 -18.19 8.85
CA THR B 329 -12.17 -16.74 8.72
C THR B 329 -10.70 -16.45 8.58
N GLY B 330 -9.86 -17.10 9.39
CA GLY B 330 -8.43 -16.87 9.28
C GLY B 330 -7.86 -17.27 7.93
N VAL B 331 -8.33 -18.40 7.40
CA VAL B 331 -7.86 -18.84 6.08
C VAL B 331 -8.29 -17.85 5.00
N ASN B 332 -9.54 -17.38 5.06
CA ASN B 332 -9.99 -16.41 4.06
C ASN B 332 -9.19 -15.13 4.14
N ALA B 333 -8.75 -14.73 5.34
CA ALA B 333 -8.06 -13.46 5.47
C ALA B 333 -6.69 -13.42 4.81
N SER B 334 -6.08 -14.57 4.52
CA SER B 334 -4.70 -14.60 4.05
C SER B 334 -4.54 -14.97 2.58
N MET B 335 -5.60 -15.32 1.90
CA MET B 335 -5.51 -15.69 0.49
C MET B 335 -5.69 -14.47 -0.38
N PRO B 336 -5.27 -14.52 -1.64
CA PRO B 336 -5.52 -13.39 -2.56
C PRO B 336 -7.01 -13.13 -2.72
N ARG B 337 -7.38 -11.85 -2.81
CA ARG B 337 -8.77 -11.44 -2.80
C ARG B 337 -9.37 -11.60 -4.19
N VAL B 338 -9.70 -12.84 -4.53
CA VAL B 338 -10.36 -13.20 -5.77
C VAL B 338 -11.75 -13.68 -5.44
N SER B 339 -12.76 -13.02 -6.01
CA SER B 339 -14.15 -13.19 -5.58
C SER B 339 -14.92 -14.14 -6.51
N TYR B 340 -14.50 -15.40 -6.52
CA TYR B 340 -15.34 -16.49 -7.02
C TYR B 340 -14.88 -17.77 -6.37
N ILE B 341 -15.70 -18.80 -6.49
CA ILE B 341 -15.51 -20.04 -5.73
C ILE B 341 -14.29 -20.78 -6.25
N LYS B 342 -13.38 -21.14 -5.34
CA LYS B 342 -12.17 -21.89 -5.62
C LYS B 342 -12.26 -23.27 -5.01
N ALA B 343 -11.31 -24.13 -5.34
CA ALA B 343 -11.36 -25.52 -4.90
C ALA B 343 -11.24 -25.67 -3.39
N VAL B 344 -10.47 -24.82 -2.73
CA VAL B 344 -10.30 -24.89 -1.28
C VAL B 344 -11.59 -24.52 -0.52
N ASP B 345 -12.42 -23.66 -1.10
CA ASP B 345 -13.66 -23.23 -0.46
C ASP B 345 -14.64 -24.38 -0.33
N ILE B 346 -14.72 -25.24 -1.34
CA ILE B 346 -15.66 -26.33 -1.30
C ILE B 346 -15.33 -27.27 -0.14
N TYR B 347 -14.04 -27.57 0.02
CA TYR B 347 -13.62 -28.47 1.08
C TYR B 347 -13.94 -27.89 2.44
N LEU B 348 -13.70 -26.59 2.61
CA LEU B 348 -13.88 -25.99 3.92
C LEU B 348 -15.36 -25.93 4.31
N TRP B 349 -16.23 -25.60 3.37
CA TRP B 349 -17.63 -25.43 3.73
C TRP B 349 -18.37 -26.77 3.87
N VAL B 350 -17.90 -27.82 3.20
CA VAL B 350 -18.46 -29.14 3.48
C VAL B 350 -18.06 -29.62 4.88
N SER B 351 -16.83 -29.33 5.30
CA SER B 351 -16.46 -29.72 6.66
C SER B 351 -17.30 -28.99 7.70
N PHE B 352 -17.65 -27.72 7.41
CA PHE B 352 -18.49 -26.97 8.34
C PHE B 352 -19.87 -27.62 8.46
N VAL B 353 -20.41 -28.14 7.36
CA VAL B 353 -21.72 -28.78 7.43
C VAL B 353 -21.67 -30.05 8.28
N PHE B 354 -20.59 -30.81 8.18
CA PHE B 354 -20.46 -32.05 8.98
C PHE B 354 -20.47 -31.75 10.47
N VAL B 355 -19.76 -30.70 10.88
CA VAL B 355 -19.75 -30.34 12.29
C VAL B 355 -21.12 -29.82 12.72
N PHE B 356 -21.82 -29.10 11.86
CA PHE B 356 -23.17 -28.63 12.17
C PHE B 356 -24.14 -29.80 12.41
N LEU B 357 -24.07 -30.85 11.59
CA LEU B 357 -24.99 -32.00 11.68
C LEU B 357 -24.73 -32.83 12.92
N SER B 358 -23.51 -32.82 13.43
CA SER B 358 -23.25 -33.62 14.63
C SER B 358 -23.93 -33.03 15.87
N VAL B 359 -24.16 -31.71 15.93
CA VAL B 359 -24.88 -31.08 17.03
C VAL B 359 -26.38 -31.41 17.00
N LEU B 360 -26.98 -31.42 15.80
CA LEU B 360 -28.39 -31.79 15.71
C LEU B 360 -28.60 -33.25 16.09
N GLU B 361 -27.57 -34.09 15.92
CA GLU B 361 -27.74 -35.49 16.26
C GLU B 361 -28.00 -35.66 17.77
N TYR B 362 -27.27 -34.91 18.59
CA TYR B 362 -27.48 -35.04 20.02
C TYR B 362 -28.77 -34.34 20.42
N ALA B 363 -29.19 -33.31 19.69
CA ALA B 363 -30.46 -32.68 20.04
C ALA B 363 -31.62 -33.66 19.90
N ALA B 364 -31.59 -34.49 18.85
CA ALA B 364 -32.61 -35.53 18.65
C ALA B 364 -32.53 -36.60 19.73
N VAL B 365 -31.32 -37.01 20.13
CA VAL B 365 -31.22 -38.04 21.17
C VAL B 365 -31.75 -37.54 22.52
N ASN B 366 -31.41 -36.31 22.91
CA ASN B 366 -31.86 -35.74 24.18
C ASN B 366 -33.37 -35.60 24.22
N TYR B 367 -33.98 -35.19 23.12
CA TYR B 367 -35.43 -35.03 23.09
C TYR B 367 -36.13 -36.38 23.22
N LEU B 368 -35.67 -37.40 22.49
CA LEU B 368 -36.40 -38.67 22.52
C LEU B 368 -36.21 -39.38 23.87
N THR B 369 -35.04 -39.26 24.49
CA THR B 369 -34.84 -39.85 25.81
C THR B 369 -35.77 -39.21 26.84
N THR B 370 -35.93 -37.88 26.78
CA THR B 370 -36.83 -37.21 27.71
C THR B 370 -38.27 -37.65 27.50
N VAL B 371 -38.67 -37.84 26.24
CA VAL B 371 -40.04 -38.26 25.95
C VAL B 371 -40.32 -39.63 26.57
N GLN B 372 -39.37 -40.56 26.42
CA GLN B 372 -39.59 -41.90 26.94
C GLN B 372 -39.68 -41.87 28.47
N GLU B 373 -38.83 -41.09 29.12
CA GLU B 373 -38.87 -41.03 30.58
C GLU B 373 -40.19 -40.45 31.09
N ARG B 374 -40.71 -39.44 30.42
CA ARG B 374 -41.99 -38.86 30.83
C ARG B 374 -43.15 -39.85 30.65
N LYS B 375 -43.14 -40.63 29.58
CA LYS B 375 -44.23 -41.58 29.34
C LYS B 375 -44.15 -42.75 30.33
N GLU B 376 -42.96 -43.23 30.64
CA GLU B 376 -42.84 -44.30 31.62
C GLU B 376 -43.28 -43.82 33.00
N GLN B 377 -42.89 -42.61 33.39
CA GLN B 377 -43.29 -42.09 34.70
C GLN B 377 -44.80 -41.93 34.76
N LYS B 378 -45.41 -41.49 33.67
CA LYS B 378 -46.86 -41.36 33.65
C LYS B 378 -47.54 -42.71 33.82
N LEU B 379 -47.00 -43.76 33.19
CA LEU B 379 -47.64 -45.08 33.32
C LEU B 379 -47.65 -45.58 34.77
N ARG B 380 -46.54 -45.42 35.49
CA ARG B 380 -46.46 -45.86 36.88
C ARG B 380 -47.25 -44.93 37.82
N ASP B 451 -27.54 -47.83 28.67
CA ASP B 451 -27.49 -48.39 27.32
C ASP B 451 -27.41 -47.29 26.27
N THR B 452 -26.95 -47.64 25.08
CA THR B 452 -26.72 -46.68 24.01
C THR B 452 -27.92 -46.61 23.08
N HIS B 453 -28.36 -45.39 22.78
CA HIS B 453 -29.44 -45.15 21.84
C HIS B 453 -29.04 -45.62 20.45
N ALA B 454 -30.02 -46.02 19.65
CA ALA B 454 -29.73 -46.52 18.31
C ALA B 454 -29.11 -45.47 17.42
N ILE B 455 -29.50 -44.20 17.61
CA ILE B 455 -28.96 -43.13 16.78
C ILE B 455 -27.46 -43.00 16.99
N ASP B 456 -27.00 -43.10 18.24
CA ASP B 456 -25.55 -43.06 18.49
C ASP B 456 -24.83 -44.22 17.81
N LYS B 457 -25.37 -45.43 17.93
CA LYS B 457 -24.72 -46.59 17.34
C LYS B 457 -24.63 -46.48 15.83
N TYR B 458 -25.68 -45.98 15.18
CA TYR B 458 -25.62 -45.86 13.74
C TYR B 458 -24.74 -44.68 13.31
N SER B 459 -24.71 -43.59 14.07
CA SER B 459 -23.87 -42.45 13.74
C SER B 459 -22.42 -42.83 13.78
N ARG B 460 -22.03 -43.65 14.77
CA ARG B 460 -20.65 -44.06 14.90
C ARG B 460 -20.11 -44.70 13.63
N ILE B 461 -20.97 -45.32 12.82
CA ILE B 461 -20.56 -45.90 11.54
C ILE B 461 -20.79 -44.94 10.38
N ILE B 462 -21.92 -44.24 10.38
CA ILE B 462 -22.33 -43.50 9.19
C ILE B 462 -21.46 -42.29 8.97
N PHE B 463 -21.13 -41.53 10.02
CA PHE B 463 -20.39 -40.29 9.80
C PHE B 463 -19.01 -40.52 9.18
N PRO B 464 -18.16 -41.40 9.71
CA PRO B 464 -16.85 -41.63 9.06
C PRO B 464 -16.96 -42.14 7.62
N ALA B 465 -17.92 -43.02 7.32
CA ALA B 465 -18.05 -43.54 5.97
C ALA B 465 -18.43 -42.44 4.99
N ALA B 466 -19.34 -41.57 5.37
CA ALA B 466 -19.70 -40.45 4.53
C ALA B 466 -18.52 -39.53 4.29
N TYR B 467 -17.73 -39.25 5.33
CA TYR B 467 -16.57 -38.38 5.12
C TYR B 467 -15.56 -39.01 4.17
N ILE B 468 -15.31 -40.32 4.32
CA ILE B 468 -14.35 -41.00 3.45
C ILE B 468 -14.85 -41.01 2.00
N LEU B 469 -16.15 -41.24 1.79
CA LEU B 469 -16.69 -41.23 0.45
C LEU B 469 -16.55 -39.85 -0.20
N PHE B 470 -16.84 -38.79 0.56
CA PHE B 470 -16.67 -37.45 0.04
C PHE B 470 -15.21 -37.18 -0.33
N ASN B 471 -14.28 -37.62 0.51
CA ASN B 471 -12.88 -37.41 0.21
C ASN B 471 -12.45 -38.13 -1.06
N LEU B 472 -12.92 -39.36 -1.25
CA LEU B 472 -12.57 -40.10 -2.47
C LEU B 472 -13.05 -39.35 -3.70
N ILE B 473 -14.32 -38.92 -3.70
CA ILE B 473 -14.84 -38.23 -4.88
C ILE B 473 -14.10 -36.92 -5.13
N TYR B 474 -13.86 -36.14 -4.07
CA TYR B 474 -13.20 -34.85 -4.21
C TYR B 474 -11.80 -34.99 -4.80
N TRP B 475 -10.99 -35.90 -4.24
CA TRP B 475 -9.63 -36.02 -4.72
C TRP B 475 -9.55 -36.76 -6.05
N SER B 476 -10.61 -37.46 -6.46
CA SER B 476 -10.63 -37.95 -7.83
C SER B 476 -10.93 -36.83 -8.81
N ILE B 477 -11.83 -35.89 -8.46
CA ILE B 477 -12.17 -34.79 -9.36
C ILE B 477 -11.01 -33.80 -9.47
N PHE B 478 -10.42 -33.41 -8.35
CA PHE B 478 -9.40 -32.37 -8.33
C PHE B 478 -7.98 -32.94 -8.29
N SER B 479 -7.83 -34.24 -8.51
CA SER B 479 -6.55 -34.93 -8.64
C SER B 479 -5.72 -34.95 -7.38
N LYS C 74 16.08 13.91 -49.08
CA LYS C 74 15.32 14.05 -47.85
C LYS C 74 13.83 14.05 -48.13
N SER C 75 13.09 13.21 -47.40
CA SER C 75 11.66 13.06 -47.65
C SER C 75 10.85 14.25 -47.18
N GLU C 76 11.36 15.04 -46.24
CA GLU C 76 10.65 16.22 -45.77
C GLU C 76 10.68 17.36 -46.77
N GLN C 77 11.44 17.24 -47.85
CA GLN C 77 11.44 18.26 -48.89
C GLN C 77 10.39 18.03 -49.94
N LEU C 78 9.86 16.82 -50.06
CA LEU C 78 8.71 16.59 -50.94
C LEU C 78 7.48 17.28 -50.41
N LEU C 79 7.29 17.25 -49.09
CA LEU C 79 6.23 18.02 -48.44
C LEU C 79 6.78 19.41 -48.13
N ARG C 80 6.18 20.43 -48.73
CA ARG C 80 6.72 21.79 -48.64
C ARG C 80 6.45 22.32 -47.24
N ILE C 81 7.27 21.86 -46.29
CA ILE C 81 7.04 22.18 -44.89
C ILE C 81 7.18 23.67 -44.62
N ASP C 82 8.22 24.29 -45.16
CA ASP C 82 8.51 25.69 -44.89
C ASP C 82 7.69 26.66 -45.72
N ASP C 83 6.91 26.17 -46.69
CA ASP C 83 6.12 27.03 -47.56
C ASP C 83 4.72 27.28 -47.02
N HIS C 84 4.39 26.76 -45.84
CA HIS C 84 3.05 26.91 -45.29
C HIS C 84 3.15 27.19 -43.80
N ASP C 85 2.12 27.85 -43.27
CA ASP C 85 1.98 28.09 -41.84
C ASP C 85 1.16 26.96 -41.25
N PHE C 86 1.78 26.16 -40.38
CA PHE C 86 1.11 25.03 -39.77
C PHE C 86 0.64 25.29 -38.35
N SER C 87 0.39 26.54 -38.01
CA SER C 87 -0.31 26.88 -36.76
C SER C 87 -1.81 27.01 -36.95
N MET C 88 -2.31 26.94 -38.18
CA MET C 88 -3.72 27.08 -38.48
C MET C 88 -4.30 25.78 -39.02
N ARG C 89 -5.59 25.62 -38.85
CA ARG C 89 -6.29 24.41 -39.27
C ARG C 89 -6.47 24.39 -40.78
N PRO C 90 -6.63 23.21 -41.38
CA PRO C 90 -7.01 23.15 -42.78
C PRO C 90 -8.39 23.72 -42.99
N GLY C 91 -8.58 24.39 -44.11
CA GLY C 91 -9.84 25.03 -44.38
C GLY C 91 -10.16 26.20 -43.50
N PHE C 92 -9.16 26.88 -42.98
CA PHE C 92 -9.39 27.98 -42.05
C PHE C 92 -10.19 29.10 -42.71
N GLY C 93 -11.19 29.60 -42.00
CA GLY C 93 -12.07 30.63 -42.50
C GLY C 93 -13.30 30.13 -43.22
N GLY C 94 -13.42 28.84 -43.44
CA GLY C 94 -14.56 28.28 -44.12
C GLY C 94 -15.26 27.25 -43.25
N PRO C 95 -15.86 26.26 -43.90
CA PRO C 95 -16.56 25.21 -43.15
C PRO C 95 -15.61 24.39 -42.29
N ALA C 96 -16.16 23.85 -41.21
CA ALA C 96 -15.38 23.06 -40.27
C ALA C 96 -14.85 21.80 -40.93
N ILE C 97 -13.69 21.36 -40.47
CA ILE C 97 -13.06 20.17 -41.04
C ILE C 97 -13.50 18.93 -40.27
N PRO C 98 -14.00 17.91 -40.95
CA PRO C 98 -14.41 16.70 -40.23
C PRO C 98 -13.24 15.78 -39.89
N VAL C 99 -13.30 15.17 -38.70
CA VAL C 99 -12.28 14.26 -38.21
C VAL C 99 -12.97 12.99 -37.72
N GLY C 100 -12.56 11.84 -38.23
CA GLY C 100 -13.09 10.55 -37.82
C GLY C 100 -12.19 9.84 -36.83
N VAL C 101 -12.78 9.00 -35.98
CA VAL C 101 -12.09 8.36 -34.87
C VAL C 101 -12.40 6.87 -34.85
N ASP C 102 -11.37 6.06 -34.60
CA ASP C 102 -11.50 4.62 -34.31
C ASP C 102 -10.81 4.32 -33.01
N VAL C 103 -11.32 3.34 -32.28
CA VAL C 103 -10.76 2.92 -31.00
C VAL C 103 -10.71 1.40 -30.94
N GLN C 104 -9.58 0.86 -30.47
CA GLN C 104 -9.44 -0.57 -30.18
C GLN C 104 -8.98 -0.73 -28.75
N VAL C 105 -9.79 -1.42 -27.94
CA VAL C 105 -9.52 -1.58 -26.51
C VAL C 105 -8.64 -2.81 -26.32
N GLU C 106 -7.48 -2.63 -25.70
CA GLU C 106 -6.50 -3.69 -25.54
C GLU C 106 -6.61 -4.39 -24.20
N SER C 107 -6.86 -3.68 -23.10
CA SER C 107 -7.03 -4.33 -21.81
C SER C 107 -7.75 -3.41 -20.86
N LEU C 108 -8.29 -4.00 -19.81
CA LEU C 108 -8.73 -3.29 -18.62
C LEU C 108 -7.76 -3.62 -17.51
N ASP C 109 -7.06 -2.63 -17.01
CA ASP C 109 -5.94 -2.89 -16.12
C ASP C 109 -6.39 -3.14 -14.68
N SER C 110 -7.28 -2.31 -14.15
CA SER C 110 -7.69 -2.44 -12.76
C SER C 110 -8.94 -1.61 -12.53
N ILE C 111 -9.54 -1.79 -11.37
CA ILE C 111 -10.68 -0.98 -10.92
C ILE C 111 -10.59 -0.80 -9.42
N SER C 112 -10.89 0.42 -8.96
CA SER C 112 -10.78 0.80 -7.56
C SER C 112 -12.14 1.25 -7.03
N GLU C 113 -12.62 0.58 -5.99
CA GLU C 113 -13.92 0.93 -5.42
C GLU C 113 -13.85 2.07 -4.41
N VAL C 114 -12.74 2.21 -3.69
CA VAL C 114 -12.63 3.29 -2.72
C VAL C 114 -12.51 4.64 -3.42
N ASP C 115 -11.67 4.73 -4.45
CA ASP C 115 -11.51 5.96 -5.20
C ASP C 115 -12.44 6.08 -6.39
N MET C 116 -13.13 5.00 -6.77
CA MET C 116 -14.14 5.01 -7.83
C MET C 116 -13.55 5.43 -9.19
N ASP C 117 -12.66 4.60 -9.71
CA ASP C 117 -12.06 4.83 -11.02
C ASP C 117 -11.61 3.51 -11.62
N PHE C 118 -11.26 3.54 -12.92
CA PHE C 118 -10.79 2.37 -13.65
C PHE C 118 -9.68 2.79 -14.61
N THR C 119 -8.87 1.82 -15.04
CA THR C 119 -7.72 2.04 -15.91
C THR C 119 -7.84 1.19 -17.18
N MET C 120 -7.51 1.80 -18.32
CA MET C 120 -7.68 1.17 -19.62
C MET C 120 -6.51 1.52 -20.55
N THR C 121 -6.11 0.58 -21.40
CA THR C 121 -5.11 0.79 -22.43
C THR C 121 -5.74 0.56 -23.80
N LEU C 122 -5.47 1.44 -24.76
CA LEU C 122 -6.17 1.37 -26.03
C LEU C 122 -5.34 1.99 -27.14
N TYR C 123 -5.76 1.75 -28.38
CA TYR C 123 -5.26 2.43 -29.57
C TYR C 123 -6.26 3.50 -30.00
N LEU C 124 -5.77 4.68 -30.32
CA LEU C 124 -6.59 5.78 -30.80
C LEU C 124 -6.14 6.15 -32.21
N ARG C 125 -7.09 6.27 -33.15
CA ARG C 125 -6.77 6.56 -34.55
C ARG C 125 -7.60 7.72 -35.05
N HIS C 126 -7.00 8.60 -35.85
CA HIS C 126 -7.64 9.78 -36.43
C HIS C 126 -7.50 9.76 -37.94
N TYR C 127 -8.49 10.32 -38.64
CA TYR C 127 -8.51 10.42 -40.10
C TYR C 127 -8.93 11.82 -40.51
N TRP C 128 -8.18 12.43 -41.42
CA TRP C 128 -8.57 13.71 -41.99
C TRP C 128 -7.80 13.95 -43.29
N LYS C 129 -8.19 15.00 -44.00
CA LYS C 129 -7.58 15.33 -45.27
C LYS C 129 -7.00 16.73 -45.23
N ASP C 130 -5.82 16.91 -45.81
CA ASP C 130 -5.16 18.21 -45.86
C ASP C 130 -4.44 18.34 -47.20
N GLU C 131 -4.91 19.27 -48.04
CA GLU C 131 -4.31 19.45 -49.36
C GLU C 131 -2.89 19.98 -49.29
N ARG C 132 -2.48 20.58 -48.17
CA ARG C 132 -1.14 21.11 -48.07
C ARG C 132 -0.07 20.05 -48.08
N LEU C 133 -0.42 18.81 -47.78
CA LEU C 133 0.54 17.72 -47.68
C LEU C 133 0.61 16.86 -48.93
N SER C 134 -0.05 17.25 -50.00
CA SER C 134 0.02 16.48 -51.23
C SER C 134 1.40 16.56 -51.86
N PHE C 135 1.87 15.43 -52.39
CA PHE C 135 3.17 15.36 -53.04
C PHE C 135 3.07 14.54 -54.31
N PRO C 136 3.87 14.87 -55.32
CA PRO C 136 3.82 14.09 -56.56
C PRO C 136 4.38 12.69 -56.39
N SER C 137 3.81 11.77 -57.14
CA SER C 137 4.26 10.39 -57.10
C SER C 137 3.97 9.72 -58.43
N THR C 138 4.92 8.92 -58.90
CA THR C 138 4.74 8.14 -60.12
C THR C 138 4.04 6.81 -59.86
N ASN C 139 3.73 6.52 -58.60
CA ASN C 139 2.95 5.35 -58.22
C ASN C 139 2.06 5.77 -57.07
N ASN C 140 1.42 4.80 -56.44
CA ASN C 140 0.46 5.07 -55.39
C ASN C 140 0.93 4.53 -54.04
N LEU C 141 2.23 4.61 -53.79
CA LEU C 141 2.77 4.24 -52.49
C LEU C 141 2.71 5.43 -51.55
N SER C 142 2.51 5.12 -50.27
CA SER C 142 2.44 6.14 -49.24
C SER C 142 3.75 6.24 -48.48
N MET C 143 3.91 7.32 -47.73
CA MET C 143 5.08 7.56 -46.92
C MET C 143 4.71 7.51 -45.44
N THR C 144 5.57 6.91 -44.63
CA THR C 144 5.33 6.73 -43.20
C THR C 144 6.40 7.44 -42.38
N PHE C 145 5.98 8.17 -41.35
CA PHE C 145 6.86 8.93 -40.49
C PHE C 145 6.56 8.60 -39.03
N ASP C 146 7.51 8.88 -38.17
CA ASP C 146 7.38 8.68 -36.73
C ASP C 146 6.99 9.99 -36.05
N GLY C 147 7.06 10.00 -34.71
CA GLY C 147 6.63 11.13 -33.93
C GLY C 147 7.45 12.39 -34.11
N ARG C 148 8.62 12.31 -34.73
CA ARG C 148 9.43 13.51 -34.92
C ARG C 148 8.80 14.49 -35.90
N LEU C 149 7.87 14.02 -36.74
CA LEU C 149 7.21 14.90 -37.71
C LEU C 149 6.02 15.64 -37.11
N VAL C 150 5.50 15.20 -35.97
CA VAL C 150 4.26 15.78 -35.45
C VAL C 150 4.43 17.26 -35.16
N LYS C 151 5.58 17.66 -34.63
CA LYS C 151 5.80 19.03 -34.23
C LYS C 151 5.92 19.99 -35.40
N LYS C 152 6.00 19.50 -36.62
CA LYS C 152 6.14 20.36 -37.78
C LYS C 152 4.84 20.57 -38.56
N ILE C 153 3.76 19.87 -38.21
CA ILE C 153 2.50 19.96 -38.94
C ILE C 153 1.37 20.11 -37.93
N TRP C 154 0.15 20.30 -38.44
CA TRP C 154 -1.05 20.45 -37.63
C TRP C 154 -1.69 19.08 -37.38
N VAL C 155 -2.08 18.82 -36.14
CA VAL C 155 -2.77 17.57 -35.77
C VAL C 155 -3.91 17.90 -34.82
N PRO C 156 -4.93 17.05 -34.77
CA PRO C 156 -6.04 17.26 -33.83
C PRO C 156 -5.63 17.10 -32.37
N ASP C 157 -6.19 17.95 -31.50
CA ASP C 157 -5.86 18.00 -30.07
C ASP C 157 -6.96 17.38 -29.22
N MET C 158 -7.08 16.06 -29.24
CA MET C 158 -8.07 15.36 -28.44
C MET C 158 -7.58 15.18 -27.00
N PHE C 159 -8.53 15.13 -26.06
CA PHE C 159 -8.23 14.85 -24.66
C PHE C 159 -9.37 14.06 -24.04
N PHE C 160 -9.12 13.45 -22.90
CA PHE C 160 -10.06 12.59 -22.22
C PHE C 160 -10.76 13.38 -21.12
N VAL C 161 -12.07 13.44 -21.17
CA VAL C 161 -12.86 14.20 -20.22
C VAL C 161 -13.04 13.39 -18.95
N HIS C 162 -12.96 14.06 -17.81
CA HIS C 162 -13.09 13.43 -16.50
C HIS C 162 -12.00 12.40 -16.24
N SER C 163 -10.79 12.62 -16.74
CA SER C 163 -9.67 11.73 -16.49
C SER C 163 -8.81 12.26 -15.36
N LYS C 164 -8.14 11.34 -14.68
CA LYS C 164 -7.28 11.67 -13.56
C LYS C 164 -5.80 11.61 -13.89
N ARG C 165 -5.38 10.74 -14.81
CA ARG C 165 -3.98 10.66 -15.22
C ARG C 165 -3.91 9.82 -16.49
N SER C 166 -2.93 10.11 -17.34
CA SER C 166 -2.74 9.36 -18.57
C SER C 166 -1.34 9.60 -19.11
N PHE C 167 -0.89 8.70 -19.99
CA PHE C 167 0.41 8.84 -20.62
C PHE C 167 0.46 8.05 -21.92
N ILE C 168 1.47 8.37 -22.73
CA ILE C 168 1.73 7.68 -23.99
C ILE C 168 2.97 6.83 -23.81
N HIS C 169 2.90 5.58 -24.24
CA HIS C 169 4.01 4.64 -24.12
C HIS C 169 5.18 5.06 -25.00
N ASP C 170 6.40 4.83 -24.52
CA ASP C 170 7.57 5.33 -25.24
C ASP C 170 8.76 4.35 -25.23
N THR C 171 8.51 3.05 -25.23
CA THR C 171 9.56 2.04 -25.30
C THR C 171 9.33 1.14 -26.50
N THR C 172 10.34 0.96 -27.36
CA THR C 172 11.67 1.52 -27.18
C THR C 172 11.78 2.92 -27.76
N THR C 173 10.74 3.37 -28.45
CA THR C 173 10.62 4.74 -28.90
C THR C 173 9.15 5.12 -28.78
N ASP C 174 8.82 6.36 -29.11
CA ASP C 174 7.43 6.81 -28.99
C ASP C 174 6.52 5.99 -29.86
N ASN C 175 5.40 5.55 -29.30
CA ASN C 175 4.42 4.73 -30.02
C ASN C 175 3.45 5.64 -30.77
N VAL C 176 3.98 6.35 -31.76
CA VAL C 176 3.25 7.32 -32.58
C VAL C 176 3.57 7.08 -34.04
N MET C 177 2.56 7.10 -34.90
CA MET C 177 2.74 6.82 -36.32
C MET C 177 1.92 7.80 -37.16
N LEU C 178 2.46 8.19 -38.32
CA LEU C 178 1.78 9.06 -39.28
C LEU C 178 1.97 8.48 -40.67
N ARG C 179 0.88 8.36 -41.44
CA ARG C 179 0.92 7.84 -42.79
C ARG C 179 0.21 8.80 -43.73
N VAL C 180 0.86 9.18 -44.83
CA VAL C 180 0.33 10.18 -45.74
C VAL C 180 0.16 9.58 -47.12
N GLN C 181 -1.04 9.68 -47.67
CA GLN C 181 -1.33 9.26 -49.04
C GLN C 181 -0.89 10.35 -50.01
N PRO C 182 -0.66 9.99 -51.27
CA PRO C 182 -0.26 11.01 -52.26
C PRO C 182 -1.28 12.11 -52.47
N ASP C 183 -2.56 11.86 -52.22
CA ASP C 183 -3.59 12.87 -52.43
C ASP C 183 -3.86 13.71 -51.20
N GLY C 184 -3.15 13.48 -50.10
CA GLY C 184 -3.25 14.31 -48.92
C GLY C 184 -4.01 13.74 -47.75
N LYS C 185 -4.45 12.50 -47.80
CA LYS C 185 -5.12 11.87 -46.66
C LYS C 185 -4.12 11.43 -45.61
N VAL C 186 -4.46 11.64 -44.34
CA VAL C 186 -3.56 11.39 -43.22
C VAL C 186 -4.20 10.43 -42.25
N LEU C 187 -3.40 9.52 -41.69
CA LEU C 187 -3.76 8.63 -40.58
C LEU C 187 -2.81 8.86 -39.42
N TYR C 188 -3.34 9.04 -38.23
CA TYR C 188 -2.59 9.39 -37.02
C TYR C 188 -2.98 8.42 -35.92
N SER C 189 -2.03 7.67 -35.40
CA SER C 189 -2.29 6.59 -34.46
C SER C 189 -1.34 6.64 -33.28
N LEU C 190 -1.82 6.32 -32.09
CA LEU C 190 -0.97 6.30 -30.91
C LEU C 190 -1.54 5.35 -29.87
N ARG C 191 -0.70 4.95 -28.93
CA ARG C 191 -1.03 3.96 -27.91
C ARG C 191 -0.94 4.61 -26.52
N VAL C 192 -2.00 4.52 -25.73
CA VAL C 192 -2.17 5.34 -24.53
C VAL C 192 -2.80 4.53 -23.41
N THR C 193 -2.51 4.88 -22.17
CA THR C 193 -3.14 4.33 -20.98
C THR C 193 -3.78 5.47 -20.18
N VAL C 194 -5.01 5.29 -19.73
CA VAL C 194 -5.80 6.37 -19.13
C VAL C 194 -6.53 5.87 -17.90
N THR C 195 -6.59 6.70 -16.86
CA THR C 195 -7.38 6.47 -15.66
C THR C 195 -8.53 7.47 -15.60
N ALA C 196 -9.75 6.97 -15.48
CA ALA C 196 -10.94 7.79 -15.53
C ALA C 196 -11.88 7.52 -14.35
N MET C 197 -12.64 8.53 -13.97
CA MET C 197 -13.54 8.45 -12.83
C MET C 197 -14.85 7.76 -13.19
N CYS C 198 -15.46 7.16 -12.18
CA CYS C 198 -16.71 6.42 -12.38
C CYS C 198 -17.48 6.42 -11.06
N ASN C 199 -18.58 7.16 -11.00
CA ASN C 199 -19.38 7.20 -9.79
C ASN C 199 -20.17 5.90 -9.61
N MET C 200 -20.08 5.31 -8.44
CA MET C 200 -20.70 4.03 -8.15
C MET C 200 -21.60 4.13 -6.92
N ASP C 201 -22.58 3.24 -6.85
CA ASP C 201 -23.52 3.17 -5.75
C ASP C 201 -23.56 1.75 -5.21
N PHE C 202 -23.38 1.60 -3.89
CA PHE C 202 -23.29 0.27 -3.27
C PHE C 202 -24.43 -0.02 -2.30
N SER C 203 -25.59 0.60 -2.49
CA SER C 203 -26.69 0.37 -1.58
C SER C 203 -27.20 -1.07 -1.64
N ARG C 204 -27.15 -1.69 -2.80
CA ARG C 204 -27.66 -3.05 -2.99
C ARG C 204 -26.55 -4.08 -3.03
N PHE C 205 -25.38 -3.78 -2.48
CA PHE C 205 -24.29 -4.73 -2.43
C PHE C 205 -24.72 -5.99 -1.69
N PRO C 206 -24.39 -7.19 -2.20
CA PRO C 206 -23.62 -7.50 -3.40
C PRO C 206 -24.42 -7.75 -4.66
N LEU C 207 -25.66 -7.26 -4.73
CA LEU C 207 -26.50 -7.42 -5.91
C LEU C 207 -26.59 -6.14 -6.74
N ASP C 208 -25.56 -5.31 -6.72
CA ASP C 208 -25.57 -4.04 -7.44
C ASP C 208 -25.07 -4.20 -8.88
N THR C 209 -25.40 -3.22 -9.71
CA THR C 209 -24.97 -3.15 -11.10
C THR C 209 -24.41 -1.76 -11.37
N GLN C 210 -23.30 -1.70 -12.11
CA GLN C 210 -22.62 -0.43 -12.36
C GLN C 210 -22.49 -0.19 -13.84
N THR C 211 -22.59 1.07 -14.26
CA THR C 211 -22.35 1.46 -15.64
C THR C 211 -21.26 2.51 -15.69
N CYS C 212 -20.30 2.34 -16.59
CA CYS C 212 -19.17 3.24 -16.70
C CYS C 212 -18.99 3.69 -18.14
N SER C 213 -18.29 4.81 -18.33
CA SER C 213 -18.07 5.33 -19.67
C SER C 213 -16.78 6.13 -19.73
N LEU C 214 -16.18 6.16 -20.90
CA LEU C 214 -14.97 6.92 -21.21
C LEU C 214 -15.30 7.89 -22.34
N GLU C 215 -14.87 9.15 -22.21
CA GLU C 215 -15.34 10.25 -23.06
C GLU C 215 -14.19 10.98 -23.76
N ILE C 216 -14.42 11.41 -24.99
CA ILE C 216 -13.41 12.05 -25.83
C ILE C 216 -13.95 13.37 -26.37
N GLU C 217 -13.12 14.40 -26.36
CA GLU C 217 -13.51 15.71 -26.82
C GLU C 217 -12.28 16.49 -27.26
N SER C 218 -12.50 17.45 -28.14
CA SER C 218 -11.44 18.38 -28.55
C SER C 218 -11.29 19.50 -27.53
N TYR C 219 -10.03 19.88 -27.25
CA TYR C 219 -9.75 20.85 -26.19
C TYR C 219 -9.96 22.29 -26.64
N ALA C 220 -9.60 22.63 -27.87
CA ALA C 220 -9.55 24.02 -28.30
C ALA C 220 -10.48 24.40 -29.44
N TYR C 221 -11.14 23.46 -30.10
CA TYR C 221 -11.94 23.74 -31.28
C TYR C 221 -13.41 23.41 -31.02
N THR C 222 -14.30 24.37 -31.29
CA THR C 222 -15.73 24.16 -31.13
C THR C 222 -16.31 23.49 -32.36
N GLU C 223 -17.61 23.25 -32.34
CA GLU C 223 -18.27 22.56 -33.44
C GLU C 223 -18.24 23.37 -34.73
N ASP C 224 -17.99 24.66 -34.65
CA ASP C 224 -17.90 25.47 -35.87
C ASP C 224 -16.57 25.34 -36.57
N ASP C 225 -15.54 24.81 -35.90
CA ASP C 225 -14.21 24.65 -36.47
C ASP C 225 -13.80 23.21 -36.68
N LEU C 226 -14.27 22.28 -35.84
CA LEU C 226 -13.88 20.88 -35.94
C LEU C 226 -15.10 20.01 -35.70
N MET C 227 -15.34 19.07 -36.61
CA MET C 227 -16.49 18.18 -36.55
C MET C 227 -15.98 16.77 -36.24
N LEU C 228 -16.33 16.27 -35.06
CA LEU C 228 -15.84 14.99 -34.57
C LEU C 228 -16.97 13.97 -34.64
N TYR C 229 -16.67 12.78 -35.19
CA TYR C 229 -17.68 11.74 -35.37
C TYR C 229 -16.98 10.39 -35.41
N TRP C 230 -17.74 9.32 -35.19
CA TRP C 230 -17.24 7.95 -35.34
C TRP C 230 -17.13 7.59 -36.81
N LYS C 231 -16.01 7.01 -37.21
CA LYS C 231 -15.75 6.82 -38.64
C LYS C 231 -16.70 5.84 -39.30
N LYS C 232 -17.03 4.74 -38.63
CA LYS C 232 -17.87 3.70 -39.22
C LYS C 232 -19.05 3.38 -38.33
N GLY C 233 -19.61 4.38 -37.64
CA GLY C 233 -20.74 4.12 -36.79
C GLY C 233 -20.41 3.19 -35.64
N ASN C 234 -21.21 2.14 -35.47
CA ASN C 234 -21.02 1.19 -34.38
C ASN C 234 -19.94 0.16 -34.68
N ASP C 235 -19.44 0.10 -35.90
CA ASP C 235 -18.36 -0.82 -36.26
C ASP C 235 -16.99 -0.25 -35.93
N SER C 236 -16.90 0.96 -35.40
CA SER C 236 -15.63 1.60 -35.11
C SER C 236 -15.04 1.23 -33.76
N LEU C 237 -15.72 0.41 -32.96
CA LEU C 237 -15.22 0.00 -31.66
C LEU C 237 -14.88 -1.49 -31.71
N LYS C 238 -13.66 -1.84 -31.33
CA LYS C 238 -13.23 -3.22 -31.25
C LYS C 238 -12.65 -3.48 -29.87
N THR C 239 -12.88 -4.68 -29.36
CA THR C 239 -12.39 -5.07 -28.05
C THR C 239 -11.64 -6.38 -28.18
N ASP C 240 -10.68 -6.58 -27.28
CA ASP C 240 -9.85 -7.78 -27.28
C ASP C 240 -10.70 -9.01 -26.97
N GLU C 241 -10.28 -10.14 -27.52
CA GLU C 241 -11.00 -11.38 -27.32
C GLU C 241 -10.92 -11.89 -25.89
N ARG C 242 -9.89 -11.50 -25.14
CA ARG C 242 -9.62 -12.03 -23.81
C ARG C 242 -9.63 -10.95 -22.74
N ILE C 243 -10.43 -9.91 -22.92
CA ILE C 243 -10.55 -8.87 -21.89
C ILE C 243 -11.29 -9.42 -20.68
N SER C 244 -10.72 -9.21 -19.49
CA SER C 244 -11.31 -9.79 -18.29
C SER C 244 -10.90 -8.97 -17.08
N LEU C 245 -11.68 -9.11 -16.02
CA LEU C 245 -11.37 -8.56 -14.72
C LEU C 245 -11.53 -9.67 -13.69
N SER C 246 -10.75 -9.56 -12.63
CA SER C 246 -10.69 -10.63 -11.64
C SER C 246 -12.00 -10.76 -10.88
N GLN C 247 -12.58 -9.64 -10.44
CA GLN C 247 -13.73 -9.66 -9.54
C GLN C 247 -15.03 -9.16 -10.16
N PHE C 248 -15.09 -8.96 -11.47
CA PHE C 248 -16.26 -8.43 -12.16
C PHE C 248 -16.48 -9.19 -13.45
N LEU C 249 -17.69 -9.12 -13.95
CA LEU C 249 -18.07 -9.57 -15.28
C LEU C 249 -18.34 -8.35 -16.15
N ILE C 250 -17.86 -8.37 -17.39
CA ILE C 250 -17.90 -7.22 -18.30
C ILE C 250 -18.74 -7.54 -19.51
N GLN C 251 -19.58 -6.59 -19.93
CA GLN C 251 -20.49 -6.87 -21.02
C GLN C 251 -21.01 -5.59 -21.66
N GLU C 252 -21.55 -5.74 -22.86
CA GLU C 252 -22.34 -4.70 -23.55
C GLU C 252 -21.57 -3.42 -23.85
N PHE C 253 -20.56 -3.53 -24.71
CA PHE C 253 -19.89 -2.35 -25.23
C PHE C 253 -20.69 -1.72 -26.36
N HIS C 254 -20.80 -0.39 -26.34
CA HIS C 254 -21.41 0.33 -27.45
C HIS C 254 -20.97 1.78 -27.38
N THR C 255 -21.18 2.50 -28.49
CA THR C 255 -20.74 3.88 -28.63
C THR C 255 -21.91 4.82 -28.86
N THR C 256 -21.81 6.05 -28.33
CA THR C 256 -22.84 7.09 -28.52
C THR C 256 -22.18 8.44 -28.73
N THR C 257 -22.99 9.45 -29.02
CA THR C 257 -22.55 10.82 -29.21
C THR C 257 -23.51 11.76 -28.50
N LYS C 258 -23.02 12.94 -28.12
CA LYS C 258 -23.82 13.96 -27.47
C LYS C 258 -23.08 15.29 -27.54
N LEU C 259 -23.82 16.39 -27.57
CA LEU C 259 -23.27 17.74 -27.63
C LEU C 259 -23.19 18.38 -26.25
N ALA C 260 -22.09 19.07 -25.97
CA ALA C 260 -21.86 19.74 -24.69
C ALA C 260 -21.64 21.23 -24.90
N PHE C 261 -22.09 22.03 -23.94
CA PHE C 261 -22.01 23.49 -24.00
C PHE C 261 -21.16 24.01 -22.86
N TYR C 262 -20.23 24.91 -23.18
CA TYR C 262 -19.44 25.66 -22.21
C TYR C 262 -19.75 27.13 -22.43
N SER C 263 -20.04 27.87 -21.37
CA SER C 263 -20.41 29.29 -21.52
C SER C 263 -19.25 30.13 -22.00
N SER C 264 -18.01 29.74 -21.69
CA SER C 264 -16.87 30.57 -22.04
C SER C 264 -16.56 30.50 -23.53
N THR C 265 -16.80 29.36 -24.19
CA THR C 265 -16.41 29.24 -25.59
C THR C 265 -17.50 28.71 -26.52
N GLY C 266 -18.41 27.84 -26.06
CA GLY C 266 -19.45 27.39 -26.97
C GLY C 266 -19.77 25.92 -26.99
N TRP C 267 -20.17 25.38 -28.15
CA TRP C 267 -20.66 24.02 -28.26
C TRP C 267 -19.56 23.07 -28.75
N TYR C 268 -19.54 21.85 -28.19
CA TYR C 268 -18.55 20.84 -28.52
C TYR C 268 -19.24 19.49 -28.74
N ASN C 269 -18.68 18.68 -29.63
CA ASN C 269 -19.08 17.28 -29.81
C ASN C 269 -18.31 16.39 -28.86
N ARG C 270 -18.98 15.41 -28.28
CA ARG C 270 -18.37 14.49 -27.35
C ARG C 270 -18.74 13.06 -27.73
N LEU C 271 -17.77 12.14 -27.62
CA LEU C 271 -17.95 10.74 -27.95
C LEU C 271 -17.83 9.89 -26.69
N TYR C 272 -18.60 8.81 -26.64
CA TYR C 272 -18.74 7.97 -25.45
C TYR C 272 -18.47 6.51 -25.77
N ILE C 273 -17.93 5.79 -24.79
CA ILE C 273 -17.76 4.33 -24.82
C ILE C 273 -18.33 3.77 -23.52
N ASN C 274 -19.35 2.91 -23.62
CA ASN C 274 -20.11 2.46 -22.46
C ASN C 274 -19.96 0.96 -22.23
N PHE C 275 -20.02 0.54 -20.97
CA PHE C 275 -19.96 -0.87 -20.59
C PHE C 275 -20.57 -1.05 -19.20
N THR C 276 -20.83 -2.29 -18.81
CA THR C 276 -21.53 -2.63 -17.58
C THR C 276 -20.74 -3.66 -16.77
N LEU C 277 -20.88 -3.62 -15.45
CA LEU C 277 -20.16 -4.50 -14.53
C LEU C 277 -21.13 -5.25 -13.64
N ARG C 278 -20.82 -6.52 -13.35
CA ARG C 278 -21.62 -7.35 -12.45
C ARG C 278 -20.70 -8.27 -11.65
N ARG C 279 -21.20 -8.74 -10.51
CA ARG C 279 -20.43 -9.60 -9.62
C ARG C 279 -20.88 -11.05 -9.73
N HIS C 280 -20.14 -11.92 -9.03
CA HIS C 280 -20.49 -13.34 -8.91
C HIS C 280 -21.33 -13.52 -7.64
N ILE C 281 -22.62 -13.79 -7.81
CA ILE C 281 -23.56 -13.79 -6.69
C ILE C 281 -23.34 -14.98 -5.77
N PHE C 282 -23.10 -16.17 -6.34
CA PHE C 282 -23.04 -17.39 -5.54
C PHE C 282 -21.89 -17.38 -4.55
N PHE C 283 -20.75 -16.80 -4.91
CA PHE C 283 -19.63 -16.68 -3.98
C PHE C 283 -20.04 -15.89 -2.74
N PHE C 284 -20.69 -14.75 -2.93
CA PHE C 284 -21.11 -13.93 -1.80
C PHE C 284 -22.21 -14.61 -1.00
N LEU C 285 -23.14 -15.29 -1.68
CA LEU C 285 -24.14 -16.07 -0.96
C LEU C 285 -23.48 -17.05 -0.01
N LEU C 286 -22.56 -17.86 -0.53
CA LEU C 286 -21.90 -18.89 0.26
C LEU C 286 -21.06 -18.30 1.39
N GLN C 287 -20.39 -17.19 1.15
CA GLN C 287 -19.51 -16.64 2.19
C GLN C 287 -20.27 -15.92 3.28
N THR C 288 -21.45 -15.34 2.98
CA THR C 288 -22.11 -14.47 3.94
C THR C 288 -23.46 -14.99 4.41
N TYR C 289 -24.37 -15.31 3.51
CA TYR C 289 -25.74 -15.59 3.95
C TYR C 289 -25.87 -16.97 4.57
N PHE C 290 -25.06 -17.93 4.11
CA PHE C 290 -25.12 -19.30 4.61
C PHE C 290 -24.75 -19.41 6.09
N PRO C 291 -23.62 -18.88 6.56
CA PRO C 291 -23.29 -19.02 7.99
C PRO C 291 -24.29 -18.36 8.92
N ALA C 292 -24.82 -17.19 8.55
CA ALA C 292 -25.76 -16.50 9.41
C ALA C 292 -27.05 -17.31 9.57
N THR C 293 -27.55 -17.87 8.49
CA THR C 293 -28.75 -18.70 8.56
C THR C 293 -28.50 -19.95 9.38
N LEU C 294 -27.33 -20.58 9.21
CA LEU C 294 -27.02 -21.77 10.00
C LEU C 294 -26.94 -21.45 11.49
N MET C 295 -26.35 -20.31 11.86
CA MET C 295 -26.28 -19.95 13.27
C MET C 295 -27.66 -19.64 13.84
N VAL C 296 -28.51 -18.95 13.07
CA VAL C 296 -29.86 -18.66 13.54
C VAL C 296 -30.63 -19.95 13.75
N MET C 297 -30.51 -20.91 12.83
CA MET C 297 -31.21 -22.18 13.02
C MET C 297 -30.63 -22.99 14.17
N LEU C 298 -29.33 -22.89 14.40
CA LEU C 298 -28.73 -23.60 15.53
C LEU C 298 -29.20 -23.04 16.86
N SER C 299 -29.47 -21.73 16.92
CA SER C 299 -29.97 -21.16 18.18
C SER C 299 -31.36 -21.68 18.55
N TRP C 300 -32.12 -22.27 17.62
CA TRP C 300 -33.46 -22.76 17.92
C TRP C 300 -33.45 -24.12 18.58
N VAL C 301 -32.31 -24.78 18.70
CA VAL C 301 -32.24 -26.10 19.29
C VAL C 301 -32.61 -26.04 20.77
N SER C 302 -32.26 -24.97 21.46
CA SER C 302 -32.48 -24.90 22.89
C SER C 302 -33.95 -24.99 23.27
N PHE C 303 -34.88 -24.70 22.35
CA PHE C 303 -36.29 -24.83 22.67
C PHE C 303 -36.71 -26.27 22.89
N TRP C 304 -35.93 -27.23 22.41
CA TRP C 304 -36.26 -28.64 22.51
C TRP C 304 -35.48 -29.38 23.60
N ILE C 305 -34.74 -28.66 24.44
CA ILE C 305 -33.97 -29.21 25.54
C ILE C 305 -34.68 -28.88 26.85
N ASP C 306 -34.58 -29.80 27.81
CA ASP C 306 -35.30 -29.69 29.08
C ASP C 306 -34.94 -28.42 29.82
N ARG C 307 -35.93 -27.80 30.46
CA ARG C 307 -35.69 -26.53 31.13
C ARG C 307 -34.90 -26.67 32.42
N ARG C 308 -34.80 -27.87 32.99
CA ARG C 308 -34.10 -28.07 34.26
C ARG C 308 -32.59 -28.12 34.12
N ALA C 309 -32.07 -28.18 32.91
CA ALA C 309 -30.63 -28.23 32.68
C ALA C 309 -30.11 -26.83 32.41
N VAL C 310 -30.01 -26.04 33.47
CA VAL C 310 -29.47 -24.68 33.35
C VAL C 310 -28.03 -24.66 32.84
N PRO C 311 -27.10 -25.48 33.36
CA PRO C 311 -25.71 -25.44 32.88
C PRO C 311 -25.54 -25.91 31.46
N ALA C 312 -26.57 -26.47 30.82
CA ALA C 312 -26.52 -26.74 29.40
C ALA C 312 -27.22 -25.68 28.57
N ARG C 313 -28.31 -25.09 29.07
CA ARG C 313 -29.07 -24.13 28.28
C ARG C 313 -28.35 -22.79 28.17
N VAL C 314 -27.73 -22.31 29.25
CA VAL C 314 -27.14 -20.98 29.22
C VAL C 314 -25.91 -20.92 28.30
N PRO C 315 -24.92 -21.80 28.46
CA PRO C 315 -23.71 -21.69 27.62
C PRO C 315 -24.00 -21.80 26.14
N LEU C 316 -24.99 -22.59 25.74
CA LEU C 316 -25.31 -22.70 24.32
C LEU C 316 -25.66 -21.34 23.73
N GLY C 317 -26.55 -20.60 24.40
CA GLY C 317 -26.95 -19.30 23.91
C GLY C 317 -25.82 -18.30 23.90
N ILE C 318 -25.04 -18.23 24.98
CA ILE C 318 -23.99 -17.22 25.04
C ILE C 318 -22.91 -17.49 23.98
N THR C 319 -22.59 -18.77 23.75
CA THR C 319 -21.61 -19.12 22.73
C THR C 319 -22.12 -18.88 21.32
N THR C 320 -23.43 -19.11 21.08
CA THR C 320 -23.98 -18.78 19.76
C THR C 320 -23.88 -17.29 19.48
N VAL C 321 -24.15 -16.45 20.49
CA VAL C 321 -23.99 -15.00 20.31
C VAL C 321 -22.54 -14.65 19.99
N LEU C 322 -21.57 -15.25 20.70
CA LEU C 322 -20.17 -14.98 20.41
C LEU C 322 -19.78 -15.39 18.99
N THR C 323 -20.25 -16.54 18.53
CA THR C 323 -19.93 -16.98 17.17
C THR C 323 -20.51 -16.04 16.13
N MET C 324 -21.75 -15.59 16.33
CA MET C 324 -22.35 -14.66 15.38
C MET C 324 -21.57 -13.34 15.35
N SER C 325 -21.14 -12.86 16.51
CA SER C 325 -20.34 -11.64 16.54
C SER C 325 -19.02 -11.78 15.79
N THR C 326 -18.32 -12.90 15.98
CA THR C 326 -17.05 -13.10 15.27
C THR C 326 -17.26 -13.18 13.76
N ILE C 327 -18.33 -13.83 13.31
CA ILE C 327 -18.61 -13.91 11.88
C ILE C 327 -18.85 -12.52 11.32
N ILE C 328 -19.61 -11.69 12.03
CA ILE C 328 -19.90 -10.34 11.54
C ILE C 328 -18.61 -9.52 11.43
N THR C 329 -17.75 -9.60 12.45
CA THR C 329 -16.48 -8.86 12.38
C THR C 329 -15.61 -9.34 11.22
N GLY C 330 -15.54 -10.65 11.01
CA GLY C 330 -14.74 -11.16 9.90
C GLY C 330 -15.25 -10.72 8.54
N VAL C 331 -16.57 -10.74 8.36
CA VAL C 331 -17.15 -10.29 7.09
C VAL C 331 -16.89 -8.81 6.88
N ASN C 332 -17.03 -7.99 7.93
CA ASN C 332 -16.78 -6.57 7.75
C ASN C 332 -15.35 -6.30 7.34
N ALA C 333 -14.39 -7.05 7.90
CA ALA C 333 -12.99 -6.77 7.58
C ALA C 333 -12.64 -7.09 6.14
N SER C 334 -13.44 -7.89 5.43
CA SER C 334 -13.05 -8.35 4.11
C SER C 334 -13.75 -7.65 2.96
N MET C 335 -14.64 -6.71 3.24
CA MET C 335 -15.35 -5.95 2.23
C MET C 335 -14.66 -4.63 2.00
N PRO C 336 -14.89 -3.98 0.86
CA PRO C 336 -14.36 -2.64 0.65
C PRO C 336 -14.88 -1.64 1.67
N ARG C 337 -14.01 -0.75 2.12
CA ARG C 337 -14.32 0.17 3.22
C ARG C 337 -15.19 1.31 2.71
N VAL C 338 -16.49 1.03 2.63
CA VAL C 338 -17.50 2.01 2.26
C VAL C 338 -18.37 2.27 3.48
N SER C 339 -18.45 3.52 3.90
CA SER C 339 -19.09 3.87 5.17
C SER C 339 -20.52 4.39 4.95
N TYR C 340 -21.40 3.51 4.48
CA TYR C 340 -22.84 3.70 4.60
C TYR C 340 -23.50 2.34 4.49
N ILE C 341 -24.79 2.29 4.81
CA ILE C 341 -25.50 1.03 5.00
C ILE C 341 -25.76 0.36 3.66
N LYS C 342 -25.43 -0.92 3.57
CA LYS C 342 -25.62 -1.74 2.39
C LYS C 342 -26.64 -2.83 2.66
N ALA C 343 -27.04 -3.54 1.60
CA ALA C 343 -28.05 -4.58 1.73
C ALA C 343 -27.59 -5.73 2.62
N VAL C 344 -26.33 -6.11 2.54
CA VAL C 344 -25.81 -7.22 3.35
C VAL C 344 -25.76 -6.89 4.86
N ASP C 345 -25.59 -5.61 5.20
CA ASP C 345 -25.59 -5.19 6.61
C ASP C 345 -26.95 -5.41 7.25
N ILE C 346 -28.03 -5.16 6.50
CA ILE C 346 -29.37 -5.30 7.06
C ILE C 346 -29.63 -6.74 7.44
N TYR C 347 -29.22 -7.68 6.59
CA TYR C 347 -29.47 -9.09 6.85
C TYR C 347 -28.69 -9.56 8.06
N LEU C 348 -27.43 -9.12 8.17
CA LEU C 348 -26.59 -9.62 9.25
C LEU C 348 -27.07 -9.13 10.60
N TRP C 349 -27.44 -7.86 10.70
CA TRP C 349 -27.79 -7.35 12.01
C TRP C 349 -29.19 -7.75 12.45
N VAL C 350 -30.08 -8.06 11.51
CA VAL C 350 -31.36 -8.67 11.90
C VAL C 350 -31.12 -10.08 12.47
N SER C 351 -30.24 -10.86 11.85
CA SER C 351 -29.97 -12.20 12.37
C SER C 351 -29.34 -12.13 13.78
N PHE C 352 -28.52 -11.11 14.04
CA PHE C 352 -27.95 -10.96 15.37
C PHE C 352 -29.05 -10.69 16.40
N VAL C 353 -30.10 -9.98 16.02
CA VAL C 353 -31.19 -9.73 16.96
C VAL C 353 -31.97 -11.02 17.26
N PHE C 354 -32.17 -11.87 16.26
CA PHE C 354 -32.89 -13.14 16.47
C PHE C 354 -32.17 -14.02 17.48
N VAL C 355 -30.85 -14.11 17.35
CA VAL C 355 -30.06 -14.88 18.32
C VAL C 355 -30.12 -14.22 19.70
N PHE C 356 -30.15 -12.89 19.75
CA PHE C 356 -30.22 -12.18 21.03
C PHE C 356 -31.53 -12.51 21.77
N LEU C 357 -32.66 -12.56 21.05
CA LEU C 357 -33.96 -12.81 21.67
C LEU C 357 -34.10 -14.23 22.17
N SER C 358 -33.33 -15.16 21.61
CA SER C 358 -33.43 -16.52 22.14
C SER C 358 -32.88 -16.62 23.59
N VAL C 359 -31.92 -15.80 23.98
CA VAL C 359 -31.38 -15.81 25.34
C VAL C 359 -32.38 -15.22 26.35
N LEU C 360 -33.09 -14.16 25.98
CA LEU C 360 -34.10 -13.60 26.88
C LEU C 360 -35.25 -14.56 27.11
N GLU C 361 -35.56 -15.40 26.11
CA GLU C 361 -36.68 -16.31 26.27
C GLU C 361 -36.41 -17.31 27.41
N TYR C 362 -35.17 -17.82 27.47
CA TYR C 362 -34.86 -18.77 28.53
C TYR C 362 -34.77 -18.08 29.86
N ALA C 363 -34.36 -16.81 29.88
CA ALA C 363 -34.29 -16.12 31.16
C ALA C 363 -35.67 -16.00 31.79
N ALA C 364 -36.70 -15.76 30.97
CA ALA C 364 -38.08 -15.71 31.46
C ALA C 364 -38.59 -17.08 31.90
N VAL C 365 -38.24 -18.14 31.18
CA VAL C 365 -38.70 -19.47 31.56
C VAL C 365 -38.11 -19.89 32.90
N ASN C 366 -36.80 -19.67 33.12
CA ASN C 366 -36.14 -20.04 34.35
C ASN C 366 -36.68 -19.23 35.54
N TYR C 367 -36.94 -17.94 35.33
CA TYR C 367 -37.43 -17.13 36.44
C TYR C 367 -38.81 -17.59 36.88
N LEU C 368 -39.69 -17.87 35.94
CA LEU C 368 -41.04 -18.29 36.32
C LEU C 368 -41.04 -19.67 36.97
N THR C 369 -40.15 -20.57 36.55
CA THR C 369 -40.05 -21.88 37.19
C THR C 369 -39.63 -21.74 38.66
N THR C 370 -38.67 -20.87 38.94
CA THR C 370 -38.23 -20.67 40.32
C THR C 370 -39.34 -20.07 41.18
N VAL C 371 -40.08 -19.10 40.63
CA VAL C 371 -41.16 -18.49 41.40
C VAL C 371 -42.24 -19.53 41.75
N GLN C 372 -42.61 -20.36 40.78
CA GLN C 372 -43.66 -21.36 41.02
C GLN C 372 -43.23 -22.35 42.09
N GLU C 373 -41.99 -22.84 42.01
CA GLU C 373 -41.56 -23.84 42.98
C GLU C 373 -41.51 -23.26 44.38
N ARG C 374 -41.01 -22.03 44.53
CA ARG C 374 -40.98 -21.41 45.85
C ARG C 374 -42.38 -21.22 46.39
N LYS C 375 -43.34 -20.84 45.54
CA LYS C 375 -44.71 -20.64 45.99
C LYS C 375 -45.33 -21.94 46.47
N GLU C 376 -45.05 -23.05 45.79
CA GLU C 376 -45.60 -24.34 46.22
C GLU C 376 -44.99 -24.79 47.54
N GLN C 377 -43.66 -24.72 47.68
CA GLN C 377 -43.01 -25.14 48.93
C GLN C 377 -43.39 -24.22 50.09
N LYS C 378 -43.53 -22.91 49.82
CA LYS C 378 -44.00 -22.00 50.85
C LYS C 378 -45.42 -22.36 51.27
N LEU C 379 -46.28 -22.73 50.32
CA LEU C 379 -47.65 -23.11 50.68
C LEU C 379 -47.66 -24.35 51.58
N ARG C 380 -46.85 -25.35 51.26
CA ARG C 380 -46.78 -26.55 52.10
C ARG C 380 -46.06 -26.26 53.41
N ASP C 451 -43.27 -31.76 32.40
CA ASP C 451 -44.03 -31.04 31.40
C ASP C 451 -43.23 -29.90 30.78
N THR C 452 -43.73 -29.37 29.66
CA THR C 452 -43.08 -28.29 28.93
C THR C 452 -43.80 -26.97 29.25
N HIS C 453 -43.02 -25.93 29.51
CA HIS C 453 -43.58 -24.61 29.74
C HIS C 453 -44.26 -24.10 28.47
N ALA C 454 -45.29 -23.28 28.63
CA ALA C 454 -46.04 -22.78 27.48
C ALA C 454 -45.16 -21.89 26.60
N ILE C 455 -44.21 -21.18 27.19
CA ILE C 455 -43.35 -20.29 26.40
C ILE C 455 -42.54 -21.09 25.38
N ASP C 456 -42.02 -22.24 25.79
CA ASP C 456 -41.28 -23.09 24.85
C ASP C 456 -42.18 -23.59 23.72
N LYS C 457 -43.39 -24.05 24.06
CA LYS C 457 -44.30 -24.57 23.04
C LYS C 457 -44.66 -23.53 22.02
N TYR C 458 -44.88 -22.29 22.47
CA TYR C 458 -45.19 -21.22 21.53
C TYR C 458 -43.96 -20.80 20.74
N SER C 459 -42.78 -20.76 21.37
CA SER C 459 -41.58 -20.30 20.69
C SER C 459 -41.20 -21.24 19.56
N ARG C 460 -41.37 -22.54 19.76
CA ARG C 460 -41.02 -23.53 18.75
C ARG C 460 -41.71 -23.26 17.42
N ILE C 461 -42.89 -22.64 17.44
CA ILE C 461 -43.59 -22.28 16.22
C ILE C 461 -43.32 -20.84 15.81
N ILE C 462 -43.28 -19.92 16.77
CA ILE C 462 -43.26 -18.50 16.45
C ILE C 462 -41.93 -18.08 15.83
N PHE C 463 -40.79 -18.55 16.37
CA PHE C 463 -39.51 -18.08 15.85
C PHE C 463 -39.30 -18.44 14.38
N PRO C 464 -39.47 -19.69 13.95
CA PRO C 464 -39.25 -19.98 12.53
C PRO C 464 -40.19 -19.24 11.59
N ALA C 465 -41.46 -19.05 11.97
CA ALA C 465 -42.40 -18.35 11.11
C ALA C 465 -41.99 -16.89 10.90
N ALA C 466 -41.55 -16.23 11.98
CA ALA C 466 -41.09 -14.85 11.85
C ALA C 466 -39.85 -14.76 10.99
N TYR C 467 -38.92 -15.70 11.13
CA TYR C 467 -37.72 -15.66 10.28
C TYR C 467 -38.09 -15.87 8.82
N ILE C 468 -39.01 -16.78 8.54
CA ILE C 468 -39.42 -17.02 7.15
C ILE C 468 -40.12 -15.80 6.58
N LEU C 469 -40.96 -15.13 7.38
CA LEU C 469 -41.62 -13.91 6.90
C LEU C 469 -40.60 -12.81 6.60
N PHE C 470 -39.60 -12.63 7.47
CA PHE C 470 -38.56 -11.64 7.19
C PHE C 470 -37.81 -11.97 5.91
N ASN C 471 -37.49 -13.24 5.70
CA ASN C 471 -36.78 -13.62 4.47
C ASN C 471 -37.61 -13.35 3.24
N LEU C 472 -38.92 -13.63 3.28
CA LEU C 472 -39.77 -13.36 2.13
C LEU C 472 -39.79 -11.88 1.80
N ILE C 473 -39.98 -11.03 2.81
CA ILE C 473 -40.02 -9.59 2.55
C ILE C 473 -38.68 -9.10 2.02
N TYR C 474 -37.57 -9.54 2.63
CA TYR C 474 -36.25 -9.09 2.22
C TYR C 474 -35.97 -9.46 0.77
N TRP C 475 -36.25 -10.71 0.39
CA TRP C 475 -35.93 -11.12 -0.98
C TRP C 475 -36.94 -10.62 -2.00
N SER C 476 -38.12 -10.17 -1.59
CA SER C 476 -38.95 -9.45 -2.55
C SER C 476 -38.46 -8.02 -2.77
N ILE C 477 -37.95 -7.36 -1.72
CA ILE C 477 -37.50 -5.99 -1.88
C ILE C 477 -36.18 -5.94 -2.67
N PHE C 478 -35.23 -6.79 -2.33
CA PHE C 478 -33.91 -6.73 -2.97
C PHE C 478 -33.78 -7.71 -4.12
N SER C 479 -34.84 -8.41 -4.48
CA SER C 479 -34.91 -9.33 -5.61
C SER C 479 -34.00 -10.54 -5.49
N LYS D 74 2.47 33.99 -41.74
CA LYS D 74 2.69 33.38 -40.44
C LYS D 74 1.97 34.17 -39.37
N SER D 75 1.29 33.48 -38.47
CA SER D 75 0.48 34.16 -37.46
C SER D 75 1.34 34.89 -36.43
N GLU D 76 2.52 34.38 -36.11
CA GLU D 76 3.38 35.03 -35.15
C GLU D 76 4.05 36.28 -35.69
N GLN D 77 3.93 36.55 -36.99
CA GLN D 77 4.44 37.80 -37.55
C GLN D 77 3.41 38.92 -37.51
N LEU D 78 2.13 38.62 -37.32
CA LEU D 78 1.14 39.66 -37.09
C LEU D 78 1.35 40.31 -35.73
N LEU D 79 1.75 39.52 -34.74
CA LEU D 79 2.07 40.03 -33.43
C LEU D 79 3.58 40.27 -33.38
N ARG D 80 3.99 41.50 -33.10
CA ARG D 80 5.38 41.88 -33.19
C ARG D 80 6.12 41.29 -31.99
N ILE D 81 6.44 40.01 -32.10
CA ILE D 81 7.11 39.32 -31.00
C ILE D 81 8.51 39.87 -30.78
N ASP D 82 9.25 40.11 -31.84
CA ASP D 82 10.64 40.57 -31.72
C ASP D 82 10.75 42.08 -31.53
N ASP D 83 9.65 42.82 -31.62
CA ASP D 83 9.65 44.26 -31.43
C ASP D 83 9.27 44.68 -30.01
N HIS D 84 9.04 43.72 -29.11
CA HIS D 84 8.66 44.04 -27.74
C HIS D 84 9.42 43.15 -26.78
N ASP D 85 9.65 43.68 -25.57
CA ASP D 85 10.35 42.96 -24.51
C ASP D 85 9.32 42.25 -23.63
N PHE D 86 9.33 40.92 -23.65
CA PHE D 86 8.35 40.14 -22.92
C PHE D 86 8.87 39.55 -21.63
N SER D 87 9.91 40.16 -21.04
CA SER D 87 10.31 39.82 -19.69
C SER D 87 9.67 40.72 -18.64
N MET D 88 8.96 41.77 -19.05
CA MET D 88 8.33 42.72 -18.15
C MET D 88 6.82 42.70 -18.34
N ARG D 89 6.11 43.03 -17.26
CA ARG D 89 4.66 43.02 -17.24
C ARG D 89 4.09 44.19 -18.03
N PRO D 90 2.84 44.08 -18.48
CA PRO D 90 2.20 45.22 -19.11
C PRO D 90 2.07 46.39 -18.14
N GLY D 91 2.29 47.59 -18.66
CA GLY D 91 2.21 48.77 -17.83
C GLY D 91 3.33 48.93 -16.83
N PHE D 92 4.49 48.33 -17.09
CA PHE D 92 5.61 48.37 -16.15
C PHE D 92 6.05 49.80 -15.87
N GLY D 93 6.27 50.10 -14.59
CA GLY D 93 6.59 51.44 -14.15
C GLY D 93 5.40 52.29 -13.76
N GLY D 94 4.17 51.81 -13.97
CA GLY D 94 2.99 52.56 -13.64
C GLY D 94 2.08 51.81 -12.70
N PRO D 95 0.78 52.02 -12.85
CA PRO D 95 -0.19 51.33 -11.99
C PRO D 95 -0.22 49.83 -12.21
N ALA D 96 -0.62 49.09 -11.19
CA ALA D 96 -0.71 47.64 -11.26
C ALA D 96 -1.77 47.21 -12.25
N ILE D 97 -1.54 46.06 -12.89
CA ILE D 97 -2.44 45.52 -13.89
C ILE D 97 -3.41 44.52 -13.26
N PRO D 98 -4.72 44.70 -13.42
CA PRO D 98 -5.68 43.74 -12.83
C PRO D 98 -5.82 42.46 -13.63
N VAL D 99 -5.94 41.34 -12.91
CA VAL D 99 -6.09 40.01 -13.50
C VAL D 99 -7.29 39.32 -12.84
N GLY D 100 -8.22 38.83 -13.65
CA GLY D 100 -9.39 38.13 -13.16
C GLY D 100 -9.27 36.62 -13.30
N VAL D 101 -9.93 35.88 -12.41
CA VAL D 101 -9.79 34.44 -12.31
C VAL D 101 -11.16 33.77 -12.23
N ASP D 102 -11.33 32.66 -12.94
CA ASP D 102 -12.48 31.77 -12.82
C ASP D 102 -12.02 30.35 -12.60
N VAL D 103 -12.77 29.58 -11.82
CA VAL D 103 -12.45 28.19 -11.52
C VAL D 103 -13.68 27.33 -11.71
N GLN D 104 -13.51 26.19 -12.38
CA GLN D 104 -14.55 25.17 -12.50
C GLN D 104 -14.01 23.88 -11.91
N VAL D 105 -14.68 23.38 -10.87
CA VAL D 105 -14.24 22.19 -10.16
C VAL D 105 -14.76 20.97 -10.87
N GLU D 106 -13.86 20.11 -11.29
CA GLU D 106 -14.20 18.95 -12.11
C GLU D 106 -14.47 17.71 -11.27
N SER D 107 -13.62 17.41 -10.29
CA SER D 107 -13.88 16.26 -9.44
C SER D 107 -13.05 16.36 -8.17
N LEU D 108 -13.49 15.61 -7.16
CA LEU D 108 -12.71 15.38 -5.95
C LEU D 108 -12.24 13.93 -5.97
N ASP D 109 -10.93 13.74 -6.02
CA ASP D 109 -10.38 12.43 -6.30
C ASP D 109 -10.25 11.55 -5.07
N SER D 110 -9.66 12.06 -4.00
CA SER D 110 -9.49 11.25 -2.80
C SER D 110 -9.18 12.16 -1.61
N ILE D 111 -9.31 11.59 -0.41
CA ILE D 111 -8.98 12.29 0.81
C ILE D 111 -8.39 11.31 1.81
N SER D 112 -7.31 11.73 2.47
CA SER D 112 -6.59 10.89 3.40
C SER D 112 -6.67 11.47 4.80
N GLU D 113 -7.21 10.69 5.74
CA GLU D 113 -7.34 11.12 7.12
C GLU D 113 -6.04 11.01 7.91
N VAL D 114 -5.19 10.03 7.58
CA VAL D 114 -3.93 9.87 8.30
C VAL D 114 -2.98 11.02 7.99
N ASP D 115 -2.82 11.35 6.70
CA ASP D 115 -1.93 12.42 6.27
C ASP D 115 -2.60 13.78 6.18
N MET D 116 -3.93 13.85 6.28
CA MET D 116 -4.69 15.09 6.34
C MET D 116 -4.47 15.97 5.10
N ASP D 117 -4.94 15.45 3.96
CA ASP D 117 -4.89 16.14 2.70
C ASP D 117 -6.02 15.65 1.80
N PHE D 118 -6.25 16.38 0.70
CA PHE D 118 -7.27 16.02 -0.29
C PHE D 118 -6.72 16.36 -1.67
N THR D 119 -7.29 15.72 -2.70
CA THR D 119 -6.86 15.88 -4.09
C THR D 119 -8.02 16.31 -4.96
N MET D 120 -7.78 17.27 -5.85
CA MET D 120 -8.82 17.89 -6.67
C MET D 120 -8.33 18.13 -8.10
N THR D 121 -9.25 18.07 -9.07
CA THR D 121 -8.99 18.38 -10.47
C THR D 121 -9.89 19.54 -10.88
N LEU D 122 -9.34 20.52 -11.59
CA LEU D 122 -10.07 21.76 -11.86
C LEU D 122 -9.58 22.42 -13.14
N TYR D 123 -10.34 23.40 -13.63
CA TYR D 123 -9.96 24.30 -14.72
C TYR D 123 -9.62 25.65 -14.14
N LEU D 124 -8.55 26.27 -14.61
CA LEU D 124 -8.13 27.59 -14.19
C LEU D 124 -8.07 28.52 -15.39
N ARG D 125 -8.71 29.70 -15.28
CA ARG D 125 -8.79 30.67 -16.38
C ARG D 125 -8.38 32.06 -15.89
N HIS D 126 -7.66 32.79 -16.71
CA HIS D 126 -7.16 34.13 -16.41
C HIS D 126 -7.62 35.11 -17.48
N TYR D 127 -7.83 36.36 -17.09
CA TYR D 127 -8.23 37.43 -17.99
C TYR D 127 -7.40 38.68 -17.71
N TRP D 128 -6.85 39.28 -18.76
CA TRP D 128 -6.14 40.54 -18.64
C TRP D 128 -5.99 41.16 -20.01
N LYS D 129 -5.50 42.40 -20.06
CA LYS D 129 -5.32 43.11 -21.31
C LYS D 129 -3.86 43.52 -21.50
N ASP D 130 -3.36 43.36 -22.71
CA ASP D 130 -1.99 43.74 -23.06
C ASP D 130 -2.01 44.30 -24.47
N GLU D 131 -1.79 45.60 -24.60
CA GLU D 131 -1.88 46.27 -25.91
C GLU D 131 -0.75 45.87 -26.84
N ARG D 132 0.34 45.29 -26.33
CA ARG D 132 1.42 44.83 -27.19
C ARG D 132 0.98 43.67 -28.08
N LEU D 133 -0.11 43.01 -27.76
CA LEU D 133 -0.61 41.89 -28.54
C LEU D 133 -1.70 42.27 -29.53
N SER D 134 -2.04 43.55 -29.63
CA SER D 134 -3.05 43.98 -30.57
C SER D 134 -2.56 43.81 -32.01
N PHE D 135 -3.47 43.37 -32.88
CA PHE D 135 -3.14 43.16 -34.29
C PHE D 135 -4.25 43.69 -35.18
N PRO D 136 -3.91 44.20 -36.36
CA PRO D 136 -4.94 44.69 -37.27
C PRO D 136 -5.68 43.55 -37.94
N SER D 137 -6.95 43.81 -38.22
CA SER D 137 -7.79 42.83 -38.90
C SER D 137 -8.96 43.55 -39.56
N THR D 138 -9.45 42.99 -40.66
CA THR D 138 -10.61 43.54 -41.35
C THR D 138 -11.93 43.06 -40.76
N ASN D 139 -11.88 42.21 -39.74
CA ASN D 139 -13.07 41.69 -39.12
C ASN D 139 -12.79 41.59 -37.62
N ASN D 140 -13.66 40.89 -36.90
CA ASN D 140 -13.60 40.82 -35.45
C ASN D 140 -13.34 39.41 -34.96
N LEU D 141 -12.59 38.61 -35.73
CA LEU D 141 -12.29 37.24 -35.35
C LEU D 141 -10.98 37.18 -34.56
N SER D 142 -10.94 36.30 -33.57
CA SER D 142 -9.78 36.12 -32.72
C SER D 142 -8.96 34.92 -33.15
N MET D 143 -7.73 34.85 -32.65
CA MET D 143 -6.79 33.79 -32.98
C MET D 143 -6.50 32.92 -31.77
N THR D 144 -6.37 31.61 -31.99
CA THR D 144 -6.14 30.64 -30.93
C THR D 144 -4.78 30.01 -31.09
N PHE D 145 -4.06 29.87 -29.98
CA PHE D 145 -2.73 29.30 -29.93
C PHE D 145 -2.68 28.24 -28.85
N ASP D 146 -1.74 27.31 -28.99
CA ASP D 146 -1.51 26.25 -28.04
C ASP D 146 -0.41 26.64 -27.06
N GLY D 147 0.06 25.66 -26.28
CA GLY D 147 1.03 25.92 -25.25
C GLY D 147 2.41 26.29 -25.75
N ARG D 148 2.68 26.20 -27.05
CA ARG D 148 4.00 26.55 -27.55
C ARG D 148 4.22 28.07 -27.59
N LEU D 149 3.16 28.87 -27.59
CA LEU D 149 3.30 30.32 -27.60
C LEU D 149 3.61 30.88 -26.23
N VAL D 150 3.43 30.10 -25.17
CA VAL D 150 3.53 30.64 -23.81
C VAL D 150 4.93 31.16 -23.52
N LYS D 151 5.95 30.44 -23.98
CA LYS D 151 7.32 30.81 -23.67
C LYS D 151 7.78 32.08 -24.35
N LYS D 152 7.02 32.61 -25.30
CA LYS D 152 7.41 33.78 -26.04
C LYS D 152 6.73 35.07 -25.61
N ILE D 153 5.80 35.03 -24.66
CA ILE D 153 5.06 36.19 -24.20
C ILE D 153 5.05 36.21 -22.67
N TRP D 154 4.39 37.20 -22.09
CA TRP D 154 4.26 37.32 -20.65
C TRP D 154 2.94 36.68 -20.19
N VAL D 155 3.01 35.91 -19.10
CA VAL D 155 1.81 35.33 -18.48
C VAL D 155 1.94 35.42 -16.97
N PRO D 156 0.81 35.46 -16.27
CA PRO D 156 0.85 35.49 -14.79
C PRO D 156 1.32 34.17 -14.17
N ASP D 157 2.06 34.28 -13.07
CA ASP D 157 2.65 33.13 -12.36
C ASP D 157 1.90 32.79 -11.07
N MET D 158 0.72 32.20 -11.20
CA MET D 158 -0.04 31.75 -10.04
C MET D 158 0.51 30.45 -9.49
N PHE D 159 0.33 30.23 -8.19
CA PHE D 159 0.69 28.96 -7.57
C PHE D 159 -0.28 28.69 -6.42
N PHE D 160 -0.33 27.43 -6.01
CA PHE D 160 -1.24 26.98 -4.97
C PHE D 160 -0.52 26.98 -3.64
N VAL D 161 -1.06 27.70 -2.67
CA VAL D 161 -0.44 27.84 -1.35
C VAL D 161 -0.75 26.60 -0.52
N HIS D 162 0.22 26.15 0.27
CA HIS D 162 0.09 25.00 1.17
C HIS D 162 -0.23 23.71 0.44
N SER D 163 0.34 23.52 -0.75
CA SER D 163 0.14 22.30 -1.51
C SER D 163 1.35 21.38 -1.37
N LYS D 164 1.13 20.09 -1.62
CA LYS D 164 2.16 19.08 -1.52
C LYS D 164 2.64 18.58 -2.87
N ARG D 165 1.78 18.50 -3.88
CA ARG D 165 2.22 18.10 -5.21
C ARG D 165 1.13 18.47 -6.21
N SER D 166 1.52 18.69 -7.47
CA SER D 166 0.58 19.08 -8.53
C SER D 166 1.20 18.88 -9.91
N PHE D 167 0.35 18.82 -10.94
CA PHE D 167 0.83 18.67 -12.31
C PHE D 167 -0.23 19.12 -13.30
N ILE D 168 0.20 19.32 -14.54
CA ILE D 168 -0.65 19.73 -15.65
C ILE D 168 -0.77 18.56 -16.61
N HIS D 169 -1.99 18.26 -17.05
CA HIS D 169 -2.23 17.15 -17.94
C HIS D 169 -1.65 17.39 -19.34
N ASP D 170 -1.17 16.32 -20.00
CA ASP D 170 -0.48 16.47 -21.27
C ASP D 170 -0.78 15.39 -22.30
N THR D 171 -1.97 14.82 -22.29
CA THR D 171 -2.39 13.81 -23.24
C THR D 171 -3.63 14.29 -23.98
N THR D 172 -3.62 14.26 -25.32
CA THR D 172 -2.50 13.77 -26.11
C THR D 172 -1.44 14.84 -26.32
N THR D 173 -1.75 16.08 -25.94
CA THR D 173 -0.79 17.16 -25.91
C THR D 173 -1.08 17.99 -24.66
N ASP D 174 -0.28 19.01 -24.42
CA ASP D 174 -0.46 19.84 -23.23
C ASP D 174 -1.83 20.52 -23.25
N ASN D 175 -2.52 20.46 -22.11
CA ASN D 175 -3.86 21.02 -21.98
C ASN D 175 -3.78 22.49 -21.61
N VAL D 176 -3.28 23.29 -22.56
CA VAL D 176 -3.09 24.73 -22.41
C VAL D 176 -3.65 25.44 -23.65
N MET D 177 -4.37 26.52 -23.45
CA MET D 177 -5.02 27.25 -24.54
C MET D 177 -4.83 28.75 -24.35
N LEU D 178 -4.62 29.48 -25.44
CA LEU D 178 -4.48 30.94 -25.43
C LEU D 178 -5.34 31.51 -26.54
N ARG D 179 -6.17 32.49 -26.22
CA ARG D 179 -7.02 33.16 -27.19
C ARG D 179 -6.79 34.66 -27.07
N VAL D 180 -6.51 35.31 -28.20
CA VAL D 180 -6.16 36.73 -28.22
C VAL D 180 -7.16 37.48 -29.07
N GLN D 181 -7.77 38.51 -28.51
CA GLN D 181 -8.73 39.35 -29.21
C GLN D 181 -8.03 40.41 -30.05
N PRO D 182 -8.71 40.93 -31.07
CA PRO D 182 -8.09 41.99 -31.88
C PRO D 182 -7.71 43.23 -31.12
N ASP D 183 -8.38 43.55 -30.01
CA ASP D 183 -8.04 44.73 -29.22
C ASP D 183 -7.01 44.44 -28.13
N GLY D 184 -6.53 43.20 -28.02
CA GLY D 184 -5.49 42.86 -27.09
C GLY D 184 -5.90 42.12 -25.84
N LYS D 185 -7.17 41.72 -25.71
CA LYS D 185 -7.60 40.96 -24.55
C LYS D 185 -7.18 39.50 -24.67
N VAL D 186 -6.73 38.92 -23.56
CA VAL D 186 -6.16 37.59 -23.55
C VAL D 186 -6.89 36.71 -22.53
N LEU D 187 -7.19 35.49 -22.92
CA LEU D 187 -7.72 34.43 -22.06
C LEU D 187 -6.72 33.28 -22.02
N TYR D 188 -6.37 32.82 -20.83
CA TYR D 188 -5.38 31.78 -20.57
C TYR D 188 -6.05 30.69 -19.77
N SER D 189 -6.05 29.47 -20.29
CA SER D 189 -6.77 28.37 -19.69
C SER D 189 -5.89 27.14 -19.58
N LEU D 190 -6.03 26.42 -18.47
CA LEU D 190 -5.25 25.21 -18.25
C LEU D 190 -6.01 24.22 -17.39
N ARG D 191 -5.63 22.95 -17.46
CA ARG D 191 -6.27 21.91 -16.66
C ARG D 191 -5.24 21.25 -15.75
N VAL D 192 -5.50 21.24 -14.45
CA VAL D 192 -4.49 20.92 -13.44
C VAL D 192 -5.07 20.02 -12.35
N THR D 193 -4.19 19.23 -11.71
CA THR D 193 -4.53 18.39 -10.56
C THR D 193 -3.59 18.72 -9.41
N VAL D 194 -4.13 18.87 -8.20
CA VAL D 194 -3.37 19.35 -7.04
C VAL D 194 -3.77 18.59 -5.78
N THR D 195 -2.79 18.28 -4.94
CA THR D 195 -3.00 17.72 -3.62
C THR D 195 -2.61 18.77 -2.58
N ALA D 196 -3.53 19.10 -1.68
CA ALA D 196 -3.34 20.19 -0.72
C ALA D 196 -3.63 19.71 0.69
N MET D 197 -2.97 20.33 1.66
CA MET D 197 -3.09 19.95 3.06
C MET D 197 -4.38 20.49 3.68
N CYS D 198 -4.82 19.82 4.75
CA CYS D 198 -6.01 20.22 5.47
C CYS D 198 -5.95 19.68 6.89
N ASN D 199 -5.80 20.55 7.88
CA ASN D 199 -5.76 20.10 9.27
C ASN D 199 -7.12 19.61 9.75
N MET D 200 -7.15 18.45 10.38
CA MET D 200 -8.38 17.86 10.85
C MET D 200 -8.31 17.57 12.34
N ASP D 201 -9.47 17.58 12.99
CA ASP D 201 -9.58 17.30 14.42
C ASP D 201 -10.62 16.22 14.61
N PHE D 202 -10.21 15.08 15.16
CA PHE D 202 -11.07 13.91 15.31
C PHE D 202 -11.49 13.67 16.75
N SER D 203 -11.53 14.70 17.58
CA SER D 203 -11.89 14.53 18.97
C SER D 203 -13.33 14.05 19.13
N ARG D 204 -14.22 14.47 18.26
CA ARG D 204 -15.64 14.13 18.33
C ARG D 204 -16.04 13.03 17.37
N PHE D 205 -15.09 12.25 16.88
CA PHE D 205 -15.41 11.19 15.93
C PHE D 205 -16.37 10.20 16.55
N PRO D 206 -17.41 9.76 15.81
CA PRO D 206 -17.74 10.04 14.42
C PRO D 206 -18.73 11.17 14.19
N LEU D 207 -18.85 12.09 15.14
CA LEU D 207 -19.77 13.21 15.02
C LEU D 207 -19.05 14.50 14.66
N ASP D 208 -17.88 14.42 14.04
CA ASP D 208 -17.07 15.58 13.74
C ASP D 208 -17.41 16.18 12.38
N THR D 209 -17.10 17.47 12.23
CA THR D 209 -17.33 18.22 11.00
C THR D 209 -16.08 19.01 10.65
N GLN D 210 -15.69 18.99 9.39
CA GLN D 210 -14.42 19.56 8.94
C GLN D 210 -14.64 20.63 7.88
N THR D 211 -13.81 21.66 7.91
CA THR D 211 -13.82 22.70 6.89
C THR D 211 -12.46 22.79 6.22
N CYS D 212 -12.45 22.88 4.89
CA CYS D 212 -11.23 22.85 4.10
C CYS D 212 -11.24 24.00 3.11
N SER D 213 -10.06 24.32 2.57
CA SER D 213 -9.94 25.41 1.61
C SER D 213 -8.77 25.17 0.65
N LEU D 214 -8.87 25.75 -0.53
CA LEU D 214 -7.80 25.76 -1.52
C LEU D 214 -7.46 27.21 -1.85
N GLU D 215 -6.17 27.56 -1.85
CA GLU D 215 -5.70 28.94 -1.87
C GLU D 215 -4.84 29.22 -3.09
N ILE D 216 -5.00 30.40 -3.69
CA ILE D 216 -4.32 30.81 -4.92
C ILE D 216 -3.67 32.16 -4.70
N GLU D 217 -2.42 32.29 -5.14
CA GLU D 217 -1.65 33.52 -4.92
C GLU D 217 -0.58 33.65 -6.00
N SER D 218 -0.15 34.87 -6.26
CA SER D 218 0.94 35.14 -7.17
C SER D 218 2.28 34.94 -6.49
N TYR D 219 3.24 34.32 -7.20
CA TYR D 219 4.49 33.95 -6.58
C TYR D 219 5.45 35.13 -6.45
N ALA D 220 5.56 35.99 -7.45
CA ALA D 220 6.63 36.96 -7.52
C ALA D 220 6.19 38.42 -7.56
N TYR D 221 4.91 38.72 -7.65
CA TYR D 221 4.41 40.08 -7.77
C TYR D 221 3.58 40.47 -6.55
N THR D 222 3.92 41.59 -5.92
CA THR D 222 3.16 42.11 -4.80
C THR D 222 1.93 42.88 -5.28
N GLU D 223 1.12 43.35 -4.34
CA GLU D 223 -0.10 44.06 -4.69
C GLU D 223 0.18 45.39 -5.36
N ASP D 224 1.42 45.87 -5.31
CA ASP D 224 1.79 47.08 -6.02
C ASP D 224 2.05 46.84 -7.50
N ASP D 225 2.23 45.58 -7.92
CA ASP D 225 2.47 45.26 -9.32
C ASP D 225 1.33 44.51 -9.99
N LEU D 226 0.63 43.65 -9.26
CA LEU D 226 -0.42 42.82 -9.82
C LEU D 226 -1.57 42.77 -8.85
N MET D 227 -2.77 43.02 -9.34
CA MET D 227 -3.99 43.05 -8.54
C MET D 227 -4.85 41.87 -8.96
N LEU D 228 -5.07 40.93 -8.03
CA LEU D 228 -5.76 39.68 -8.27
C LEU D 228 -7.16 39.74 -7.66
N TYR D 229 -8.18 39.34 -8.43
CA TYR D 229 -9.55 39.38 -7.95
C TYR D 229 -10.38 38.32 -8.66
N TRP D 230 -11.53 37.98 -8.07
CA TRP D 230 -12.50 37.12 -8.73
C TRP D 230 -13.22 37.90 -9.81
N LYS D 231 -13.29 37.35 -11.01
CA LYS D 231 -13.78 38.12 -12.14
C LYS D 231 -15.25 38.50 -12.00
N LYS D 232 -16.09 37.60 -11.49
CA LYS D 232 -17.52 37.85 -11.35
C LYS D 232 -17.99 37.62 -9.92
N GLY D 233 -17.21 38.06 -8.94
CA GLY D 233 -17.62 37.92 -7.56
C GLY D 233 -17.78 36.46 -7.17
N ASN D 234 -18.93 36.14 -6.56
CA ASN D 234 -19.23 34.79 -6.14
C ASN D 234 -19.67 33.88 -7.28
N ASP D 235 -19.98 34.43 -8.44
CA ASP D 235 -20.38 33.62 -9.59
C ASP D 235 -19.20 33.05 -10.35
N SER D 236 -17.98 33.27 -9.87
CA SER D 236 -16.79 32.80 -10.56
C SER D 236 -16.42 31.37 -10.21
N LEU D 237 -17.13 30.72 -9.31
CA LEU D 237 -16.88 29.33 -8.94
C LEU D 237 -18.04 28.49 -9.42
N LYS D 238 -17.74 27.43 -10.19
CA LYS D 238 -18.72 26.46 -10.64
C LYS D 238 -18.28 25.07 -10.24
N THR D 239 -19.23 24.22 -9.84
CA THR D 239 -18.94 22.86 -9.42
C THR D 239 -19.79 21.87 -10.21
N ASP D 240 -19.26 20.67 -10.36
CA ASP D 240 -19.90 19.64 -11.16
C ASP D 240 -21.17 19.12 -10.47
N GLU D 241 -22.13 18.69 -11.28
CA GLU D 241 -23.40 18.21 -10.76
C GLU D 241 -23.31 16.86 -10.06
N ARG D 242 -22.30 16.04 -10.39
CA ARG D 242 -22.16 14.71 -9.84
C ARG D 242 -20.86 14.55 -9.04
N ILE D 243 -20.40 15.61 -8.39
CA ILE D 243 -19.20 15.53 -7.55
C ILE D 243 -19.53 14.83 -6.24
N SER D 244 -18.72 13.86 -5.85
CA SER D 244 -19.05 13.08 -4.67
C SER D 244 -17.79 12.43 -4.08
N LEU D 245 -17.89 12.03 -2.82
CA LEU D 245 -16.87 11.27 -2.13
C LEU D 245 -17.51 10.01 -1.57
N SER D 246 -16.71 8.96 -1.42
CA SER D 246 -17.25 7.67 -1.03
C SER D 246 -17.70 7.65 0.42
N GLN D 247 -16.92 8.25 1.32
CA GLN D 247 -17.16 8.16 2.75
C GLN D 247 -17.56 9.49 3.40
N PHE D 248 -17.85 10.52 2.60
CA PHE D 248 -18.18 11.84 3.12
C PHE D 248 -19.32 12.46 2.34
N LEU D 249 -19.96 13.46 2.94
CA LEU D 249 -20.92 14.34 2.29
C LEU D 249 -20.30 15.72 2.13
N ILE D 250 -20.50 16.34 0.96
CA ILE D 250 -19.88 17.62 0.63
C ILE D 250 -20.95 18.70 0.51
N GLN D 251 -20.67 19.87 1.04
CA GLN D 251 -21.68 20.93 1.05
C GLN D 251 -21.02 22.28 1.17
N GLU D 252 -21.78 23.31 0.79
CA GLU D 252 -21.45 24.70 1.07
C GLU D 252 -20.15 25.19 0.42
N PHE D 253 -20.12 25.20 -0.91
CA PHE D 253 -19.03 25.82 -1.65
C PHE D 253 -19.23 27.32 -1.71
N HIS D 254 -18.19 28.09 -1.38
CA HIS D 254 -18.21 29.54 -1.51
C HIS D 254 -16.78 30.06 -1.58
N THR D 255 -16.64 31.33 -1.97
CA THR D 255 -15.35 31.95 -2.24
C THR D 255 -15.10 33.13 -1.31
N THR D 256 -13.83 33.42 -1.02
CA THR D 256 -13.43 34.55 -0.18
C THR D 256 -12.06 35.06 -0.60
N THR D 257 -11.66 36.20 -0.04
CA THR D 257 -10.37 36.83 -0.32
C THR D 257 -9.77 37.37 0.96
N LYS D 258 -8.45 37.52 0.97
CA LYS D 258 -7.75 38.03 2.14
C LYS D 258 -6.35 38.49 1.75
N LEU D 259 -5.82 39.47 2.46
CA LEU D 259 -4.47 39.99 2.22
C LEU D 259 -3.46 39.33 3.16
N ALA D 260 -2.31 38.94 2.61
CA ALA D 260 -1.25 38.28 3.34
C ALA D 260 0.04 39.08 3.25
N PHE D 261 0.84 39.04 4.32
CA PHE D 261 2.07 39.81 4.42
C PHE D 261 3.27 38.88 4.59
N TYR D 262 4.30 39.09 3.78
CA TYR D 262 5.59 38.44 3.93
C TYR D 262 6.62 39.51 4.20
N SER D 263 7.41 39.34 5.26
CA SER D 263 8.36 40.37 5.67
C SER D 263 9.47 40.59 4.65
N SER D 264 9.78 39.61 3.83
CA SER D 264 10.85 39.76 2.85
C SER D 264 10.39 40.58 1.65
N THR D 265 9.12 40.50 1.27
CA THR D 265 8.72 41.12 0.01
C THR D 265 7.53 42.08 0.09
N GLY D 266 6.56 41.84 0.97
CA GLY D 266 5.43 42.76 1.03
C GLY D 266 4.08 42.10 1.10
N TRP D 267 3.05 42.72 0.53
CA TRP D 267 1.67 42.28 0.65
C TRP D 267 1.18 41.59 -0.63
N TYR D 268 0.31 40.60 -0.46
CA TYR D 268 -0.23 39.81 -1.56
C TYR D 268 -1.72 39.59 -1.38
N ASN D 269 -2.45 39.49 -2.49
CA ASN D 269 -3.84 39.08 -2.50
C ASN D 269 -3.95 37.56 -2.58
N ARG D 270 -4.86 36.99 -1.82
CA ARG D 270 -5.04 35.54 -1.81
C ARG D 270 -6.52 35.19 -1.97
N LEU D 271 -6.82 34.18 -2.78
CA LEU D 271 -8.18 33.75 -3.06
C LEU D 271 -8.43 32.39 -2.43
N TYR D 272 -9.67 32.15 -1.99
CA TYR D 272 -10.04 30.95 -1.24
C TYR D 272 -11.24 30.27 -1.85
N ILE D 273 -11.25 28.94 -1.77
CA ILE D 273 -12.42 28.12 -2.09
C ILE D 273 -12.70 27.23 -0.89
N ASN D 274 -13.87 27.37 -0.29
CA ASN D 274 -14.19 26.74 0.99
C ASN D 274 -15.30 25.72 0.83
N PHE D 275 -15.22 24.63 1.59
CA PHE D 275 -16.24 23.58 1.58
C PHE D 275 -16.17 22.80 2.88
N THR D 276 -17.21 22.00 3.14
CA THR D 276 -17.42 21.31 4.41
C THR D 276 -17.70 19.83 4.18
N LEU D 277 -17.33 19.00 5.16
CA LEU D 277 -17.48 17.56 5.09
C LEU D 277 -18.22 17.01 6.30
N ARG D 278 -19.08 16.02 6.07
CA ARG D 278 -19.83 15.35 7.13
C ARG D 278 -19.93 13.87 6.83
N ARG D 279 -20.22 13.09 7.86
CA ARG D 279 -20.28 11.64 7.76
C ARG D 279 -21.72 11.13 7.78
N HIS D 280 -21.86 9.81 7.55
CA HIS D 280 -23.13 9.12 7.69
C HIS D 280 -23.22 8.58 9.11
N ILE D 281 -24.06 9.19 9.94
CA ILE D 281 -24.09 8.89 11.37
C ILE D 281 -24.69 7.52 11.63
N PHE D 282 -25.77 7.16 10.94
CA PHE D 282 -26.50 5.94 11.26
C PHE D 282 -25.66 4.71 11.03
N PHE D 283 -24.81 4.71 10.01
CA PHE D 283 -23.92 3.59 9.80
C PHE D 283 -23.04 3.35 11.02
N PHE D 284 -22.43 4.41 11.55
CA PHE D 284 -21.56 4.27 12.71
C PHE D 284 -22.34 3.89 13.95
N LEU D 285 -23.54 4.44 14.13
CA LEU D 285 -24.38 4.03 15.25
C LEU D 285 -24.61 2.52 15.21
N LEU D 286 -25.08 2.00 14.07
CA LEU D 286 -25.39 0.59 13.97
C LEU D 286 -24.15 -0.28 14.12
N GLN D 287 -23.00 0.16 13.61
CA GLN D 287 -21.80 -0.68 13.66
C GLN D 287 -21.15 -0.70 15.05
N THR D 288 -21.25 0.39 15.81
CA THR D 288 -20.50 0.48 17.06
C THR D 288 -21.37 0.55 18.29
N TYR D 289 -22.34 1.46 18.35
CA TYR D 289 -23.02 1.68 19.60
C TYR D 289 -24.03 0.58 19.91
N PHE D 290 -24.65 -0.01 18.88
CA PHE D 290 -25.67 -1.03 19.07
C PHE D 290 -25.15 -2.30 19.75
N PRO D 291 -24.07 -2.95 19.27
CA PRO D 291 -23.62 -4.19 19.92
C PRO D 291 -23.17 -4.01 21.36
N ALA D 292 -22.52 -2.89 21.69
CA ALA D 292 -22.08 -2.66 23.06
C ALA D 292 -23.27 -2.54 24.01
N THR D 293 -24.31 -1.83 23.60
CA THR D 293 -25.52 -1.71 24.41
C THR D 293 -26.20 -3.06 24.58
N LEU D 294 -26.27 -3.85 23.51
CA LEU D 294 -26.87 -5.18 23.62
C LEU D 294 -26.10 -6.06 24.58
N MET D 295 -24.76 -6.02 24.54
CA MET D 295 -23.97 -6.85 25.45
C MET D 295 -24.10 -6.40 26.89
N VAL D 296 -24.16 -5.09 27.13
CA VAL D 296 -24.37 -4.59 28.49
C VAL D 296 -25.70 -5.05 29.03
N MET D 297 -26.75 -4.97 28.21
CA MET D 297 -28.06 -5.44 28.66
C MET D 297 -28.09 -6.93 28.87
N LEU D 298 -27.32 -7.69 28.08
CA LEU D 298 -27.26 -9.13 28.29
C LEU D 298 -26.61 -9.48 29.61
N SER D 299 -25.60 -8.71 30.03
CA SER D 299 -24.95 -9.02 31.30
C SER D 299 -25.86 -8.85 32.52
N TRP D 300 -26.97 -8.13 32.40
CA TRP D 300 -27.91 -7.95 33.50
C TRP D 300 -28.82 -9.15 33.69
N VAL D 301 -28.82 -10.11 32.75
CA VAL D 301 -29.71 -11.26 32.84
C VAL D 301 -29.39 -12.09 34.06
N SER D 302 -28.12 -12.15 34.45
CA SER D 302 -27.71 -13.00 35.56
C SER D 302 -28.34 -12.60 36.89
N PHE D 303 -28.78 -11.35 37.05
CA PHE D 303 -29.39 -10.94 38.31
C PHE D 303 -30.71 -11.64 38.55
N TRP D 304 -31.31 -12.26 37.54
CA TRP D 304 -32.58 -12.96 37.65
C TRP D 304 -32.44 -14.48 37.67
N ILE D 305 -31.22 -15.00 37.70
CA ILE D 305 -30.94 -16.44 37.71
C ILE D 305 -30.66 -16.86 39.13
N ASP D 306 -31.12 -18.05 39.49
CA ASP D 306 -30.96 -18.59 40.84
C ASP D 306 -29.49 -18.65 41.22
N ARG D 307 -29.17 -18.16 42.41
CA ARG D 307 -27.78 -18.10 42.86
C ARG D 307 -27.19 -19.47 43.13
N ARG D 308 -28.01 -20.50 43.30
CA ARG D 308 -27.52 -21.85 43.55
C ARG D 308 -26.92 -22.51 42.32
N ALA D 309 -27.08 -21.93 41.13
CA ALA D 309 -26.51 -22.44 39.90
C ALA D 309 -25.22 -21.71 39.60
N VAL D 310 -24.15 -22.10 40.31
CA VAL D 310 -22.84 -21.51 40.08
C VAL D 310 -22.31 -21.79 38.68
N PRO D 311 -22.35 -23.02 38.16
CA PRO D 311 -21.81 -23.30 36.81
C PRO D 311 -22.60 -22.67 35.68
N ALA D 312 -23.70 -21.98 35.95
CA ALA D 312 -24.35 -21.17 34.95
C ALA D 312 -24.06 -19.69 35.12
N ARG D 313 -23.97 -19.21 36.36
CA ARG D 313 -23.74 -17.79 36.62
C ARG D 313 -22.32 -17.39 36.24
N VAL D 314 -21.33 -18.25 36.49
CA VAL D 314 -19.95 -17.85 36.23
C VAL D 314 -19.63 -17.78 34.72
N PRO D 315 -19.89 -18.84 33.95
CA PRO D 315 -19.55 -18.79 32.53
C PRO D 315 -20.26 -17.69 31.77
N LEU D 316 -21.49 -17.34 32.16
CA LEU D 316 -22.19 -16.26 31.50
C LEU D 316 -21.37 -14.96 31.58
N GLY D 317 -20.91 -14.61 32.78
CA GLY D 317 -20.14 -13.39 32.95
C GLY D 317 -18.82 -13.41 32.21
N ILE D 318 -18.09 -14.51 32.33
CA ILE D 318 -16.76 -14.54 31.70
C ILE D 318 -16.89 -14.51 30.16
N THR D 319 -17.91 -15.18 29.62
CA THR D 319 -18.10 -15.16 28.17
C THR D 319 -18.57 -13.81 27.66
N THR D 320 -19.40 -13.10 28.43
CA THR D 320 -19.78 -11.75 28.04
C THR D 320 -18.56 -10.83 28.01
N VAL D 321 -17.65 -10.98 28.98
CA VAL D 321 -16.41 -10.19 28.95
C VAL D 321 -15.61 -10.48 27.69
N LEU D 322 -15.47 -11.76 27.33
CA LEU D 322 -14.72 -12.12 26.12
C LEU D 322 -15.36 -11.54 24.86
N THR D 323 -16.69 -11.61 24.76
CA THR D 323 -17.37 -11.06 23.58
C THR D 323 -17.16 -9.56 23.46
N MET D 324 -17.28 -8.84 24.58
CA MET D 324 -17.07 -7.40 24.54
C MET D 324 -15.64 -7.06 24.11
N SER D 325 -14.65 -7.80 24.61
CA SER D 325 -13.27 -7.56 24.21
C SER D 325 -13.07 -7.77 22.72
N THR D 326 -13.65 -8.83 22.15
CA THR D 326 -13.51 -9.06 20.72
C THR D 326 -14.16 -7.94 19.92
N ILE D 327 -15.32 -7.45 20.37
CA ILE D 327 -15.99 -6.36 19.66
C ILE D 327 -15.12 -5.10 19.69
N ILE D 328 -14.52 -4.79 20.83
CA ILE D 328 -13.69 -3.59 20.92
C ILE D 328 -12.48 -3.70 20.00
N THR D 329 -11.80 -4.86 19.99
CA THR D 329 -10.65 -5.05 19.11
C THR D 329 -11.04 -4.94 17.64
N GLY D 330 -12.17 -5.55 17.27
CA GLY D 330 -12.62 -5.44 15.89
C GLY D 330 -12.93 -4.02 15.46
N VAL D 331 -13.55 -3.23 16.36
CA VAL D 331 -13.83 -1.84 16.04
C VAL D 331 -12.54 -1.04 15.88
N ASN D 332 -11.58 -1.24 16.78
CA ASN D 332 -10.33 -0.49 16.66
C ASN D 332 -9.60 -0.81 15.37
N ALA D 333 -9.73 -2.05 14.87
CA ALA D 333 -9.00 -2.43 13.68
C ALA D 333 -9.52 -1.76 12.41
N SER D 334 -10.71 -1.16 12.42
CA SER D 334 -11.31 -0.64 11.20
C SER D 334 -11.40 0.87 11.14
N MET D 335 -10.96 1.57 12.15
CA MET D 335 -11.00 3.01 12.18
C MET D 335 -9.68 3.58 11.67
N PRO D 336 -9.66 4.85 11.28
CA PRO D 336 -8.38 5.48 10.93
C PRO D 336 -7.43 5.47 12.11
N ARG D 337 -6.15 5.24 11.82
CA ARG D 337 -5.15 5.10 12.87
C ARG D 337 -4.73 6.47 13.36
N VAL D 338 -5.57 7.05 14.21
CA VAL D 338 -5.30 8.32 14.87
C VAL D 338 -5.11 8.04 16.35
N SER D 339 -3.94 8.40 16.88
CA SER D 339 -3.54 7.97 18.23
C SER D 339 -3.82 9.04 19.27
N TYR D 340 -5.10 9.35 19.47
CA TYR D 340 -5.55 10.06 20.65
C TYR D 340 -7.01 9.73 20.85
N ILE D 341 -7.51 10.06 22.04
CA ILE D 341 -8.82 9.61 22.52
C ILE D 341 -9.94 10.32 21.76
N LYS D 342 -10.92 9.57 21.29
CA LYS D 342 -12.08 10.06 20.56
C LYS D 342 -13.37 9.79 21.32
N ALA D 343 -14.48 10.34 20.84
CA ALA D 343 -15.75 10.21 21.56
C ALA D 343 -16.22 8.76 21.64
N VAL D 344 -16.01 7.98 20.59
CA VAL D 344 -16.43 6.58 20.60
C VAL D 344 -15.60 5.73 21.57
N ASP D 345 -14.34 6.09 21.80
CA ASP D 345 -13.50 5.33 22.71
C ASP D 345 -14.00 5.41 24.15
N ILE D 346 -14.49 6.59 24.55
CA ILE D 346 -15.01 6.75 25.91
C ILE D 346 -16.21 5.84 26.11
N TYR D 347 -17.12 5.78 25.13
CA TYR D 347 -18.32 5.00 25.27
C TYR D 347 -17.98 3.52 25.40
N LEU D 348 -17.03 3.05 24.58
CA LEU D 348 -16.73 1.62 24.56
C LEU D 348 -16.10 1.18 25.86
N TRP D 349 -15.20 1.98 26.43
CA TRP D 349 -14.52 1.53 27.63
C TRP D 349 -15.39 1.67 28.88
N VAL D 350 -16.34 2.60 28.89
CA VAL D 350 -17.29 2.63 30.01
C VAL D 350 -18.21 1.40 29.98
N SER D 351 -18.66 0.99 28.79
CA SER D 351 -19.44 -0.25 28.72
C SER D 351 -18.63 -1.47 29.17
N PHE D 352 -17.33 -1.46 28.91
CA PHE D 352 -16.48 -2.57 29.37
C PHE D 352 -16.42 -2.61 30.89
N VAL D 353 -16.39 -1.44 31.54
CA VAL D 353 -16.34 -1.43 33.01
C VAL D 353 -17.65 -1.95 33.60
N PHE D 354 -18.78 -1.62 32.98
CA PHE D 354 -20.08 -2.09 33.48
C PHE D 354 -20.18 -3.61 33.45
N VAL D 355 -19.72 -4.22 32.36
CA VAL D 355 -19.71 -5.68 32.28
C VAL D 355 -18.72 -6.26 33.29
N PHE D 356 -17.60 -5.59 33.53
CA PHE D 356 -16.62 -6.08 34.51
C PHE D 356 -17.20 -6.08 35.94
N LEU D 357 -17.93 -5.03 36.32
CA LEU D 357 -18.47 -4.90 37.68
C LEU D 357 -19.57 -5.93 37.94
N SER D 358 -20.23 -6.40 36.90
CA SER D 358 -21.27 -7.40 37.17
C SER D 358 -20.68 -8.75 37.61
N VAL D 359 -19.48 -9.11 37.19
CA VAL D 359 -18.82 -10.35 37.61
C VAL D 359 -18.38 -10.28 39.08
N LEU D 360 -17.88 -9.13 39.53
CA LEU D 360 -17.54 -9.01 40.94
C LEU D 360 -18.81 -9.08 41.80
N GLU D 361 -19.96 -8.69 41.25
CA GLU D 361 -21.17 -8.71 42.04
C GLU D 361 -21.53 -10.13 42.47
N TYR D 362 -21.41 -11.08 41.55
CA TYR D 362 -21.73 -12.47 41.89
C TYR D 362 -20.63 -13.06 42.76
N ALA D 363 -19.41 -12.57 42.65
CA ALA D 363 -18.37 -13.08 43.53
C ALA D 363 -18.69 -12.77 44.99
N ALA D 364 -19.20 -11.55 45.25
CA ALA D 364 -19.61 -11.17 46.60
C ALA D 364 -20.81 -12.00 47.10
N VAL D 365 -21.78 -12.25 46.23
CA VAL D 365 -22.95 -13.02 46.66
C VAL D 365 -22.57 -14.46 47.00
N ASN D 366 -21.73 -15.10 46.19
CA ASN D 366 -21.32 -16.48 46.43
C ASN D 366 -20.52 -16.60 47.73
N TYR D 367 -19.64 -15.63 48.00
CA TYR D 367 -18.81 -15.73 49.19
C TYR D 367 -19.66 -15.60 50.44
N LEU D 368 -20.57 -14.62 50.48
CA LEU D 368 -21.38 -14.43 51.68
C LEU D 368 -22.31 -15.62 51.92
N THR D 369 -22.85 -16.21 50.87
CA THR D 369 -23.72 -17.37 51.04
C THR D 369 -22.97 -18.56 51.63
N THR D 370 -21.75 -18.82 51.16
CA THR D 370 -20.96 -19.92 51.70
C THR D 370 -20.61 -19.69 53.16
N VAL D 371 -20.28 -18.45 53.52
CA VAL D 371 -19.99 -18.15 54.92
C VAL D 371 -21.22 -18.39 55.80
N GLN D 372 -22.39 -17.97 55.34
CA GLN D 372 -23.59 -18.12 56.16
C GLN D 372 -23.91 -19.58 56.41
N GLU D 373 -23.83 -20.40 55.38
CA GLU D 373 -24.14 -21.82 55.56
C GLU D 373 -23.12 -22.50 56.48
N ARG D 374 -21.84 -22.20 56.33
CA ARG D 374 -20.83 -22.84 57.16
C ARG D 374 -20.99 -22.43 58.63
N LYS D 375 -21.32 -21.17 58.87
CA LYS D 375 -21.54 -20.73 60.25
C LYS D 375 -22.75 -21.43 60.85
N GLU D 376 -23.83 -21.60 60.10
CA GLU D 376 -25.01 -22.25 60.65
C GLU D 376 -24.73 -23.72 60.95
N GLN D 377 -24.03 -24.42 60.05
CA GLN D 377 -23.75 -25.85 60.28
C GLN D 377 -22.86 -26.04 61.50
N LYS D 378 -21.87 -25.18 61.68
CA LYS D 378 -21.08 -25.23 62.91
C LYS D 378 -21.94 -24.94 64.13
N LEU D 379 -22.88 -23.99 64.01
CA LEU D 379 -23.76 -23.67 65.14
C LEU D 379 -24.63 -24.86 65.54
N ARG D 380 -25.14 -25.60 64.57
CA ARG D 380 -25.94 -26.78 64.86
C ARG D 380 -25.11 -27.82 65.59
N ASP D 451 -34.75 -17.93 48.77
CA ASP D 451 -34.98 -16.49 48.70
C ASP D 451 -33.89 -15.84 47.87
N THR D 452 -34.09 -14.55 47.59
CA THR D 452 -33.16 -13.75 46.84
C THR D 452 -32.29 -12.95 47.78
N HIS D 453 -30.99 -12.91 47.50
CA HIS D 453 -30.07 -12.10 48.28
C HIS D 453 -30.38 -10.62 48.07
N ALA D 454 -30.11 -9.81 49.09
CA ALA D 454 -30.39 -8.38 48.99
C ALA D 454 -29.56 -7.70 47.92
N ILE D 455 -28.33 -8.16 47.71
CA ILE D 455 -27.46 -7.57 46.71
C ILE D 455 -28.06 -7.72 45.32
N ASP D 456 -28.64 -8.88 45.02
CA ASP D 456 -29.31 -9.06 43.73
C ASP D 456 -30.49 -8.12 43.58
N LYS D 457 -31.31 -7.97 44.63
CA LYS D 457 -32.47 -7.10 44.57
C LYS D 457 -32.09 -5.67 44.29
N TYR D 458 -31.04 -5.18 44.95
CA TYR D 458 -30.63 -3.80 44.73
C TYR D 458 -29.93 -3.64 43.38
N SER D 459 -29.17 -4.63 42.92
CA SER D 459 -28.48 -4.51 41.66
C SER D 459 -29.46 -4.42 40.51
N ARG D 460 -30.56 -5.19 40.58
CA ARG D 460 -31.57 -5.17 39.53
C ARG D 460 -32.08 -3.77 39.25
N ILE D 461 -32.08 -2.90 40.26
CA ILE D 461 -32.50 -1.52 40.08
C ILE D 461 -31.32 -0.60 39.76
N ILE D 462 -30.20 -0.78 40.44
CA ILE D 462 -29.13 0.20 40.39
C ILE D 462 -28.44 0.18 39.04
N PHE D 463 -28.15 -1.01 38.49
CA PHE D 463 -27.34 -1.03 37.26
C PHE D 463 -28.03 -0.34 36.08
N PRO D 464 -29.28 -0.64 35.73
CA PRO D 464 -29.91 0.08 34.62
C PRO D 464 -30.02 1.58 34.85
N ALA D 465 -30.30 2.01 36.09
CA ALA D 465 -30.41 3.43 36.38
C ALA D 465 -29.09 4.14 36.15
N ALA D 466 -27.99 3.55 36.59
CA ALA D 466 -26.68 4.13 36.35
C ALA D 466 -26.35 4.21 34.86
N TYR D 467 -26.68 3.16 34.10
CA TYR D 467 -26.40 3.20 32.66
C TYR D 467 -27.21 4.30 31.97
N ILE D 468 -28.48 4.45 32.35
CA ILE D 468 -29.32 5.48 31.74
C ILE D 468 -28.80 6.87 32.08
N LEU D 469 -28.37 7.08 33.33
CA LEU D 469 -27.81 8.37 33.71
C LEU D 469 -26.54 8.69 32.91
N PHE D 470 -25.66 7.70 32.75
CA PHE D 470 -24.45 7.90 31.96
C PHE D 470 -24.79 8.24 30.52
N ASN D 471 -25.78 7.56 29.94
CA ASN D 471 -26.18 7.86 28.57
C ASN D 471 -26.71 9.28 28.45
N LEU D 472 -27.52 9.73 29.42
CA LEU D 472 -28.04 11.09 29.35
C LEU D 472 -26.93 12.12 29.35
N ILE D 473 -25.96 11.97 30.27
CA ILE D 473 -24.87 12.94 30.33
C ILE D 473 -24.02 12.90 29.06
N TYR D 474 -23.70 11.69 28.56
CA TYR D 474 -22.85 11.56 27.38
C TYR D 474 -23.49 12.21 26.17
N TRP D 475 -24.76 11.92 25.92
CA TRP D 475 -25.40 12.45 24.73
C TRP D 475 -25.81 13.90 24.89
N SER D 476 -25.85 14.44 26.11
CA SER D 476 -25.98 15.89 26.21
C SER D 476 -24.66 16.58 25.91
N ILE D 477 -23.53 16.00 26.28
CA ILE D 477 -22.24 16.64 25.98
C ILE D 477 -21.91 16.56 24.50
N PHE D 478 -22.08 15.41 23.88
CA PHE D 478 -21.68 15.19 22.50
C PHE D 478 -22.84 15.33 21.52
N SER D 479 -23.97 15.87 21.96
CA SER D 479 -25.14 16.14 21.14
C SER D 479 -25.76 14.89 20.52
N LYS E 74 15.42 45.29 -23.89
CA LYS E 74 15.68 43.99 -23.29
C LYS E 74 16.44 44.16 -22.00
N SER E 75 15.89 43.64 -20.91
CA SER E 75 16.52 43.82 -19.60
C SER E 75 17.81 43.01 -19.47
N GLU E 76 17.93 41.90 -20.19
CA GLU E 76 19.14 41.07 -20.13
C GLU E 76 20.34 41.70 -20.81
N GLN E 77 20.16 42.82 -21.53
CA GLN E 77 21.27 43.58 -22.08
C GLN E 77 21.73 44.69 -21.15
N LEU E 78 20.92 45.07 -20.15
CA LEU E 78 21.41 45.97 -19.12
C LEU E 78 22.49 45.32 -18.29
N LEU E 79 22.36 44.01 -18.07
CA LEU E 79 23.41 43.23 -17.45
C LEU E 79 24.29 42.63 -18.53
N ARG E 80 25.56 42.96 -18.52
CA ARG E 80 26.46 42.54 -19.59
C ARG E 80 26.72 41.06 -19.43
N ILE E 81 25.76 40.26 -19.90
CA ILE E 81 25.86 38.80 -19.76
C ILE E 81 27.05 38.25 -20.55
N ASP E 82 27.24 38.73 -21.77
CA ASP E 82 28.28 38.19 -22.63
C ASP E 82 29.65 38.76 -22.33
N ASP E 83 29.75 39.76 -21.47
CA ASP E 83 31.03 40.36 -21.14
C ASP E 83 31.71 39.75 -19.92
N HIS E 84 31.13 38.71 -19.32
CA HIS E 84 31.68 38.07 -18.14
C HIS E 84 31.53 36.56 -18.25
N ASP E 85 32.44 35.84 -17.60
CA ASP E 85 32.41 34.38 -17.51
C ASP E 85 31.68 33.98 -16.24
N PHE E 86 30.55 33.30 -16.39
CA PHE E 86 29.73 32.92 -15.26
C PHE E 86 29.89 31.47 -14.84
N SER E 87 31.01 30.84 -15.20
CA SER E 87 31.33 29.53 -14.67
C SER E 87 32.21 29.60 -13.44
N MET E 88 32.70 30.79 -13.08
CA MET E 88 33.54 30.98 -11.92
C MET E 88 32.83 31.85 -10.90
N ARG E 89 33.13 31.61 -9.63
CA ARG E 89 32.46 32.29 -8.53
C ARG E 89 32.89 33.74 -8.44
N PRO E 90 32.06 34.57 -7.80
CA PRO E 90 32.48 35.95 -7.55
C PRO E 90 33.71 36.01 -6.65
N GLY E 91 34.60 36.91 -6.96
CA GLY E 91 35.82 37.03 -6.19
C GLY E 91 36.79 35.89 -6.37
N PHE E 92 36.76 35.21 -7.52
CA PHE E 92 37.61 34.06 -7.74
C PHE E 92 39.09 34.44 -7.61
N GLY E 93 39.84 33.58 -6.93
CA GLY E 93 41.25 33.81 -6.63
C GLY E 93 41.53 34.53 -5.34
N GLY E 94 40.51 35.03 -4.65
CA GLY E 94 40.70 35.77 -3.42
C GLY E 94 39.95 35.15 -2.26
N PRO E 95 39.52 35.98 -1.33
CA PRO E 95 38.81 35.47 -0.15
C PRO E 95 37.46 34.85 -0.48
N ALA E 96 37.04 33.95 0.40
CA ALA E 96 35.77 33.26 0.20
C ALA E 96 34.62 34.24 0.25
N ILE E 97 33.60 33.98 -0.58
CA ILE E 97 32.42 34.83 -0.67
C ILE E 97 31.38 34.38 0.34
N PRO E 98 30.88 35.28 1.19
CA PRO E 98 29.85 34.87 2.16
C PRO E 98 28.47 34.77 1.54
N VAL E 99 27.71 33.75 1.95
CA VAL E 99 26.36 33.51 1.48
C VAL E 99 25.49 33.26 2.71
N GLY E 100 24.41 34.03 2.86
CA GLY E 100 23.48 33.90 3.98
C GLY E 100 22.24 33.12 3.58
N VAL E 101 21.62 32.45 4.55
CA VAL E 101 20.50 31.55 4.32
C VAL E 101 19.38 31.85 5.32
N ASP E 102 18.14 31.89 4.83
CA ASP E 102 16.93 31.90 5.66
C ASP E 102 16.01 30.78 5.23
N VAL E 103 15.25 30.24 6.16
CA VAL E 103 14.37 29.10 5.94
C VAL E 103 13.02 29.34 6.59
N GLN E 104 11.94 29.03 5.87
CA GLN E 104 10.58 29.08 6.41
C GLN E 104 9.92 27.72 6.21
N VAL E 105 9.44 27.12 7.28
CA VAL E 105 8.84 25.79 7.23
C VAL E 105 7.35 25.93 6.97
N GLU E 106 6.85 25.25 5.94
CA GLU E 106 5.44 25.33 5.57
C GLU E 106 4.62 24.22 6.19
N SER E 107 5.09 22.98 6.14
CA SER E 107 4.36 21.88 6.74
C SER E 107 5.28 20.70 6.96
N LEU E 108 4.85 19.82 7.84
CA LEU E 108 5.41 18.49 8.02
C LEU E 108 4.43 17.50 7.40
N ASP E 109 4.83 16.87 6.30
CA ASP E 109 3.86 16.15 5.49
C ASP E 109 3.52 14.77 6.03
N SER E 110 4.53 13.98 6.38
CA SER E 110 4.29 12.64 6.89
C SER E 110 5.56 12.14 7.57
N ILE E 111 5.42 11.04 8.30
CA ILE E 111 6.53 10.40 9.00
C ILE E 111 6.33 8.90 8.96
N SER E 112 7.41 8.16 8.70
CA SER E 112 7.38 6.72 8.56
C SER E 112 8.27 6.08 9.63
N GLU E 113 7.65 5.34 10.53
CA GLU E 113 8.41 4.68 11.60
C GLU E 113 9.13 3.43 11.13
N VAL E 114 8.57 2.71 10.15
CA VAL E 114 9.23 1.50 9.67
C VAL E 114 10.49 1.84 8.88
N ASP E 115 10.38 2.82 7.98
CA ASP E 115 11.51 3.25 7.16
C ASP E 115 12.35 4.34 7.81
N MET E 116 11.88 4.96 8.89
CA MET E 116 12.64 5.95 9.66
C MET E 116 13.02 7.17 8.83
N ASP E 117 12.00 7.91 8.41
CA ASP E 117 12.18 9.15 7.66
C ASP E 117 10.97 10.08 7.86
N PHE E 118 11.13 11.33 7.44
CA PHE E 118 10.07 12.34 7.49
C PHE E 118 10.15 13.19 6.23
N THR E 119 9.06 13.89 5.92
CA THR E 119 8.92 14.71 4.73
C THR E 119 8.52 16.13 5.11
N MET E 120 9.13 17.12 4.45
CA MET E 120 8.96 18.52 4.80
C MET E 120 8.86 19.38 3.54
N THR E 121 8.08 20.45 3.60
CA THR E 121 7.99 21.45 2.55
C THR E 121 8.40 22.80 3.14
N LEU E 122 9.24 23.54 2.43
CA LEU E 122 9.82 24.75 3.00
C LEU E 122 10.22 25.73 1.89
N TYR E 123 10.56 26.95 2.29
CA TYR E 123 11.12 27.98 1.43
C TYR E 123 12.60 28.14 1.74
N LEU E 124 13.44 28.27 0.72
CA LEU E 124 14.87 28.48 0.88
C LEU E 124 15.26 29.79 0.21
N ARG E 125 15.97 30.66 0.94
CA ARG E 125 16.38 31.96 0.42
C ARG E 125 17.88 32.14 0.63
N HIS E 126 18.55 32.72 -0.36
CA HIS E 126 19.98 32.96 -0.36
C HIS E 126 20.25 34.44 -0.59
N TYR E 127 21.34 34.95 0.00
CA TYR E 127 21.76 36.33 -0.14
C TYR E 127 23.25 36.42 -0.38
N TRP E 128 23.66 37.13 -1.42
CA TRP E 128 25.07 37.37 -1.70
C TRP E 128 25.21 38.57 -2.62
N LYS E 129 26.44 39.03 -2.79
CA LYS E 129 26.72 40.21 -3.60
C LYS E 129 27.61 39.84 -4.77
N ASP E 130 27.30 40.38 -5.95
CA ASP E 130 28.08 40.14 -7.16
C ASP E 130 28.13 41.44 -7.95
N GLU E 131 29.32 42.02 -8.05
CA GLU E 131 29.48 43.30 -8.71
C GLU E 131 29.24 43.23 -10.21
N ARG E 132 29.40 42.05 -10.83
CA ARG E 132 29.22 41.93 -12.27
C ARG E 132 27.77 42.07 -12.68
N LEU E 133 26.83 41.96 -11.76
CA LEU E 133 25.41 42.10 -12.04
C LEU E 133 24.89 43.50 -11.77
N SER E 134 25.76 44.43 -11.40
CA SER E 134 25.36 45.81 -11.19
C SER E 134 24.97 46.46 -12.50
N PHE E 135 23.93 47.27 -12.47
CA PHE E 135 23.47 47.98 -13.65
C PHE E 135 23.18 49.43 -13.30
N PRO E 136 23.39 50.36 -14.22
CA PRO E 136 23.07 51.75 -13.94
C PRO E 136 21.57 51.97 -13.86
N SER E 137 21.19 52.93 -13.04
CA SER E 137 19.77 53.26 -12.87
C SER E 137 19.63 54.69 -12.40
N THR E 138 18.60 55.37 -12.88
CA THR E 138 18.28 56.74 -12.48
C THR E 138 17.41 56.79 -11.24
N ASN E 139 17.01 55.64 -10.71
CA ASN E 139 16.30 55.55 -9.45
C ASN E 139 16.76 54.28 -8.73
N ASN E 140 16.03 53.91 -7.70
CA ASN E 140 16.46 52.84 -6.81
C ASN E 140 15.53 51.62 -6.89
N LEU E 141 15.05 51.32 -8.09
CA LEU E 141 14.21 50.15 -8.30
C LEU E 141 15.03 48.91 -8.61
N SER E 142 14.53 47.76 -8.21
CA SER E 142 15.17 46.49 -8.49
C SER E 142 14.46 45.76 -9.62
N MET E 143 15.15 44.79 -10.21
CA MET E 143 14.61 44.02 -11.31
C MET E 143 14.35 42.59 -10.86
N THR E 144 13.27 42.01 -11.36
CA THR E 144 12.83 40.67 -10.98
C THR E 144 12.89 39.77 -12.20
N PHE E 145 13.38 38.55 -12.02
CA PHE E 145 13.51 37.57 -13.08
C PHE E 145 12.99 36.22 -12.58
N ASP E 146 12.64 35.35 -13.52
CA ASP E 146 12.15 34.01 -13.24
C ASP E 146 13.28 33.00 -13.33
N GLY E 147 12.93 31.72 -13.33
CA GLY E 147 13.91 30.66 -13.40
C GLY E 147 14.66 30.57 -14.71
N ARG E 148 14.23 31.29 -15.75
CA ARG E 148 14.93 31.19 -17.02
C ARG E 148 16.30 31.87 -16.99
N LEU E 149 16.51 32.84 -16.09
CA LEU E 149 17.80 33.53 -15.99
C LEU E 149 18.83 32.73 -15.22
N VAL E 150 18.42 31.74 -14.42
CA VAL E 150 19.35 31.04 -13.55
C VAL E 150 20.45 30.36 -14.36
N LYS E 151 20.13 29.86 -15.54
CA LYS E 151 21.10 29.14 -16.35
C LYS E 151 22.15 30.05 -16.96
N LYS E 152 22.01 31.36 -16.85
CA LYS E 152 22.93 32.31 -17.47
C LYS E 152 23.85 33.02 -16.50
N ILE E 153 23.73 32.80 -15.19
CA ILE E 153 24.57 33.44 -14.18
C ILE E 153 25.08 32.37 -13.21
N TRP E 154 25.86 32.81 -12.22
CA TRP E 154 26.38 31.93 -11.17
C TRP E 154 25.44 31.95 -9.97
N VAL E 155 25.11 30.78 -9.45
CA VAL E 155 24.29 30.66 -8.24
C VAL E 155 24.88 29.58 -7.35
N PRO E 156 24.64 29.67 -6.03
CA PRO E 156 25.14 28.63 -5.12
C PRO E 156 24.45 27.28 -5.27
N ASP E 157 25.22 26.22 -5.10
CA ASP E 157 24.75 24.84 -5.27
C ASP E 157 24.54 24.12 -3.93
N MET E 158 23.47 24.47 -3.23
CA MET E 158 23.14 23.81 -1.98
C MET E 158 22.45 22.47 -2.21
N PHE E 159 22.64 21.56 -1.26
CA PHE E 159 21.94 20.28 -1.29
C PHE E 159 21.67 19.85 0.14
N PHE E 160 20.76 18.90 0.28
CA PHE E 160 20.34 18.41 1.58
C PHE E 160 21.09 17.13 1.88
N VAL E 161 21.78 17.10 3.01
CA VAL E 161 22.62 15.98 3.42
C VAL E 161 21.74 14.91 4.03
N HIS E 162 22.02 13.64 3.69
CA HIS E 162 21.28 12.47 4.19
C HIS E 162 19.81 12.50 3.78
N SER E 163 19.53 12.97 2.58
CA SER E 163 18.18 12.96 2.08
C SER E 163 17.97 11.77 1.15
N LYS E 164 16.72 11.35 1.03
CA LYS E 164 16.36 10.23 0.18
C LYS E 164 15.76 10.64 -1.15
N ARG E 165 15.01 11.72 -1.23
CA ARG E 165 14.39 12.17 -2.48
C ARG E 165 13.89 13.59 -2.26
N SER E 166 13.82 14.36 -3.34
CA SER E 166 13.40 15.76 -3.26
C SER E 166 13.07 16.30 -4.64
N PHE E 167 12.30 17.39 -4.67
CA PHE E 167 11.93 18.03 -5.94
C PHE E 167 11.53 19.47 -5.69
N ILE E 168 11.48 20.23 -6.77
CA ILE E 168 11.08 21.63 -6.78
C ILE E 168 9.72 21.74 -7.47
N HIS E 169 8.79 22.47 -6.86
CA HIS E 169 7.46 22.62 -7.40
C HIS E 169 7.46 23.44 -8.68
N ASP E 170 6.59 23.06 -9.63
CA ASP E 170 6.60 23.65 -10.97
C ASP E 170 5.21 23.89 -11.55
N THR E 171 4.22 24.22 -10.74
CA THR E 171 2.88 24.55 -11.22
C THR E 171 2.50 25.93 -10.66
N THR E 172 2.02 26.84 -11.53
CA THR E 172 1.80 26.62 -12.94
C THR E 172 3.06 26.79 -13.75
N THR E 173 4.12 27.26 -13.10
CA THR E 173 5.46 27.30 -13.67
C THR E 173 6.44 27.06 -12.52
N ASP E 174 7.73 27.08 -12.82
CA ASP E 174 8.75 26.84 -11.80
C ASP E 174 8.66 27.89 -10.70
N ASN E 175 8.65 27.44 -9.45
CA ASN E 175 8.56 28.32 -8.29
C ASN E 175 9.96 28.80 -7.88
N VAL E 176 10.54 29.64 -8.73
CA VAL E 176 11.89 30.19 -8.57
C VAL E 176 11.88 31.68 -8.88
N MET E 177 12.56 32.48 -8.06
CA MET E 177 12.56 33.93 -8.20
C MET E 177 13.97 34.49 -8.00
N LEU E 178 14.32 35.51 -8.77
CA LEU E 178 15.58 36.24 -8.62
C LEU E 178 15.27 37.72 -8.57
N ARG E 179 15.77 38.41 -7.56
CA ARG E 179 15.59 39.85 -7.44
C ARG E 179 16.95 40.49 -7.25
N VAL E 180 17.27 41.45 -8.11
CA VAL E 180 18.61 42.03 -8.18
C VAL E 180 18.51 43.53 -7.91
N GLN E 181 19.29 44.00 -6.95
CA GLN E 181 19.39 45.40 -6.62
C GLN E 181 20.26 46.12 -7.63
N PRO E 182 20.15 47.43 -7.74
CA PRO E 182 21.01 48.17 -8.67
C PRO E 182 22.49 48.02 -8.41
N ASP E 183 22.92 47.83 -7.17
CA ASP E 183 24.33 47.73 -6.82
C ASP E 183 24.84 46.30 -6.81
N GLY E 184 24.02 45.33 -7.17
CA GLY E 184 24.48 43.97 -7.34
C GLY E 184 24.10 42.97 -6.27
N LYS E 185 23.30 43.33 -5.29
CA LYS E 185 22.84 42.37 -4.29
C LYS E 185 21.74 41.48 -4.86
N VAL E 186 21.84 40.18 -4.63
CA VAL E 186 20.99 39.18 -5.26
C VAL E 186 20.25 38.38 -4.20
N LEU E 187 18.96 38.16 -4.42
CA LEU E 187 18.10 37.29 -3.60
C LEU E 187 17.61 36.16 -4.48
N TYR E 188 17.74 34.93 -4.00
CA TYR E 188 17.43 33.72 -4.75
C TYR E 188 16.54 32.83 -3.89
N SER E 189 15.33 32.59 -4.33
CA SER E 189 14.32 31.94 -3.53
C SER E 189 13.64 30.82 -4.30
N LEU E 190 13.36 29.70 -3.62
CA LEU E 190 12.69 28.58 -4.26
C LEU E 190 11.91 27.76 -3.25
N ARG E 191 10.93 27.02 -3.73
CA ARG E 191 10.04 26.21 -2.90
C ARG E 191 10.27 24.73 -3.20
N VAL E 192 10.56 23.95 -2.16
CA VAL E 192 11.11 22.60 -2.31
C VAL E 192 10.46 21.65 -1.30
N THR E 193 10.38 20.37 -1.67
CA THR E 193 9.91 19.29 -0.80
C THR E 193 11.02 18.24 -0.68
N VAL E 194 11.30 17.77 0.54
CA VAL E 194 12.44 16.90 0.80
C VAL E 194 12.05 15.79 1.78
N THR E 195 12.55 14.57 1.53
CA THR E 195 12.41 13.44 2.43
C THR E 195 13.77 13.11 3.02
N ALA E 196 13.88 13.10 4.34
CA ALA E 196 15.15 12.93 5.02
C ALA E 196 15.07 11.84 6.07
N MET E 197 16.19 11.19 6.33
CA MET E 197 16.23 10.07 7.25
C MET E 197 16.34 10.53 8.70
N CYS E 198 15.93 9.66 9.61
CA CYS E 198 15.95 9.93 11.04
C CYS E 198 16.06 8.62 11.81
N ASN E 199 17.19 8.41 12.49
CA ASN E 199 17.35 7.21 13.31
C ASN E 199 16.50 7.29 14.56
N MET E 200 15.82 6.18 14.88
CA MET E 200 14.93 6.13 16.01
C MET E 200 15.22 4.93 16.89
N ASP E 201 14.90 5.05 18.17
CA ASP E 201 15.06 3.96 19.14
C ASP E 201 13.71 3.73 19.81
N PHE E 202 13.19 2.52 19.71
CA PHE E 202 11.86 2.19 20.23
C PHE E 202 11.91 1.27 21.44
N SER E 203 13.00 1.30 22.20
CA SER E 203 13.09 0.45 23.37
C SER E 203 12.09 0.85 24.45
N ARG E 204 11.80 2.13 24.58
CA ARG E 204 10.92 2.65 25.62
C ARG E 204 9.53 2.96 25.11
N PHE E 205 9.14 2.46 23.94
CA PHE E 205 7.81 2.68 23.43
C PHE E 205 6.78 2.16 24.41
N PRO E 206 5.71 2.92 24.69
CA PRO E 206 5.31 4.20 24.11
C PRO E 206 5.77 5.44 24.86
N LEU E 207 6.77 5.34 25.73
CA LEU E 207 7.24 6.50 26.49
C LEU E 207 8.55 7.07 25.95
N ASP E 208 8.79 6.93 24.64
CA ASP E 208 10.05 7.35 24.03
C ASP E 208 9.96 8.78 23.49
N THR E 209 11.13 9.37 23.28
CA THR E 209 11.28 10.69 22.68
C THR E 209 12.29 10.61 21.55
N GLN E 210 12.02 11.32 20.46
CA GLN E 210 12.86 11.27 19.26
C GLN E 210 13.32 12.67 18.88
N THR E 211 14.54 12.75 18.33
CA THR E 211 15.10 14.02 17.85
C THR E 211 15.49 13.90 16.39
N CYS E 212 15.11 14.91 15.61
CA CYS E 212 15.29 14.90 14.16
C CYS E 212 15.99 16.17 13.71
N SER E 213 16.59 16.11 12.53
CA SER E 213 17.29 17.26 12.00
C SER E 213 17.28 17.25 10.48
N LEU E 214 17.37 18.44 9.90
CA LEU E 214 17.54 18.63 8.46
C LEU E 214 18.82 19.42 8.24
N GLU E 215 19.68 18.97 7.33
CA GLU E 215 21.03 19.49 7.17
C GLU E 215 21.24 20.05 5.78
N ILE E 216 21.94 21.18 5.71
CA ILE E 216 22.17 21.93 4.46
C ILE E 216 23.67 22.17 4.31
N GLU E 217 24.19 21.95 3.12
CA GLU E 217 25.61 22.08 2.84
C GLU E 217 25.83 22.37 1.37
N SER E 218 26.96 22.98 1.06
CA SER E 218 27.38 23.19 -0.32
C SER E 218 28.00 21.93 -0.89
N TYR E 219 27.73 21.65 -2.17
CA TYR E 219 28.17 20.39 -2.76
C TYR E 219 29.62 20.44 -3.22
N ALA E 220 30.06 21.55 -3.81
CA ALA E 220 31.33 21.58 -4.52
C ALA E 220 32.35 22.59 -4.00
N TYR E 221 32.00 23.46 -3.07
CA TYR E 221 32.90 24.50 -2.61
C TYR E 221 33.23 24.28 -1.14
N THR E 222 34.52 24.23 -0.82
CA THR E 222 35.00 24.15 0.56
C THR E 222 34.99 25.53 1.21
N GLU E 223 35.36 25.59 2.49
CA GLU E 223 35.34 26.85 3.22
C GLU E 223 36.36 27.86 2.70
N ASP E 224 37.33 27.43 1.88
CA ASP E 224 38.27 28.37 1.29
C ASP E 224 37.67 29.15 0.13
N ASP E 225 36.52 28.73 -0.40
CA ASP E 225 35.86 29.42 -1.50
C ASP E 225 34.50 30.00 -1.13
N LEU E 226 33.74 29.36 -0.24
CA LEU E 226 32.38 29.79 0.08
C LEU E 226 32.18 29.69 1.58
N MET E 227 31.68 30.76 2.19
CA MET E 227 31.43 30.83 3.62
C MET E 227 29.92 30.88 3.83
N LEU E 228 29.36 29.82 4.39
CA LEU E 228 27.93 29.64 4.55
C LEU E 228 27.55 29.85 6.00
N TYR E 229 26.51 30.65 6.25
CA TYR E 229 26.12 30.99 7.61
C TYR E 229 24.63 31.34 7.69
N TRP E 230 24.08 31.29 8.90
CA TRP E 230 22.72 31.75 9.13
C TRP E 230 22.70 33.27 9.12
N LYS E 231 21.75 33.85 8.36
CA LYS E 231 21.79 35.28 8.08
C LYS E 231 21.52 36.12 9.33
N LYS E 232 20.54 35.75 10.13
CA LYS E 232 20.10 36.58 11.26
C LYS E 232 20.16 35.82 12.57
N GLY E 233 21.21 35.03 12.76
CA GLY E 233 21.32 34.26 13.99
C GLY E 233 20.18 33.26 14.11
N ASN E 234 19.55 33.21 15.28
CA ASN E 234 18.45 32.29 15.51
C ASN E 234 17.12 32.82 15.02
N ASP E 235 17.07 34.05 14.54
CA ASP E 235 15.87 34.63 13.98
C ASP E 235 15.63 34.24 12.53
N SER E 236 16.51 33.43 11.94
CA SER E 236 16.44 33.04 10.55
C SER E 236 15.49 31.88 10.28
N LEU E 237 14.88 31.30 11.29
CA LEU E 237 13.98 30.17 11.12
C LEU E 237 12.57 30.59 11.49
N LYS E 238 11.62 30.36 10.60
CA LYS E 238 10.21 30.63 10.86
C LYS E 238 9.40 29.37 10.60
N THR E 239 8.37 29.17 11.40
CA THR E 239 7.51 28.00 11.27
C THR E 239 6.06 28.45 11.17
N ASP E 240 5.26 27.64 10.50
CA ASP E 240 3.85 27.93 10.33
C ASP E 240 3.12 27.84 11.67
N GLU E 241 2.11 28.69 11.84
CA GLU E 241 1.40 28.75 13.11
C GLU E 241 0.56 27.53 13.40
N ARG E 242 0.18 26.77 12.39
CA ARG E 242 -0.73 25.63 12.55
C ARG E 242 -0.11 24.32 12.10
N ILE E 243 1.18 24.15 12.30
CA ILE E 243 1.86 22.90 11.94
C ILE E 243 1.52 21.81 12.95
N SER E 244 1.18 20.63 12.45
CA SER E 244 0.79 19.53 13.32
C SER E 244 0.99 18.19 12.62
N LEU E 245 0.96 17.12 13.41
CA LEU E 245 1.03 15.76 12.92
C LEU E 245 -0.08 14.95 13.56
N SER E 246 -0.45 13.86 12.90
CA SER E 246 -1.59 13.06 13.35
C SER E 246 -1.27 12.31 14.64
N GLN E 247 -0.11 11.67 14.70
CA GLN E 247 0.20 10.79 15.82
C GLN E 247 1.32 11.30 16.73
N PHE E 248 1.81 12.51 16.54
CA PHE E 248 2.94 13.05 17.29
C PHE E 248 2.70 14.50 17.67
N LEU E 249 3.44 14.95 18.68
CA LEU E 249 3.52 16.35 19.06
C LEU E 249 4.91 16.89 18.72
N ILE E 250 4.97 18.11 18.20
CA ILE E 250 6.19 18.72 17.67
C ILE E 250 6.56 19.92 18.52
N GLN E 251 7.85 20.05 18.85
CA GLN E 251 8.29 21.13 19.73
C GLN E 251 9.78 21.36 19.56
N GLU E 252 10.23 22.52 20.04
CA GLU E 252 11.64 22.86 20.18
C GLU E 252 12.38 22.93 18.86
N PHE E 253 11.98 23.89 18.03
CA PHE E 253 12.73 24.24 16.81
C PHE E 253 13.86 25.20 17.15
N HIS E 254 15.07 24.92 16.64
CA HIS E 254 16.20 25.81 16.78
C HIS E 254 17.26 25.44 15.76
N THR E 255 18.26 26.30 15.60
CA THR E 255 19.27 26.17 14.56
C THR E 255 20.69 26.09 15.15
N THR E 256 21.58 25.35 14.48
CA THR E 256 22.99 25.23 14.87
C THR E 256 23.86 25.13 13.63
N THR E 257 25.19 25.15 13.83
CA THR E 257 26.18 25.01 12.76
C THR E 257 27.31 24.10 13.22
N LYS E 258 28.04 23.52 12.26
CA LYS E 258 29.14 22.61 12.56
C LYS E 258 30.02 22.43 11.32
N LEU E 259 31.32 22.22 11.55
CA LEU E 259 32.28 21.98 10.47
C LEU E 259 32.50 20.49 10.25
N ALA E 260 32.57 20.08 8.99
CA ALA E 260 32.72 18.69 8.60
C ALA E 260 33.93 18.50 7.70
N PHE E 261 34.50 17.29 7.71
CA PHE E 261 35.71 16.98 6.97
C PHE E 261 35.46 15.86 5.98
N TYR E 262 36.00 16.03 4.76
CA TYR E 262 36.07 14.99 3.76
C TYR E 262 37.52 14.83 3.35
N SER E 263 38.01 13.59 3.31
CA SER E 263 39.41 13.35 2.98
C SER E 263 39.71 13.66 1.52
N SER E 264 38.71 13.56 0.66
CA SER E 264 38.96 13.80 -0.77
C SER E 264 39.06 15.29 -1.07
N THR E 265 38.33 16.15 -0.35
CA THR E 265 38.29 17.55 -0.72
C THR E 265 38.57 18.55 0.40
N GLY E 266 38.16 18.27 1.65
CA GLY E 266 38.46 19.23 2.68
C GLY E 266 37.35 19.54 3.68
N TRP E 267 37.27 20.79 4.12
CA TRP E 267 36.34 21.21 5.17
C TRP E 267 35.10 21.88 4.57
N TYR E 268 33.95 21.67 5.21
CA TYR E 268 32.69 22.24 4.77
C TYR E 268 31.92 22.76 5.98
N ASN E 269 31.12 23.79 5.77
CA ASN E 269 30.19 24.30 6.78
C ASN E 269 28.84 23.61 6.59
N ARG E 270 28.20 23.26 7.68
CA ARG E 270 26.92 22.59 7.66
C ARG E 270 25.96 23.30 8.60
N LEU E 271 24.71 23.46 8.17
CA LEU E 271 23.66 24.11 8.94
C LEU E 271 22.60 23.10 9.35
N TYR E 272 21.99 23.32 10.52
CA TYR E 272 21.08 22.35 11.11
C TYR E 272 19.74 22.97 11.48
N ILE E 273 18.69 22.19 11.38
CA ILE E 273 17.37 22.51 11.91
C ILE E 273 16.92 21.33 12.76
N ASN E 274 16.70 21.57 14.06
CA ASN E 274 16.43 20.50 15.02
C ASN E 274 15.04 20.64 15.62
N PHE E 275 14.42 19.51 15.98
CA PHE E 275 13.13 19.50 16.66
C PHE E 275 12.92 18.16 17.37
N THR E 276 11.84 18.07 18.15
CA THR E 276 11.57 16.94 19.04
C THR E 276 10.16 16.43 18.82
N LEU E 277 9.95 15.12 19.02
CA LEU E 277 8.66 14.45 18.85
C LEU E 277 8.28 13.70 20.11
N ARG E 278 6.99 13.71 20.46
CA ARG E 278 6.44 13.00 21.62
C ARG E 278 5.07 12.44 21.31
N ARG E 279 4.66 11.44 22.07
CA ARG E 279 3.38 10.76 21.88
C ARG E 279 2.35 11.20 22.92
N HIS E 280 1.11 10.75 22.74
CA HIS E 280 0.01 10.95 23.67
C HIS E 280 -0.07 9.74 24.61
N ILE E 281 0.29 9.93 25.86
CA ILE E 281 0.48 8.81 26.78
C ILE E 281 -0.85 8.17 27.15
N PHE E 282 -1.88 8.98 27.44
CA PHE E 282 -3.11 8.45 27.98
C PHE E 282 -3.84 7.53 27.00
N PHE E 283 -3.75 7.81 25.71
CA PHE E 283 -4.36 6.92 24.73
C PHE E 283 -3.79 5.51 24.85
N PHE E 284 -2.47 5.39 24.88
CA PHE E 284 -1.83 4.09 24.98
C PHE E 284 -2.09 3.45 26.33
N LEU E 285 -2.13 4.25 27.41
CA LEU E 285 -2.49 3.68 28.70
C LEU E 285 -3.85 3.00 28.63
N LEU E 286 -4.87 3.72 28.13
CA LEU E 286 -6.22 3.17 28.08
C LEU E 286 -6.32 1.97 27.13
N GLN E 287 -5.63 2.02 25.98
CA GLN E 287 -5.79 0.95 25.02
C GLN E 287 -5.04 -0.32 25.42
N THR E 288 -3.95 -0.21 26.18
CA THR E 288 -3.12 -1.36 26.45
C THR E 288 -3.03 -1.73 27.92
N TYR E 289 -2.67 -0.81 28.80
CA TYR E 289 -2.36 -1.21 30.16
C TYR E 289 -3.60 -1.52 30.97
N PHE E 290 -4.70 -0.81 30.71
CA PHE E 290 -5.94 -0.98 31.47
C PHE E 290 -6.55 -2.36 31.31
N PRO E 291 -6.78 -2.88 30.10
CA PRO E 291 -7.41 -4.22 29.98
C PRO E 291 -6.60 -5.34 30.57
N ALA E 292 -5.27 -5.30 30.45
CA ALA E 292 -4.43 -6.36 30.99
C ALA E 292 -4.51 -6.41 32.51
N THR E 293 -4.49 -5.24 33.17
CA THR E 293 -4.65 -5.16 34.61
C THR E 293 -6.02 -5.65 35.05
N LEU E 294 -7.07 -5.29 34.30
CA LEU E 294 -8.40 -5.76 34.63
C LEU E 294 -8.49 -7.27 34.56
N MET E 295 -7.88 -7.88 33.53
CA MET E 295 -7.91 -9.33 33.42
C MET E 295 -7.12 -10.02 34.53
N VAL E 296 -5.98 -9.44 34.90
CA VAL E 296 -5.22 -10.01 36.01
C VAL E 296 -6.03 -9.98 37.30
N MET E 297 -6.68 -8.86 37.59
CA MET E 297 -7.52 -8.78 38.79
C MET E 297 -8.72 -9.72 38.70
N LEU E 298 -9.26 -9.93 37.51
CA LEU E 298 -10.39 -10.84 37.38
C LEU E 298 -9.99 -12.28 37.64
N SER E 299 -8.73 -12.64 37.36
CA SER E 299 -8.28 -14.00 37.66
C SER E 299 -8.21 -14.30 39.15
N TRP E 300 -8.20 -13.28 40.03
CA TRP E 300 -8.10 -13.50 41.46
C TRP E 300 -9.44 -13.84 42.09
N VAL E 301 -10.53 -13.75 41.34
CA VAL E 301 -11.85 -14.04 41.90
C VAL E 301 -11.95 -15.49 42.30
N SER E 302 -11.30 -16.39 41.56
CA SER E 302 -11.43 -17.82 41.82
C SER E 302 -10.88 -18.23 43.18
N PHE E 303 -10.02 -17.43 43.81
CA PHE E 303 -9.51 -17.77 45.13
C PHE E 303 -10.59 -17.71 46.20
N TRP E 304 -11.70 -17.04 45.94
CA TRP E 304 -12.79 -16.84 46.90
C TRP E 304 -13.99 -17.72 46.62
N ILE E 305 -13.90 -18.66 45.70
CA ILE E 305 -15.01 -19.54 45.34
C ILE E 305 -14.79 -20.89 45.99
N ASP E 306 -15.88 -21.56 46.34
CA ASP E 306 -15.83 -22.86 46.99
C ASP E 306 -15.01 -23.84 46.17
N ARG E 307 -14.10 -24.55 46.84
CA ARG E 307 -13.23 -25.47 46.14
C ARG E 307 -13.95 -26.69 45.58
N ARG E 308 -15.19 -26.93 45.99
CA ARG E 308 -15.96 -28.09 45.54
C ARG E 308 -16.70 -27.84 44.22
N ALA E 309 -16.69 -26.61 43.72
CA ALA E 309 -17.36 -26.29 42.48
C ALA E 309 -16.36 -26.35 41.32
N VAL E 310 -15.97 -27.58 40.96
CA VAL E 310 -14.97 -27.76 39.90
C VAL E 310 -15.43 -27.23 38.56
N PRO E 311 -16.65 -27.54 38.08
CA PRO E 311 -17.09 -26.97 36.80
C PRO E 311 -17.31 -25.46 36.84
N ALA E 312 -17.20 -24.81 37.99
CA ALA E 312 -17.19 -23.36 38.05
C ALA E 312 -15.78 -22.80 38.17
N ARG E 313 -14.85 -23.54 38.76
CA ARG E 313 -13.49 -23.06 38.95
C ARG E 313 -12.66 -23.21 37.68
N VAL E 314 -12.77 -24.32 36.96
CA VAL E 314 -11.86 -24.57 35.84
C VAL E 314 -12.16 -23.67 34.63
N PRO E 315 -13.41 -23.59 34.14
CA PRO E 315 -13.67 -22.74 32.98
C PRO E 315 -13.32 -21.28 33.19
N LEU E 316 -13.44 -20.78 34.42
CA LEU E 316 -13.09 -19.40 34.68
C LEU E 316 -11.63 -19.14 34.33
N GLY E 317 -10.73 -19.98 34.83
CA GLY E 317 -9.31 -19.79 34.54
C GLY E 317 -8.98 -19.97 33.08
N ILE E 318 -9.54 -21.01 32.45
CA ILE E 318 -9.18 -21.26 31.06
C ILE E 318 -9.70 -20.13 30.15
N THR E 319 -10.89 -19.59 30.45
CA THR E 319 -11.45 -18.50 29.64
C THR E 319 -10.69 -17.20 29.87
N THR E 320 -10.20 -16.97 31.09
CA THR E 320 -9.35 -15.80 31.32
C THR E 320 -8.08 -15.89 30.49
N VAL E 321 -7.47 -17.08 30.41
CA VAL E 321 -6.29 -17.25 29.57
C VAL E 321 -6.60 -16.95 28.12
N LEU E 322 -7.73 -17.46 27.61
CA LEU E 322 -8.11 -17.19 26.23
C LEU E 322 -8.31 -15.70 25.98
N THR E 323 -8.98 -15.00 26.90
CA THR E 323 -9.20 -13.57 26.72
C THR E 323 -7.88 -12.80 26.69
N MET E 324 -6.96 -13.13 27.59
CA MET E 324 -5.67 -12.46 27.62
C MET E 324 -4.89 -12.69 26.33
N SER E 325 -4.91 -13.91 25.81
CA SER E 325 -4.22 -14.21 24.57
C SER E 325 -4.79 -13.41 23.40
N THR E 326 -6.12 -13.31 23.31
CA THR E 326 -6.73 -12.51 22.24
C THR E 326 -6.37 -11.04 22.38
N ILE E 327 -6.32 -10.52 23.61
CA ILE E 327 -5.94 -9.13 23.81
C ILE E 327 -4.52 -8.87 23.32
N ILE E 328 -3.58 -9.78 23.64
CA ILE E 328 -2.20 -9.59 23.22
C ILE E 328 -2.08 -9.62 21.70
N THR E 329 -2.76 -10.57 21.04
CA THR E 329 -2.69 -10.64 19.58
C THR E 329 -3.26 -9.37 18.95
N GLY E 330 -4.40 -8.89 19.47
CA GLY E 330 -4.97 -7.67 18.94
C GLY E 330 -4.07 -6.46 19.12
N VAL E 331 -3.41 -6.36 20.27
CA VAL E 331 -2.49 -5.24 20.49
C VAL E 331 -1.31 -5.31 19.53
N ASN E 332 -0.73 -6.49 19.35
CA ASN E 332 0.41 -6.62 18.43
C ASN E 332 0.03 -6.23 17.02
N ALA E 333 -1.20 -6.55 16.61
CA ALA E 333 -1.61 -6.27 15.23
C ALA E 333 -1.71 -4.79 14.92
N SER E 334 -1.76 -3.91 15.91
CA SER E 334 -2.00 -2.50 15.68
C SER E 334 -0.78 -1.61 15.86
N MET E 335 0.35 -2.16 16.17
CA MET E 335 1.56 -1.38 16.38
C MET E 335 2.43 -1.39 15.14
N PRO E 336 3.35 -0.44 15.01
CA PRO E 336 4.35 -0.52 13.94
C PRO E 336 5.19 -1.79 14.07
N ARG E 337 5.54 -2.39 12.93
CA ARG E 337 6.20 -3.69 12.90
C ARG E 337 7.70 -3.51 13.11
N VAL E 338 8.08 -3.35 14.37
CA VAL E 338 9.46 -3.22 14.78
C VAL E 338 9.84 -4.48 15.54
N SER E 339 10.84 -5.19 15.04
CA SER E 339 11.11 -6.57 15.49
C SER E 339 12.21 -6.61 16.55
N TYR E 340 11.95 -5.99 17.70
CA TYR E 340 12.75 -6.23 18.90
C TYR E 340 11.92 -5.83 20.11
N ILE E 341 12.43 -6.20 21.29
CA ILE E 341 11.65 -6.09 22.53
C ILE E 341 11.50 -4.64 22.94
N LYS E 342 10.26 -4.25 23.24
CA LYS E 342 9.89 -2.90 23.67
C LYS E 342 9.33 -2.95 25.08
N ALA E 343 9.10 -1.77 25.65
CA ALA E 343 8.66 -1.68 27.04
C ALA E 343 7.27 -2.27 27.25
N VAL E 344 6.35 -2.08 26.32
CA VAL E 344 4.99 -2.60 26.46
C VAL E 344 4.93 -4.12 26.39
N ASP E 345 5.86 -4.75 25.67
CA ASP E 345 5.89 -6.20 25.56
C ASP E 345 6.18 -6.86 26.91
N ILE E 346 7.07 -6.25 27.70
CA ILE E 346 7.42 -6.81 28.99
C ILE E 346 6.20 -6.86 29.90
N TYR E 347 5.40 -5.79 29.92
CA TYR E 347 4.26 -5.71 30.80
C TYR E 347 3.22 -6.75 30.41
N LEU E 348 2.99 -6.91 29.10
CA LEU E 348 1.92 -7.80 28.67
C LEU E 348 2.29 -9.25 28.94
N TRP E 349 3.55 -9.61 28.78
CA TRP E 349 3.90 -11.01 28.94
C TRP E 349 4.06 -11.41 30.41
N VAL E 350 4.46 -10.47 31.27
CA VAL E 350 4.43 -10.78 32.70
C VAL E 350 2.99 -10.96 33.19
N SER E 351 2.05 -10.15 32.69
CA SER E 351 0.66 -10.34 33.07
C SER E 351 0.12 -11.69 32.60
N PHE E 352 0.57 -12.15 31.44
CA PHE E 352 0.14 -13.45 30.95
C PHE E 352 0.64 -14.57 31.89
N VAL E 353 1.86 -14.43 32.42
CA VAL E 353 2.39 -15.45 33.34
C VAL E 353 1.58 -15.49 34.63
N PHE E 354 1.15 -14.33 35.13
CA PHE E 354 0.34 -14.31 36.35
C PHE E 354 -0.98 -15.06 36.18
N VAL E 355 -1.60 -14.87 35.01
CA VAL E 355 -2.87 -15.58 34.75
C VAL E 355 -2.60 -17.08 34.60
N PHE E 356 -1.49 -17.48 33.98
CA PHE E 356 -1.16 -18.89 33.83
C PHE E 356 -0.96 -19.57 35.19
N LEU E 357 -0.27 -18.90 36.12
CA LEU E 357 0.05 -19.48 37.43
C LEU E 357 -1.18 -19.67 38.28
N SER E 358 -2.19 -18.83 38.12
CA SER E 358 -3.37 -19.01 38.96
C SER E 358 -4.16 -20.28 38.61
N VAL E 359 -4.07 -20.77 37.37
CA VAL E 359 -4.70 -22.04 36.97
C VAL E 359 -3.99 -23.24 37.61
N LEU E 360 -2.66 -23.24 37.64
CA LEU E 360 -1.93 -24.31 38.30
C LEU E 360 -2.23 -24.34 39.79
N GLU E 361 -2.58 -23.19 40.36
CA GLU E 361 -2.84 -23.17 41.80
C GLU E 361 -4.06 -24.03 42.14
N TYR E 362 -5.11 -23.96 41.32
CA TYR E 362 -6.30 -24.76 41.59
C TYR E 362 -6.06 -26.21 41.23
N ALA E 363 -5.20 -26.48 40.25
CA ALA E 363 -4.91 -27.88 39.95
C ALA E 363 -4.26 -28.57 41.16
N ALA E 364 -3.43 -27.82 41.90
CA ALA E 364 -2.83 -28.35 43.13
C ALA E 364 -3.85 -28.52 44.24
N VAL E 365 -4.73 -27.56 44.42
CA VAL E 365 -5.72 -27.66 45.49
C VAL E 365 -6.67 -28.85 45.26
N ASN E 366 -7.17 -29.01 44.03
CA ASN E 366 -8.07 -30.09 43.72
C ASN E 366 -7.41 -31.46 43.87
N TYR E 367 -6.14 -31.58 43.47
CA TYR E 367 -5.48 -32.88 43.57
C TYR E 367 -5.32 -33.28 45.04
N LEU E 368 -4.88 -32.36 45.90
CA LEU E 368 -4.67 -32.74 47.30
C LEU E 368 -5.99 -33.04 48.00
N THR E 369 -7.06 -32.35 47.64
CA THR E 369 -8.35 -32.63 48.26
C THR E 369 -8.81 -34.05 47.93
N THR E 370 -8.66 -34.47 46.67
CA THR E 370 -9.11 -35.80 46.29
C THR E 370 -8.28 -36.89 46.98
N VAL E 371 -6.98 -36.65 47.13
CA VAL E 371 -6.14 -37.64 47.80
C VAL E 371 -6.59 -37.82 49.25
N GLN E 372 -6.91 -36.73 49.94
CA GLN E 372 -7.35 -36.84 51.33
C GLN E 372 -8.67 -37.60 51.45
N GLU E 373 -9.64 -37.27 50.62
CA GLU E 373 -10.94 -37.92 50.72
C GLU E 373 -10.84 -39.43 50.47
N ARG E 374 -10.04 -39.83 49.48
CA ARG E 374 -9.85 -41.25 49.20
C ARG E 374 -9.17 -41.95 50.37
N LYS E 375 -8.19 -41.29 50.99
CA LYS E 375 -7.50 -41.92 52.12
C LYS E 375 -8.44 -42.14 53.29
N GLU E 376 -9.27 -41.14 53.62
CA GLU E 376 -10.19 -41.28 54.75
C GLU E 376 -11.23 -42.36 54.50
N GLN E 377 -11.82 -42.37 53.29
CA GLN E 377 -12.82 -43.39 52.98
C GLN E 377 -12.21 -44.79 53.04
N LYS E 378 -10.97 -44.94 52.56
CA LYS E 378 -10.27 -46.21 52.68
C LYS E 378 -10.04 -46.57 54.15
N LEU E 379 -9.77 -45.59 55.02
CA LEU E 379 -9.55 -45.89 56.44
C LEU E 379 -10.80 -46.48 57.08
N ARG E 380 -11.97 -45.94 56.78
CA ARG E 380 -13.23 -46.46 57.30
C ARG E 380 -13.60 -47.77 56.60
N ASP E 451 -14.41 -26.10 54.79
CA ASP E 451 -13.31 -25.22 55.18
C ASP E 451 -12.51 -24.73 53.98
N THR E 452 -11.65 -23.74 54.20
CA THR E 452 -10.79 -23.17 53.16
C THR E 452 -9.42 -23.80 53.27
N HIS E 453 -8.87 -24.24 52.13
CA HIS E 453 -7.53 -24.81 52.09
C HIS E 453 -6.49 -23.74 52.38
N ALA E 454 -5.35 -24.16 52.94
CA ALA E 454 -4.31 -23.21 53.28
C ALA E 454 -3.72 -22.53 52.05
N ILE E 455 -3.66 -23.24 50.92
CA ILE E 455 -3.13 -22.68 49.70
C ILE E 455 -3.98 -21.50 49.25
N ASP E 456 -5.30 -21.62 49.31
CA ASP E 456 -6.16 -20.50 48.96
C ASP E 456 -5.95 -19.32 49.89
N LYS E 457 -5.86 -19.58 51.20
CA LYS E 457 -5.68 -18.50 52.16
C LYS E 457 -4.40 -17.73 51.91
N TYR E 458 -3.32 -18.43 51.58
CA TYR E 458 -2.06 -17.75 51.35
C TYR E 458 -2.04 -17.08 49.97
N SER E 459 -2.70 -17.66 48.96
CA SER E 459 -2.72 -17.06 47.64
C SER E 459 -3.45 -15.73 47.66
N ARG E 460 -4.55 -15.65 48.40
CA ARG E 460 -5.33 -14.42 48.47
C ARG E 460 -4.48 -13.24 48.90
N ILE E 461 -3.43 -13.47 49.68
CA ILE E 461 -2.53 -12.41 50.10
C ILE E 461 -1.35 -12.28 49.15
N ILE E 462 -0.77 -13.39 48.71
CA ILE E 462 0.49 -13.33 47.99
C ILE E 462 0.33 -12.73 46.61
N PHE E 463 -0.70 -13.14 45.85
CA PHE E 463 -0.76 -12.70 44.46
C PHE E 463 -0.88 -11.19 44.31
N PRO E 464 -1.81 -10.49 44.97
CA PRO E 464 -1.85 -9.03 44.83
C PRO E 464 -0.58 -8.33 45.27
N ALA E 465 0.08 -8.79 46.33
CA ALA E 465 1.31 -8.16 46.79
C ALA E 465 2.42 -8.28 45.75
N ALA E 466 2.56 -9.45 45.13
CA ALA E 466 3.55 -9.63 44.08
C ALA E 466 3.26 -8.75 42.88
N TYR E 467 1.99 -8.62 42.50
CA TYR E 467 1.68 -7.73 41.37
C TYR E 467 1.99 -6.27 41.69
N ILE E 468 1.70 -5.85 42.91
CA ILE E 468 2.01 -4.46 43.31
C ILE E 468 3.51 -4.22 43.29
N LEU E 469 4.30 -5.17 43.80
CA LEU E 469 5.74 -5.02 43.79
C LEU E 469 6.29 -4.95 42.37
N PHE E 470 5.77 -5.81 41.47
CA PHE E 470 6.21 -5.76 40.08
C PHE E 470 5.91 -4.40 39.46
N ASN E 471 4.72 -3.86 39.72
CA ASN E 471 4.36 -2.57 39.18
C ASN E 471 5.26 -1.47 39.70
N LEU E 472 5.61 -1.50 40.99
CA LEU E 472 6.52 -0.49 41.53
C LEU E 472 7.86 -0.52 40.84
N ILE E 473 8.43 -1.72 40.67
CA ILE E 473 9.74 -1.81 40.00
C ILE E 473 9.66 -1.33 38.56
N TYR E 474 8.61 -1.76 37.82
CA TYR E 474 8.48 -1.40 36.42
C TYR E 474 8.37 0.10 36.23
N TRP E 475 7.53 0.76 37.04
CA TRP E 475 7.34 2.19 36.85
C TRP E 475 8.47 3.01 37.45
N SER E 476 9.30 2.43 38.32
CA SER E 476 10.53 3.13 38.67
C SER E 476 11.57 3.03 37.56
N ILE E 477 11.64 1.90 36.86
CA ILE E 477 12.65 1.74 35.82
C ILE E 477 12.28 2.54 34.57
N PHE E 478 11.03 2.45 34.09
CA PHE E 478 10.62 3.12 32.86
C PHE E 478 9.94 4.47 33.12
N SER E 479 9.90 4.93 34.36
CA SER E 479 9.36 6.22 34.78
C SER E 479 7.87 6.40 34.50
#